data_9LGF
#
_entry.id   9LGF
#
_cell.length_a   1.00
_cell.length_b   1.00
_cell.length_c   1.00
_cell.angle_alpha   90.00
_cell.angle_beta   90.00
_cell.angle_gamma   90.00
#
_symmetry.space_group_name_H-M   'P 1'
#
loop_
_entity.id
_entity.type
_entity.pdbx_description
1 polymer 'Multidrug resistance-associated protein 1'
2 non-polymer "ADENOSINE-5'-TRIPHOSPHATE"
3 non-polymer 'MAGNESIUM ION'
#
_entity_poly.entity_id   1
_entity_poly.type   'polypeptide(L)'
_entity_poly.pdbx_seq_one_letter_code
;MALRDFCSVDGSDLFWEWNVTWNTSNPDFTKCFQNTVLVWVPCSYLWVCFPFYFLYLSHHDRGYIQMTHLNKAKTALGFL
LWIVCWADLFYSFWERSMGKLLAPVFLVSPTLLGITMLLATFLIQIERRRGVQSSGIMLTFWLIALLCALAILRSKIMTA
LKEDARVDVFRDVTFYIYFSLVLIQLVLSCFSDRSPLFSETINDPNPCPESSASFLSRITFWWITGMMVQGYRQPLESTD
LWSLNKEDTSEQVVPVLVKNWKKECAKSRKQPVKIVYSSKDPAKPKGSSKVDVNEEAEALIVKCPQKERDPSLFKVLYKT
FGPYFLMSFLFKAVHDLMMFAGPEILKLLINFVNDKKAPEWQGYFYTALLFISACLQTLVLHQYFHICFVSGMRIKTAVI
GAVYRKALVITNAARKSSTVGEIVNLMSVDAQRFMDLATYINMIWSAPLQVILALYLLWLNLGPSVLAGVAVMVLMVPLN
AVMAMKTKTYQVAHMKSKDNRIKLMNEILNGIKVLKLYAWELAFKDKVLAIRQEELKVLKKSAYLAAVGTFTWVCTPFLV
ALSTFAVYVTVDENNILDAQKAFVSLALFNILRFPLNILPMVISSIVQASVSLKRLRVFLSHEDLDPDSIQRRPIKDAGA
TNSITVKNATFTWARNDPPTLHGITFSVPEGSLVAVVGQVGCGKSSLLSALLAEMDKVEGHVTVKGSVAYVPQQAWIQNI
SLRENILFGRQLQERYYKAVVEACALLPDLEILPSGDRTEIGEKGVNLSGGQKQRVSLARAVYCDSDVYLLDDPLSAVDA
HVGKHIFENVIGPKGLLKNKTRLLVTHAISYLPQMDVIIVMSGGKISEMGSYQELLARDGAFAEFLRTYASAEQEQGQPE
DGLAGVGGPGKEVKQMENGMLVTDTAGKQMQRQLSSSSSYSRDVSQHHTSTAELRKPGPTEETWKLVEADKAQTGQVKLS
VYWDYMKAIGLFISFLSIFLFLCNHVASLVSNYWLSLWTDDPIVNGTQEHTQVRLSVYGALGISQGITVFGYSMAVSIGG
IFASRRLHLDLLHNVLRSPISFFERTPSGNLVNRFSKELDTVDSMIPQVIKMFMGSLFNVIGACIIILLATPMAAVIIPP
LGLIYFFVQRFYVASSRQLKRLESVSRSPVYSHFNETLLGVSVIRAFEEQERFIRQSDLKVDENQKAYYPSIVANRWLAV
RLECVGNCIVLFASLFAVISRHSLSAGLVGLSVSYSLQVTTYLNWLVRMSSEMETNIVAVERLKEYSETEKEAPWQIQDM
APPKDWPQVGRVEFRDYGLRYREDLDLVLKHINVTIDGGEKVGIVGRTGAGKSSLTLGLFRIKESAEGEIIIDDINIAKI
GLHDLRFKITIIPQDPVLFSGSLRMNLDPFSQYSDEEVWTSLELAHLKGFVSALPDKLNHECAEGGENLSVGQRQLVCLA
RALLRKTKILVLDEATAAVDLETDDLIQSTIRTQFDDCTVLTIAHRLNTIMDYTRVIVLDKGEIQEWGSPSDLLQQRGLF
YSMAKDSGLVKLGSENLYFQGGSGGSGHHHHHHHHHHH
;
_entity_poly.pdbx_strand_id   B
#
loop_
_chem_comp.id
_chem_comp.type
_chem_comp.name
_chem_comp.formula
ATP non-polymer ADENOSINE-5'-TRIPHOSPHATE 'C10 H16 N5 O13 P3'
MG non-polymer 'MAGNESIUM ION' 'Mg 2'
#
# COMPACT_ATOMS: atom_id res chain seq x y z
N TRP A 16 -28.16 -7.92 -55.01
CA TRP A 16 -28.71 -7.27 -53.82
C TRP A 16 -29.73 -6.20 -54.16
N GLU A 17 -31.00 -6.51 -53.94
CA GLU A 17 -32.08 -5.53 -54.10
C GLU A 17 -33.08 -5.72 -52.97
N TRP A 18 -33.80 -4.64 -52.67
CA TRP A 18 -34.58 -4.59 -51.45
C TRP A 18 -35.86 -5.42 -51.53
N ASN A 19 -36.25 -5.87 -52.73
CA ASN A 19 -37.50 -6.59 -52.88
C ASN A 19 -37.49 -7.92 -52.13
N VAL A 20 -36.41 -8.68 -52.23
CA VAL A 20 -36.39 -10.01 -51.63
C VAL A 20 -35.66 -10.04 -50.28
N THR A 21 -34.85 -9.01 -50.00
CA THR A 21 -34.04 -9.05 -48.75
C THR A 21 -34.75 -8.32 -47.61
N TRP A 22 -35.47 -7.23 -47.90
CA TRP A 22 -36.07 -6.42 -46.81
C TRP A 22 -37.58 -6.26 -47.01
N ASN A 23 -38.03 -6.01 -48.24
CA ASN A 23 -39.47 -5.71 -48.49
C ASN A 23 -40.36 -6.94 -48.30
N THR A 24 -39.90 -8.13 -48.67
CA THR A 24 -40.79 -9.32 -48.61
C THR A 24 -40.83 -9.87 -47.18
N SER A 25 -41.93 -10.51 -46.80
CA SER A 25 -42.07 -11.10 -45.43
C SER A 25 -41.09 -12.28 -45.29
N ASN A 26 -40.56 -12.77 -46.41
CA ASN A 26 -39.58 -13.89 -46.37
C ASN A 26 -38.18 -13.31 -46.20
N PRO A 27 -37.51 -13.49 -45.04
CA PRO A 27 -36.14 -13.01 -44.86
C PRO A 27 -35.18 -13.89 -45.67
N ASP A 28 -34.89 -13.52 -46.92
CA ASP A 28 -34.04 -14.36 -47.79
C ASP A 28 -32.94 -13.50 -48.44
N PHE A 29 -31.69 -13.95 -48.37
CA PHE A 29 -30.58 -13.20 -49.03
C PHE A 29 -30.52 -13.59 -50.51
N THR A 30 -29.93 -12.73 -51.34
CA THR A 30 -29.76 -13.07 -52.74
C THR A 30 -28.69 -14.15 -52.92
N LYS A 31 -28.77 -14.86 -54.04
CA LYS A 31 -27.87 -15.99 -54.29
C LYS A 31 -26.42 -15.51 -54.34
N CYS A 32 -26.16 -14.43 -55.07
CA CYS A 32 -24.81 -13.88 -55.13
C CYS A 32 -24.34 -13.41 -53.77
N PHE A 33 -25.21 -12.75 -53.01
CA PHE A 33 -24.82 -12.31 -51.67
C PHE A 33 -24.44 -13.51 -50.81
N GLN A 34 -25.23 -14.58 -50.89
CA GLN A 34 -24.93 -15.80 -50.16
C GLN A 34 -23.55 -16.32 -50.51
N ASN A 35 -23.26 -16.43 -51.80
CA ASN A 35 -22.01 -17.07 -52.17
C ASN A 35 -20.80 -16.14 -52.10
N THR A 36 -20.99 -14.84 -51.89
CA THR A 36 -19.83 -13.96 -51.80
C THR A 36 -19.60 -13.40 -50.40
N VAL A 37 -20.55 -12.64 -49.85
CA VAL A 37 -20.20 -11.90 -48.64
C VAL A 37 -20.27 -12.82 -47.43
N LEU A 38 -21.26 -13.70 -47.39
CA LEU A 38 -21.41 -14.63 -46.29
C LEU A 38 -20.24 -15.60 -46.17
N VAL A 39 -19.52 -15.85 -47.25
CA VAL A 39 -18.32 -16.67 -47.19
C VAL A 39 -17.08 -15.82 -46.98
N TRP A 40 -17.08 -14.57 -47.41
CA TRP A 40 -15.90 -13.73 -47.20
C TRP A 40 -15.78 -13.29 -45.75
N VAL A 41 -16.91 -13.19 -45.03
CA VAL A 41 -16.89 -12.71 -43.63
C VAL A 41 -16.02 -13.63 -42.75
N PRO A 42 -16.35 -14.93 -42.58
CA PRO A 42 -15.58 -15.79 -41.67
C PRO A 42 -14.14 -16.02 -42.13
N CYS A 43 -13.96 -16.47 -43.38
CA CYS A 43 -12.59 -16.67 -43.94
C CYS A 43 -11.78 -15.39 -43.69
N SER A 44 -12.40 -14.24 -43.91
CA SER A 44 -11.71 -12.92 -43.77
C SER A 44 -11.32 -12.72 -42.30
N TYR A 45 -12.20 -13.09 -41.38
CA TYR A 45 -11.92 -12.90 -39.93
C TYR A 45 -10.60 -13.60 -39.57
N LEU A 46 -10.45 -14.84 -40.02
CA LEU A 46 -9.25 -15.63 -39.63
C LEU A 46 -8.01 -15.03 -40.30
N TRP A 47 -8.17 -14.48 -41.51
CA TRP A 47 -7.01 -13.96 -42.28
C TRP A 47 -6.41 -12.70 -41.61
N VAL A 48 -7.26 -11.84 -41.04
CA VAL A 48 -6.77 -10.58 -40.40
C VAL A 48 -6.25 -10.93 -39.00
N CYS A 49 -6.88 -11.89 -38.33
CA CYS A 49 -6.46 -12.29 -36.95
C CYS A 49 -5.23 -13.19 -36.98
N PHE A 50 -5.13 -14.09 -37.96
CA PHE A 50 -3.99 -15.06 -37.98
C PHE A 50 -2.66 -14.37 -37.66
N PRO A 51 -2.18 -13.37 -38.43
CA PRO A 51 -0.88 -12.75 -38.17
C PRO A 51 -0.81 -12.22 -36.74
N PHE A 52 -1.81 -11.40 -36.36
CA PHE A 52 -1.82 -10.83 -35.02
C PHE A 52 -1.74 -11.93 -33.95
N TYR A 53 -2.40 -13.06 -34.20
CA TYR A 53 -2.45 -14.12 -33.20
C TYR A 53 -1.10 -14.76 -32.94
N PHE A 54 -0.17 -14.71 -33.90
CA PHE A 54 1.17 -15.24 -33.65
C PHE A 54 1.88 -14.44 -32.56
N LEU A 55 1.62 -13.14 -32.51
CA LEU A 55 2.22 -12.29 -31.45
C LEU A 55 1.90 -12.93 -30.10
N TYR A 56 0.61 -13.09 -29.79
CA TYR A 56 0.19 -13.69 -28.49
C TYR A 56 0.74 -15.11 -28.37
N LEU A 57 0.55 -15.94 -29.40
CA LEU A 57 0.97 -17.36 -29.34
C LEU A 57 2.48 -17.43 -29.06
N SER A 58 3.26 -16.49 -29.61
CA SER A 58 4.73 -16.51 -29.43
C SER A 58 5.10 -15.91 -28.08
N HIS A 59 4.68 -14.66 -27.82
CA HIS A 59 5.08 -13.97 -26.56
C HIS A 59 4.60 -14.78 -25.35
N HIS A 60 3.40 -15.35 -25.44
CA HIS A 60 2.83 -16.10 -24.30
C HIS A 60 2.89 -17.61 -24.60
N ASP A 61 3.60 -18.37 -23.75
CA ASP A 61 3.75 -19.82 -23.97
C ASP A 61 3.48 -20.56 -22.65
N ARG A 62 3.00 -21.80 -22.73
CA ARG A 62 2.71 -22.59 -21.54
C ARG A 62 3.06 -24.06 -21.75
N GLY A 63 3.94 -24.36 -22.69
CA GLY A 63 4.29 -25.72 -23.02
C GLY A 63 3.48 -26.21 -24.20
N TYR A 64 3.38 -27.53 -24.29
CA TYR A 64 2.56 -28.15 -25.32
C TYR A 64 1.62 -29.19 -24.70
N ILE A 65 0.40 -29.20 -25.20
CA ILE A 65 -0.64 -30.12 -24.76
C ILE A 65 -0.34 -31.48 -25.38
N GLN A 66 -0.71 -32.54 -24.66
CA GLN A 66 -0.46 -33.90 -25.14
C GLN A 66 -1.39 -34.21 -26.31
N MET A 67 -1.22 -35.42 -26.86
CA MET A 67 -2.08 -35.95 -27.91
C MET A 67 -3.37 -36.49 -27.31
N THR A 68 -4.46 -35.75 -27.47
CA THR A 68 -5.76 -36.19 -26.96
C THR A 68 -6.73 -36.43 -28.11
N HIS A 69 -7.81 -37.17 -27.82
CA HIS A 69 -8.81 -37.45 -28.85
C HIS A 69 -9.47 -36.17 -29.33
N LEU A 70 -9.76 -35.26 -28.38
CA LEU A 70 -10.43 -33.98 -28.72
C LEU A 70 -9.59 -33.20 -29.74
N ASN A 71 -8.31 -32.97 -29.42
CA ASN A 71 -7.42 -32.18 -30.32
C ASN A 71 -7.41 -32.84 -31.70
N LYS A 72 -7.24 -34.16 -31.74
CA LYS A 72 -7.21 -34.89 -33.04
C LYS A 72 -8.57 -34.77 -33.72
N ALA A 73 -9.66 -35.02 -32.98
CA ALA A 73 -10.99 -34.90 -33.56
C ALA A 73 -11.14 -33.55 -34.27
N LYS A 74 -10.66 -32.49 -33.64
CA LYS A 74 -10.73 -31.17 -34.26
C LYS A 74 -9.84 -31.09 -35.49
N THR A 75 -8.64 -31.67 -35.41
CA THR A 75 -7.72 -31.61 -36.55
C THR A 75 -8.25 -32.42 -37.73
N ALA A 76 -8.80 -33.62 -37.46
CA ALA A 76 -9.33 -34.44 -38.54
C ALA A 76 -10.49 -33.77 -39.24
N LEU A 77 -11.38 -33.15 -38.47
CA LEU A 77 -12.52 -32.45 -39.06
C LEU A 77 -12.07 -31.24 -39.85
N GLY A 78 -10.98 -30.60 -39.42
CA GLY A 78 -10.40 -29.53 -40.21
C GLY A 78 -9.85 -30.02 -41.54
N PHE A 79 -9.25 -31.21 -41.54
CA PHE A 79 -8.77 -31.79 -42.82
C PHE A 79 -9.97 -32.08 -43.72
N LEU A 80 -10.98 -32.78 -43.18
CA LEU A 80 -12.16 -33.17 -43.99
C LEU A 80 -12.88 -31.92 -44.52
N LEU A 81 -13.05 -30.91 -43.65
CA LEU A 81 -13.77 -29.68 -44.06
C LEU A 81 -13.05 -29.05 -45.26
N TRP A 82 -11.72 -28.93 -45.18
CA TRP A 82 -10.94 -28.39 -46.32
C TRP A 82 -11.22 -29.20 -47.58
N ILE A 83 -11.11 -30.53 -47.49
CA ILE A 83 -11.40 -31.42 -48.66
C ILE A 83 -12.79 -31.07 -49.20
N VAL A 84 -13.83 -31.16 -48.36
CA VAL A 84 -15.19 -30.89 -48.84
C VAL A 84 -15.26 -29.55 -49.58
N CYS A 85 -14.64 -28.51 -49.04
CA CYS A 85 -14.68 -27.21 -49.71
C CYS A 85 -13.93 -27.24 -51.05
N TRP A 86 -12.81 -27.96 -51.11
CA TRP A 86 -12.12 -28.12 -52.39
C TRP A 86 -12.83 -29.11 -53.30
N ALA A 87 -13.63 -30.01 -52.73
CA ALA A 87 -14.43 -30.93 -53.58
C ALA A 87 -15.37 -30.08 -54.43
N ASP A 88 -15.82 -28.94 -53.90
CA ASP A 88 -16.69 -28.02 -54.68
C ASP A 88 -15.90 -27.52 -55.89
N LEU A 89 -14.65 -27.07 -55.66
CA LEU A 89 -13.81 -26.57 -56.78
C LEU A 89 -13.67 -27.66 -57.84
N PHE A 90 -13.54 -28.92 -57.40
CA PHE A 90 -13.40 -30.06 -58.35
C PHE A 90 -14.66 -30.14 -59.21
N TYR A 91 -15.84 -30.07 -58.58
CA TYR A 91 -17.13 -30.13 -59.32
C TYR A 91 -17.25 -28.91 -60.23
N SER A 92 -16.86 -27.74 -59.73
CA SER A 92 -16.88 -26.50 -60.56
C SER A 92 -15.95 -26.70 -61.76
N PHE A 93 -14.77 -27.28 -61.53
CA PHE A 93 -13.82 -27.56 -62.63
C PHE A 93 -14.50 -28.55 -63.59
N TRP A 94 -15.11 -29.60 -63.05
CA TRP A 94 -15.84 -30.60 -63.88
C TRP A 94 -16.69 -29.87 -64.92
N LEU A 102 -18.76 -22.42 -64.34
CA LEU A 102 -18.99 -21.31 -65.25
C LEU A 102 -18.98 -19.98 -64.49
N ALA A 103 -19.79 -19.91 -63.45
CA ALA A 103 -19.89 -18.68 -62.67
C ALA A 103 -18.55 -18.37 -62.01
N PRO A 104 -18.07 -17.14 -62.09
CA PRO A 104 -16.77 -16.83 -61.48
C PRO A 104 -16.71 -17.10 -59.99
N VAL A 105 -17.84 -16.91 -59.28
CA VAL A 105 -17.84 -17.12 -57.84
C VAL A 105 -17.75 -18.60 -57.49
N PHE A 106 -18.00 -19.48 -58.45
CA PHE A 106 -17.91 -20.92 -58.20
C PHE A 106 -16.47 -21.42 -58.23
N LEU A 107 -15.50 -20.53 -58.47
CA LEU A 107 -14.09 -20.90 -58.41
C LEU A 107 -13.40 -20.27 -57.20
N VAL A 108 -13.47 -18.95 -57.06
CA VAL A 108 -12.67 -18.28 -56.04
C VAL A 108 -13.19 -18.59 -54.64
N SER A 109 -14.52 -18.60 -54.48
CA SER A 109 -15.08 -18.81 -53.14
C SER A 109 -14.73 -20.16 -52.54
N PRO A 110 -14.92 -21.30 -53.25
CA PRO A 110 -14.53 -22.58 -52.64
C PRO A 110 -13.05 -22.68 -52.31
N THR A 111 -12.19 -22.17 -53.19
CA THR A 111 -10.75 -22.20 -52.93
C THR A 111 -10.38 -21.33 -51.72
N LEU A 112 -10.97 -20.14 -51.63
CA LEU A 112 -10.72 -19.28 -50.47
C LEU A 112 -11.16 -19.94 -49.19
N LEU A 113 -12.34 -20.58 -49.22
CA LEU A 113 -12.84 -21.24 -48.02
C LEU A 113 -11.93 -22.39 -47.62
N GLY A 114 -11.46 -23.15 -48.63
CA GLY A 114 -10.53 -24.26 -48.34
C GLY A 114 -9.24 -23.77 -47.69
N ILE A 115 -8.63 -22.71 -48.22
CA ILE A 115 -7.32 -22.24 -47.68
C ILE A 115 -7.51 -21.65 -46.27
N THR A 116 -8.58 -20.87 -46.05
CA THR A 116 -8.85 -20.35 -44.68
C THR A 116 -9.13 -21.54 -43.75
N MET A 117 -9.76 -22.59 -44.28
CA MET A 117 -10.01 -23.81 -43.48
C MET A 117 -8.65 -24.47 -43.16
N LEU A 118 -7.75 -24.48 -44.14
CA LEU A 118 -6.39 -25.04 -43.92
C LEU A 118 -5.66 -24.16 -42.89
N LEU A 119 -6.01 -22.88 -42.81
CA LEU A 119 -5.40 -21.98 -41.79
C LEU A 119 -6.03 -22.30 -40.44
N ALA A 120 -7.32 -22.67 -40.41
CA ALA A 120 -7.97 -23.02 -39.15
C ALA A 120 -7.37 -24.27 -38.54
N THR A 121 -7.18 -25.33 -39.34
CA THR A 121 -6.64 -26.56 -38.77
C THR A 121 -5.16 -26.38 -38.37
N PHE A 122 -4.40 -25.63 -39.16
CA PHE A 122 -3.04 -25.31 -38.77
C PHE A 122 -3.02 -24.53 -37.46
N LEU A 123 -4.05 -23.68 -37.26
CA LEU A 123 -4.09 -22.81 -36.06
C LEU A 123 -4.35 -23.65 -34.79
N ILE A 124 -5.29 -24.59 -34.84
CA ILE A 124 -5.52 -25.47 -33.65
C ILE A 124 -4.24 -26.30 -33.40
N GLN A 125 -3.55 -26.68 -34.49
CA GLN A 125 -2.28 -27.44 -34.34
C GLN A 125 -1.26 -26.59 -33.58
N ILE A 126 -1.02 -25.35 -34.02
CA ILE A 126 -0.04 -24.51 -33.36
C ILE A 126 -0.53 -24.11 -31.96
N GLU A 127 -1.84 -23.98 -31.78
CA GLU A 127 -2.36 -23.71 -30.45
C GLU A 127 -2.11 -24.87 -29.51
N ARG A 128 -2.22 -26.11 -30.01
CA ARG A 128 -1.76 -27.25 -29.22
C ARG A 128 -0.28 -27.11 -28.89
N ARG A 129 0.53 -26.75 -29.88
CA ARG A 129 1.97 -26.63 -29.65
C ARG A 129 2.28 -25.60 -28.58
N ARG A 130 1.51 -24.53 -28.53
CA ARG A 130 1.77 -23.40 -27.66
C ARG A 130 0.98 -23.47 -26.37
N GLY A 131 0.21 -24.53 -26.15
CA GLY A 131 -0.45 -24.74 -24.89
C GLY A 131 -1.55 -23.75 -24.57
N VAL A 132 -2.64 -23.80 -25.33
CA VAL A 132 -3.82 -22.99 -25.07
C VAL A 132 -5.01 -23.95 -25.06
N GLN A 133 -5.69 -24.02 -23.92
CA GLN A 133 -6.80 -24.96 -23.77
C GLN A 133 -8.07 -24.42 -24.42
N SER A 134 -8.40 -23.16 -24.15
CA SER A 134 -9.59 -22.58 -24.81
C SER A 134 -9.19 -21.49 -25.79
N SER A 135 -9.64 -21.60 -27.05
CA SER A 135 -9.24 -20.63 -28.09
C SER A 135 -10.39 -19.64 -28.36
N GLY A 136 -10.24 -18.40 -27.93
CA GLY A 136 -11.25 -17.40 -28.26
C GLY A 136 -11.42 -17.23 -29.75
N ILE A 137 -10.28 -17.18 -30.46
CA ILE A 137 -10.34 -16.95 -31.94
C ILE A 137 -11.15 -18.07 -32.60
N MET A 138 -10.72 -19.31 -32.43
CA MET A 138 -11.41 -20.46 -33.09
C MET A 138 -12.91 -20.41 -32.80
N LEU A 139 -13.29 -20.33 -31.52
CA LEU A 139 -14.73 -20.38 -31.15
C LEU A 139 -15.50 -19.23 -31.82
N THR A 140 -15.02 -18.00 -31.67
CA THR A 140 -15.68 -16.83 -32.32
C THR A 140 -15.71 -17.06 -33.84
N PHE A 141 -14.57 -17.46 -34.42
CA PHE A 141 -14.50 -17.73 -35.85
C PHE A 141 -15.53 -18.79 -36.24
N TRP A 142 -15.64 -19.85 -35.45
CA TRP A 142 -16.65 -20.86 -35.75
C TRP A 142 -18.05 -20.31 -35.54
N LEU A 143 -18.25 -19.43 -34.55
CA LEU A 143 -19.57 -18.83 -34.37
C LEU A 143 -19.97 -17.99 -35.57
N ILE A 144 -19.04 -17.18 -36.09
CA ILE A 144 -19.34 -16.35 -37.25
C ILE A 144 -19.60 -17.22 -38.48
N ALA A 145 -18.77 -18.26 -38.67
CA ALA A 145 -18.99 -19.18 -39.77
C ALA A 145 -20.35 -19.85 -39.65
N LEU A 146 -20.69 -20.25 -38.43
CA LEU A 146 -21.99 -20.94 -38.18
C LEU A 146 -23.14 -20.01 -38.60
N LEU A 147 -23.11 -18.75 -38.14
CA LEU A 147 -24.20 -17.80 -38.45
C LEU A 147 -24.30 -17.63 -39.97
N CYS A 148 -23.17 -17.46 -40.64
CA CYS A 148 -23.16 -17.32 -42.12
C CYS A 148 -23.74 -18.58 -42.75
N ALA A 149 -23.30 -19.76 -42.28
CA ALA A 149 -23.82 -21.04 -42.81
C ALA A 149 -25.32 -21.12 -42.55
N LEU A 150 -25.77 -20.71 -41.35
CA LEU A 150 -27.20 -20.75 -40.99
C LEU A 150 -28.00 -19.91 -42.00
N ALA A 151 -27.50 -18.71 -42.33
CA ALA A 151 -28.21 -17.83 -43.28
C ALA A 151 -28.31 -18.52 -44.64
N ILE A 152 -27.20 -19.08 -45.13
CA ILE A 152 -27.22 -19.81 -46.44
C ILE A 152 -28.11 -21.06 -46.30
N LEU A 153 -28.00 -21.76 -45.16
CA LEU A 153 -28.80 -22.99 -44.93
C LEU A 153 -30.29 -22.66 -45.11
N ARG A 154 -30.79 -21.69 -44.34
CA ARG A 154 -32.20 -21.32 -44.46
C ARG A 154 -32.55 -20.99 -45.90
N SER A 155 -31.69 -20.25 -46.59
CA SER A 155 -31.96 -19.93 -47.98
C SER A 155 -32.02 -21.19 -48.84
N LYS A 156 -31.09 -22.13 -48.62
CA LYS A 156 -31.03 -23.32 -49.46
C LYS A 156 -32.18 -24.28 -49.16
N ILE A 157 -32.66 -24.28 -47.93
CA ILE A 157 -33.80 -25.14 -47.62
C ILE A 157 -35.10 -24.50 -48.09
N MET A 158 -35.16 -23.17 -48.17
CA MET A 158 -36.33 -22.54 -48.76
C MET A 158 -36.34 -22.64 -50.28
N THR A 159 -35.17 -22.70 -50.91
CA THR A 159 -35.13 -22.88 -52.36
C THR A 159 -35.72 -24.22 -52.77
N ALA A 160 -35.49 -25.25 -51.97
CA ALA A 160 -36.06 -26.57 -52.23
C ALA A 160 -36.91 -27.04 -51.05
N VAL A 169 -28.63 -31.10 -53.86
CA VAL A 169 -28.46 -32.31 -54.65
C VAL A 169 -27.08 -32.34 -55.27
N PHE A 170 -26.77 -31.30 -56.04
CA PHE A 170 -25.49 -31.22 -56.74
C PHE A 170 -24.42 -30.53 -55.91
N ARG A 171 -24.64 -29.27 -55.57
CA ARG A 171 -23.74 -28.51 -54.72
C ARG A 171 -24.38 -28.13 -53.40
N ASP A 172 -25.67 -28.43 -53.22
CA ASP A 172 -26.34 -28.21 -51.96
C ASP A 172 -25.85 -29.19 -50.90
N VAL A 173 -25.66 -30.45 -51.28
CA VAL A 173 -25.27 -31.48 -50.32
C VAL A 173 -23.88 -31.19 -49.76
N THR A 174 -23.00 -30.64 -50.58
CA THR A 174 -21.70 -30.21 -50.08
C THR A 174 -21.87 -29.16 -49.00
N PHE A 175 -22.82 -28.26 -49.16
CA PHE A 175 -23.03 -27.24 -48.15
C PHE A 175 -23.62 -27.82 -46.87
N TYR A 176 -24.54 -28.78 -46.98
CA TYR A 176 -25.03 -29.44 -45.78
C TYR A 176 -23.91 -30.14 -45.02
N ILE A 177 -23.03 -30.84 -45.75
CA ILE A 177 -21.91 -31.48 -45.08
C ILE A 177 -21.02 -30.44 -44.42
N TYR A 178 -20.76 -29.33 -45.11
CA TYR A 178 -19.96 -28.25 -44.56
C TYR A 178 -20.58 -27.72 -43.28
N PHE A 179 -21.89 -27.51 -43.27
CA PHE A 179 -22.56 -26.92 -42.11
C PHE A 179 -22.55 -27.88 -40.93
N SER A 180 -22.82 -29.16 -41.18
CA SER A 180 -22.79 -30.13 -40.08
C SER A 180 -21.39 -30.23 -39.48
N LEU A 181 -20.38 -30.27 -40.33
CA LEU A 181 -19.01 -30.32 -39.82
C LEU A 181 -18.66 -29.05 -39.05
N VAL A 182 -19.11 -27.89 -39.54
CA VAL A 182 -18.82 -26.64 -38.84
C VAL A 182 -19.50 -26.62 -37.48
N LEU A 183 -20.74 -27.12 -37.41
CA LEU A 183 -21.45 -27.15 -36.13
C LEU A 183 -20.75 -28.06 -35.14
N ILE A 184 -20.33 -29.25 -35.60
CA ILE A 184 -19.64 -30.16 -34.68
C ILE A 184 -18.30 -29.58 -34.26
N GLN A 185 -17.64 -28.89 -35.19
CA GLN A 185 -16.35 -28.23 -34.86
C GLN A 185 -16.59 -27.16 -33.78
N LEU A 186 -17.66 -26.38 -33.92
CA LEU A 186 -17.96 -25.34 -32.94
C LEU A 186 -18.26 -25.94 -31.58
N VAL A 187 -19.02 -27.04 -31.55
CA VAL A 187 -19.31 -27.69 -30.28
C VAL A 187 -18.02 -28.21 -29.65
N LEU A 188 -17.14 -28.80 -30.46
CA LEU A 188 -15.87 -29.29 -29.94
C LEU A 188 -15.02 -28.15 -29.40
N SER A 189 -15.02 -27.00 -30.07
CA SER A 189 -14.16 -25.89 -29.67
C SER A 189 -14.55 -25.32 -28.32
N CYS A 190 -15.75 -25.61 -27.82
CA CYS A 190 -16.16 -25.13 -26.50
C CYS A 190 -15.45 -25.86 -25.36
N PHE A 191 -15.20 -27.16 -25.50
CA PHE A 191 -14.54 -27.94 -24.46
C PHE A 191 -13.08 -27.53 -24.32
N SER A 192 -12.59 -27.58 -23.09
CA SER A 192 -11.22 -27.21 -22.78
C SER A 192 -10.31 -28.43 -22.76
N ASP A 193 -9.15 -28.29 -23.38
CA ASP A 193 -8.22 -29.39 -23.53
C ASP A 193 -7.48 -29.65 -22.22
N ARG A 194 -6.69 -30.72 -22.19
CA ARG A 194 -5.95 -31.09 -21.00
C ARG A 194 -4.85 -30.08 -20.72
N SER A 195 -4.47 -29.99 -19.45
CA SER A 195 -3.43 -29.06 -19.04
C SER A 195 -2.08 -29.53 -19.56
N PRO A 196 -1.11 -28.62 -19.76
CA PRO A 196 0.23 -28.98 -20.22
C PRO A 196 0.92 -29.97 -19.30
N ASN A 206 -4.15 -24.88 -4.33
CA ASN A 206 -5.30 -24.02 -4.60
C ASN A 206 -5.09 -23.20 -5.86
N PRO A 207 -5.06 -23.85 -7.02
CA PRO A 207 -4.80 -23.12 -8.26
C PRO A 207 -5.91 -22.14 -8.59
N CYS A 208 -5.53 -21.05 -9.25
CA CYS A 208 -6.53 -20.09 -9.71
C CYS A 208 -7.34 -20.70 -10.84
N PRO A 209 -8.67 -20.69 -10.76
CA PRO A 209 -9.48 -21.30 -11.82
C PRO A 209 -9.32 -20.65 -13.18
N GLU A 210 -8.86 -19.39 -13.23
CA GLU A 210 -8.67 -18.74 -14.52
C GLU A 210 -7.61 -19.44 -15.36
N SER A 211 -6.62 -20.06 -14.71
CA SER A 211 -5.56 -20.75 -15.44
C SER A 211 -6.07 -21.98 -16.19
N SER A 212 -7.25 -22.50 -15.83
CA SER A 212 -7.80 -23.68 -16.47
C SER A 212 -9.24 -23.48 -16.92
N ALA A 213 -9.77 -22.27 -16.84
CA ALA A 213 -11.15 -22.03 -17.25
C ALA A 213 -11.29 -22.11 -18.76
N SER A 214 -12.46 -22.54 -19.21
CA SER A 214 -12.77 -22.56 -20.62
C SER A 214 -12.96 -21.13 -21.14
N PHE A 215 -12.98 -20.99 -22.47
CA PHE A 215 -13.07 -19.66 -23.07
C PHE A 215 -14.34 -18.94 -22.65
N LEU A 216 -15.46 -19.66 -22.66
CA LEU A 216 -16.76 -19.05 -22.26
C LEU A 216 -16.70 -18.68 -20.78
N SER A 217 -16.15 -19.58 -19.95
CA SER A 217 -16.06 -19.31 -18.49
C SER A 217 -15.31 -18.01 -18.26
N ARG A 218 -14.25 -17.79 -19.01
CA ARG A 218 -13.40 -16.60 -18.75
C ARG A 218 -13.95 -15.36 -19.42
N ILE A 219 -14.66 -15.51 -20.53
CA ILE A 219 -15.31 -14.33 -21.17
C ILE A 219 -16.50 -13.88 -20.31
N THR A 220 -17.06 -14.78 -19.49
CA THR A 220 -18.14 -14.40 -18.60
C THR A 220 -17.75 -14.41 -17.14
N PHE A 221 -16.46 -14.64 -16.83
CA PHE A 221 -15.97 -14.67 -15.46
C PHE A 221 -16.74 -15.67 -14.61
N TRP A 222 -17.09 -16.80 -15.22
CA TRP A 222 -17.83 -17.85 -14.50
C TRP A 222 -16.95 -18.55 -13.47
N TRP A 223 -15.65 -18.58 -13.70
CA TRP A 223 -14.74 -19.35 -12.85
C TRP A 223 -14.67 -18.83 -11.43
N ILE A 224 -15.42 -17.76 -11.13
CA ILE A 224 -15.43 -17.18 -9.76
C ILE A 224 -16.81 -17.37 -9.13
N THR A 225 -17.81 -17.76 -9.92
CA THR A 225 -19.19 -17.89 -9.38
C THR A 225 -19.21 -18.88 -8.22
N GLY A 226 -18.31 -19.87 -8.23
CA GLY A 226 -18.23 -20.83 -7.11
C GLY A 226 -17.89 -20.12 -5.81
N MET A 227 -16.93 -19.20 -5.85
CA MET A 227 -16.55 -18.41 -4.64
C MET A 227 -17.71 -17.48 -4.28
N MET A 228 -18.49 -17.05 -5.28
CA MET A 228 -19.61 -16.09 -5.03
C MET A 228 -20.65 -16.75 -4.11
N VAL A 229 -21.12 -17.95 -4.47
CA VAL A 229 -22.13 -18.65 -3.62
C VAL A 229 -21.48 -19.03 -2.29
N GLN A 230 -20.23 -19.50 -2.34
CA GLN A 230 -19.49 -19.83 -1.08
C GLN A 230 -19.48 -18.58 -0.19
N GLY A 231 -19.02 -17.46 -0.72
CA GLY A 231 -18.98 -16.22 0.04
C GLY A 231 -20.34 -15.76 0.49
N TYR A 232 -21.40 -16.33 -0.10
CA TYR A 232 -22.75 -15.98 0.34
C TYR A 232 -23.20 -16.82 1.53
N ARG A 233 -22.71 -18.05 1.67
CA ARG A 233 -23.13 -18.88 2.78
C ARG A 233 -22.30 -18.66 4.04
N GLN A 234 -21.01 -18.39 3.90
CA GLN A 234 -20.18 -18.04 5.04
C GLN A 234 -19.25 -16.92 4.64
N PRO A 235 -18.83 -16.08 5.59
CA PRO A 235 -17.87 -15.03 5.26
C PRO A 235 -16.57 -15.64 4.75
N LEU A 236 -16.00 -15.01 3.73
CA LEU A 236 -14.78 -15.52 3.10
C LEU A 236 -13.56 -15.22 3.97
N GLU A 237 -12.63 -16.17 4.01
CA GLU A 237 -11.39 -16.01 4.73
C GLU A 237 -10.22 -16.10 3.76
N SER A 238 -9.01 -15.90 4.28
CA SER A 238 -7.82 -16.02 3.44
C SER A 238 -7.62 -17.46 2.96
N THR A 239 -8.09 -18.44 3.73
CA THR A 239 -7.95 -19.83 3.32
C THR A 239 -8.78 -20.14 2.09
N ASP A 240 -10.00 -19.60 2.01
CA ASP A 240 -10.85 -19.84 0.85
C ASP A 240 -10.34 -19.14 -0.40
N LEU A 241 -9.45 -18.17 -0.26
CA LEU A 241 -8.94 -17.43 -1.40
C LEU A 241 -7.94 -18.27 -2.20
N TRP A 242 -7.99 -18.12 -3.52
CA TRP A 242 -7.12 -18.88 -4.40
C TRP A 242 -5.70 -18.31 -4.41
N SER A 243 -4.74 -19.17 -4.72
CA SER A 243 -3.37 -18.72 -4.87
C SER A 243 -3.22 -17.88 -6.12
N LEU A 244 -2.26 -16.95 -6.07
CA LEU A 244 -2.08 -15.98 -7.17
C LEU A 244 -1.61 -16.66 -8.46
N ASN A 245 -2.12 -16.21 -9.60
CA ASN A 245 -1.71 -16.73 -10.90
C ASN A 245 -0.21 -16.52 -11.09
N LYS A 246 0.39 -17.40 -11.88
CA LYS A 246 1.84 -17.34 -12.09
C LYS A 246 2.25 -16.03 -12.76
N GLU A 247 1.45 -15.57 -13.73
CA GLU A 247 1.79 -14.34 -14.43
C GLU A 247 1.69 -13.12 -13.52
N ASP A 248 0.80 -13.14 -12.54
CA ASP A 248 0.59 -12.02 -11.64
C ASP A 248 1.45 -12.08 -10.38
N THR A 249 2.23 -13.14 -10.21
CA THR A 249 2.99 -13.34 -8.99
C THR A 249 4.16 -12.35 -8.94
N SER A 250 4.50 -11.93 -7.71
CA SER A 250 5.46 -10.84 -7.54
C SER A 250 6.82 -11.16 -8.12
N GLU A 251 7.32 -12.39 -7.93
CA GLU A 251 8.65 -12.70 -8.42
C GLU A 251 8.67 -12.96 -9.93
N GLN A 252 7.54 -12.83 -10.61
CA GLN A 252 7.49 -12.85 -12.06
C GLN A 252 7.14 -11.51 -12.66
N VAL A 253 6.85 -10.50 -11.82
CA VAL A 253 6.48 -9.17 -12.27
C VAL A 253 7.52 -8.13 -11.88
N VAL A 254 7.90 -8.13 -10.59
CA VAL A 254 8.88 -7.11 -10.12
C VAL A 254 10.19 -7.25 -10.92
N PRO A 255 10.85 -8.43 -10.97
CA PRO A 255 12.13 -8.57 -11.68
C PRO A 255 12.09 -7.88 -13.06
N VAL A 256 11.03 -8.12 -13.84
CA VAL A 256 10.96 -7.54 -15.18
C VAL A 256 11.09 -6.02 -15.11
N LEU A 257 10.36 -5.40 -14.18
CA LEU A 257 10.46 -3.95 -14.04
C LEU A 257 11.85 -3.53 -13.56
N VAL A 258 12.45 -4.31 -12.66
CA VAL A 258 13.79 -3.99 -12.18
C VAL A 258 14.80 -4.08 -13.32
N LYS A 259 14.69 -5.12 -14.15
CA LYS A 259 15.58 -5.26 -15.30
C LYS A 259 15.40 -4.10 -16.28
N ASN A 260 14.16 -3.71 -16.55
CA ASN A 260 13.92 -2.59 -17.46
C ASN A 260 14.50 -1.31 -16.90
N TRP A 261 14.33 -1.07 -15.60
CA TRP A 261 14.88 0.14 -14.97
C TRP A 261 16.40 0.13 -15.02
N LYS A 262 17.02 -1.02 -14.78
CA LYS A 262 18.47 -1.12 -14.85
C LYS A 262 18.97 -0.84 -16.26
N LYS A 263 18.25 -1.36 -17.27
CA LYS A 263 18.62 -1.07 -18.65
C LYS A 263 18.46 0.42 -18.96
N GLU A 264 17.43 1.03 -18.37
CA GLU A 264 17.20 2.48 -18.55
C GLU A 264 18.39 3.26 -17.95
N CYS A 265 18.78 2.92 -16.73
CA CYS A 265 19.90 3.63 -16.05
C CYS A 265 21.19 3.43 -16.85
N ALA A 266 21.42 2.23 -17.36
CA ALA A 266 22.62 1.96 -18.18
C ALA A 266 22.64 2.91 -19.38
N LYS A 267 21.49 3.06 -20.04
CA LYS A 267 21.38 4.00 -21.20
C LYS A 267 21.71 5.41 -20.72
N SER A 268 21.16 5.82 -19.57
CA SER A 268 21.38 7.19 -19.04
C SER A 268 22.87 7.47 -18.87
N ARG A 269 23.62 6.49 -18.35
CA ARG A 269 25.07 6.68 -18.10
C ARG A 269 25.88 5.92 -19.15
N ASP A 310 19.02 11.53 -17.86
CA ASP A 310 18.24 10.96 -16.77
C ASP A 310 17.37 9.82 -17.25
N PRO A 311 17.18 8.80 -16.42
CA PRO A 311 16.33 7.66 -16.81
C PRO A 311 14.86 7.99 -16.62
N SER A 312 14.09 7.85 -17.70
CA SER A 312 12.67 8.17 -17.66
C SER A 312 11.89 6.95 -17.18
N LEU A 313 11.16 7.11 -16.07
CA LEU A 313 10.40 5.96 -15.50
C LEU A 313 9.27 5.57 -16.48
N PHE A 314 8.69 6.55 -17.15
CA PHE A 314 7.60 6.27 -18.12
C PHE A 314 8.10 5.26 -19.17
N LYS A 315 9.35 5.40 -19.61
CA LYS A 315 9.87 4.52 -20.68
C LYS A 315 9.78 3.06 -20.21
N VAL A 316 10.30 2.76 -19.03
CA VAL A 316 10.30 1.36 -18.51
C VAL A 316 8.85 0.93 -18.27
N LEU A 317 7.99 1.88 -17.88
CA LEU A 317 6.57 1.56 -17.57
C LEU A 317 5.93 0.85 -18.78
N TYR A 318 5.86 1.53 -19.94
CA TYR A 318 5.19 0.94 -21.12
C TYR A 318 6.07 -0.17 -21.70
N LYS A 319 7.39 -0.11 -21.45
CA LYS A 319 8.28 -1.21 -21.91
C LYS A 319 8.02 -2.43 -21.04
N THR A 320 7.22 -2.26 -19.97
CA THR A 320 6.97 -3.37 -19.02
C THR A 320 5.49 -3.73 -19.00
N PHE A 321 4.60 -2.76 -19.26
CA PHE A 321 3.19 -3.07 -19.11
C PHE A 321 2.37 -2.90 -20.39
N GLY A 322 2.94 -2.36 -21.46
CA GLY A 322 2.24 -2.23 -22.73
C GLY A 322 1.97 -3.52 -23.47
N PRO A 323 2.93 -4.46 -23.50
CA PRO A 323 2.68 -5.72 -24.21
C PRO A 323 1.41 -6.43 -23.80
N TYR A 324 0.98 -6.28 -22.55
CA TYR A 324 -0.29 -6.85 -22.10
C TYR A 324 -1.43 -5.86 -22.14
N PHE A 325 -1.15 -4.56 -21.96
CA PHE A 325 -2.20 -3.56 -21.91
C PHE A 325 -2.76 -3.21 -23.28
N LEU A 326 -1.96 -3.35 -24.33
CA LEU A 326 -2.36 -2.86 -25.66
C LEU A 326 -3.57 -3.60 -26.21
N MET A 327 -3.83 -4.83 -25.76
CA MET A 327 -5.01 -5.56 -26.21
C MET A 327 -6.29 -4.87 -25.73
N SER A 328 -6.21 -4.16 -24.61
CA SER A 328 -7.34 -3.35 -24.18
C SER A 328 -7.66 -2.24 -25.16
N PHE A 329 -6.70 -1.82 -25.99
CA PHE A 329 -7.01 -0.86 -27.04
C PHE A 329 -7.95 -1.48 -28.07
N LEU A 330 -7.69 -2.71 -28.49
CA LEU A 330 -8.60 -3.38 -29.41
C LEU A 330 -9.98 -3.59 -28.79
N PHE A 331 -10.00 -4.02 -27.52
CA PHE A 331 -11.30 -4.20 -26.86
C PHE A 331 -12.04 -2.87 -26.73
N LYS A 332 -11.34 -1.79 -26.39
CA LYS A 332 -11.96 -0.49 -26.26
C LYS A 332 -12.51 0.00 -27.60
N ALA A 333 -11.75 -0.20 -28.68
CA ALA A 333 -12.21 0.23 -29.99
C ALA A 333 -13.46 -0.55 -30.41
N VAL A 334 -13.45 -1.86 -30.19
CA VAL A 334 -14.61 -2.67 -30.53
C VAL A 334 -15.82 -2.25 -29.71
N HIS A 335 -15.63 -2.03 -28.41
CA HIS A 335 -16.74 -1.60 -27.57
C HIS A 335 -17.26 -0.24 -27.99
N ASP A 336 -16.38 0.69 -28.35
CA ASP A 336 -16.83 2.01 -28.78
C ASP A 336 -17.65 1.91 -30.05
N LEU A 337 -17.18 1.14 -31.03
CA LEU A 337 -17.92 0.99 -32.28
C LEU A 337 -19.29 0.39 -32.03
N MET A 338 -19.35 -0.67 -31.23
CA MET A 338 -20.63 -1.34 -31.04
C MET A 338 -21.57 -0.57 -30.09
N MET A 339 -21.03 0.21 -29.16
CA MET A 339 -21.88 1.06 -28.33
C MET A 339 -22.42 2.25 -29.12
N PHE A 340 -21.83 2.62 -30.22
CA PHE A 340 -22.46 3.67 -31.04
C PHE A 340 -23.36 2.99 -32.07
N ALA A 341 -23.10 1.73 -32.38
CA ALA A 341 -24.02 1.05 -33.29
C ALA A 341 -25.33 0.67 -32.62
N GLY A 342 -25.30 0.39 -31.31
CA GLY A 342 -26.49 -0.05 -30.59
C GLY A 342 -27.68 0.89 -30.64
N PRO A 343 -27.47 2.16 -30.26
CA PRO A 343 -28.57 3.14 -30.34
C PRO A 343 -29.11 3.33 -31.74
N GLU A 344 -28.30 3.13 -32.78
CA GLU A 344 -28.85 3.16 -34.13
C GLU A 344 -29.88 2.05 -34.31
N ILE A 345 -29.55 0.84 -33.88
CA ILE A 345 -30.50 -0.26 -33.94
C ILE A 345 -31.74 0.06 -33.12
N LEU A 346 -31.52 0.71 -31.97
CA LEU A 346 -32.67 1.09 -31.09
C LEU A 346 -33.59 2.03 -31.87
N LYS A 347 -33.03 3.07 -32.51
CA LYS A 347 -33.86 4.04 -33.20
C LYS A 347 -34.59 3.41 -34.37
N LEU A 348 -33.93 2.54 -35.12
CA LEU A 348 -34.65 1.84 -36.19
C LEU A 348 -35.75 0.94 -35.64
N LEU A 349 -35.51 0.31 -34.49
CA LEU A 349 -36.53 -0.56 -33.91
C LEU A 349 -37.74 0.25 -33.45
N ILE A 350 -37.51 1.36 -32.76
CA ILE A 350 -38.63 2.18 -32.30
C ILE A 350 -39.31 2.89 -33.47
N ASN A 351 -38.62 3.06 -34.60
CA ASN A 351 -39.28 3.52 -35.81
C ASN A 351 -40.11 2.40 -36.43
N PHE A 352 -39.69 1.15 -36.24
CA PHE A 352 -40.41 0.02 -36.81
C PHE A 352 -41.82 -0.07 -36.26
N VAL A 353 -41.98 0.12 -34.96
CA VAL A 353 -43.31 0.07 -34.35
C VAL A 353 -44.05 1.38 -34.61
N ALA A 358 -42.66 -2.09 -43.37
CA ALA A 358 -41.83 -2.72 -42.32
C ALA A 358 -42.51 -4.02 -41.85
N PRO A 359 -42.29 -5.17 -42.52
CA PRO A 359 -42.94 -6.43 -42.14
C PRO A 359 -42.50 -6.84 -40.73
N GLU A 360 -43.36 -7.54 -39.99
CA GLU A 360 -43.03 -7.91 -38.59
C GLU A 360 -41.61 -8.47 -38.54
N TRP A 361 -41.26 -9.35 -39.49
CA TRP A 361 -39.89 -9.95 -39.51
C TRP A 361 -38.84 -8.86 -39.28
N GLN A 362 -39.04 -7.68 -39.87
CA GLN A 362 -38.03 -6.58 -39.74
C GLN A 362 -37.75 -6.37 -38.25
N GLY A 363 -38.80 -6.22 -37.44
CA GLY A 363 -38.63 -5.98 -35.98
C GLY A 363 -38.11 -7.22 -35.27
N TYR A 364 -38.59 -8.40 -35.66
CA TYR A 364 -38.09 -9.66 -35.06
C TYR A 364 -36.57 -9.71 -35.23
N PHE A 365 -36.09 -9.43 -36.44
CA PHE A 365 -34.62 -9.39 -36.68
C PHE A 365 -34.02 -8.23 -35.87
N TYR A 366 -34.68 -7.06 -35.92
CA TYR A 366 -34.16 -5.86 -35.22
C TYR A 366 -33.89 -6.17 -33.75
N THR A 367 -34.76 -6.97 -33.10
CA THR A 367 -34.58 -7.17 -31.67
C THR A 367 -33.47 -8.18 -31.39
N ALA A 368 -33.36 -9.23 -32.21
CA ALA A 368 -32.27 -10.19 -32.02
C ALA A 368 -30.92 -9.53 -32.26
N LEU A 369 -30.83 -8.70 -33.30
CA LEU A 369 -29.58 -8.00 -33.59
C LEU A 369 -29.20 -7.06 -32.46
N LEU A 370 -30.17 -6.29 -31.95
CA LEU A 370 -29.90 -5.41 -30.82
C LEU A 370 -29.45 -6.20 -29.60
N PHE A 371 -30.11 -7.33 -29.33
CA PHE A 371 -29.76 -8.14 -28.16
C PHE A 371 -28.35 -8.68 -28.26
N ILE A 372 -28.00 -9.27 -29.41
CA ILE A 372 -26.67 -9.86 -29.54
C ILE A 372 -25.59 -8.78 -29.55
N SER A 373 -25.88 -7.63 -30.18
CA SER A 373 -24.92 -6.54 -30.17
C SER A 373 -24.70 -6.02 -28.76
N ALA A 374 -25.77 -5.90 -27.98
CA ALA A 374 -25.63 -5.45 -26.59
C ALA A 374 -24.82 -6.45 -25.78
N CYS A 375 -25.09 -7.75 -25.93
CA CYS A 375 -24.34 -8.74 -25.17
C CYS A 375 -22.86 -8.73 -25.55
N LEU A 376 -22.55 -8.64 -26.85
CA LEU A 376 -21.16 -8.54 -27.26
C LEU A 376 -20.51 -7.27 -26.74
N GLN A 377 -21.27 -6.18 -26.70
CA GLN A 377 -20.73 -4.93 -26.16
C GLN A 377 -20.34 -5.09 -24.69
N THR A 378 -21.23 -5.70 -23.90
CA THR A 378 -20.91 -5.92 -22.50
C THR A 378 -19.67 -6.82 -22.36
N LEU A 379 -19.64 -7.92 -23.11
CA LEU A 379 -18.51 -8.86 -22.98
C LEU A 379 -17.19 -8.19 -23.33
N VAL A 380 -17.16 -7.45 -24.45
CA VAL A 380 -15.92 -6.85 -24.90
C VAL A 380 -15.49 -5.72 -23.97
N LEU A 381 -16.43 -4.84 -23.60
CA LEU A 381 -16.11 -3.77 -22.66
C LEU A 381 -15.59 -4.33 -21.35
N HIS A 382 -16.12 -5.48 -20.94
CA HIS A 382 -15.80 -5.98 -19.61
C HIS A 382 -14.48 -6.74 -19.61
N GLN A 383 -14.16 -7.40 -20.73
CA GLN A 383 -12.82 -8.03 -20.81
C GLN A 383 -11.80 -6.88 -20.84
N TYR A 384 -12.17 -5.75 -21.47
CA TYR A 384 -11.30 -4.56 -21.50
C TYR A 384 -11.08 -4.07 -20.06
N PHE A 385 -12.17 -3.84 -19.31
CA PHE A 385 -12.04 -3.44 -17.92
C PHE A 385 -11.16 -4.41 -17.13
N HIS A 386 -11.34 -5.70 -17.35
CA HIS A 386 -10.52 -6.68 -16.64
C HIS A 386 -9.05 -6.53 -17.01
N ILE A 387 -8.75 -6.29 -18.30
CA ILE A 387 -7.37 -6.10 -18.71
C ILE A 387 -6.77 -4.87 -18.03
N CYS A 388 -7.52 -3.77 -18.01
CA CYS A 388 -7.02 -2.57 -17.34
C CYS A 388 -6.78 -2.82 -15.86
N PHE A 389 -7.70 -3.51 -15.19
CA PHE A 389 -7.57 -3.72 -13.76
C PHE A 389 -6.42 -4.67 -13.44
N VAL A 390 -6.25 -5.71 -14.25
CA VAL A 390 -5.14 -6.64 -14.03
C VAL A 390 -3.80 -5.95 -14.30
N SER A 391 -3.75 -5.10 -15.32
CA SER A 391 -2.54 -4.34 -15.58
C SER A 391 -2.24 -3.39 -14.43
N GLY A 392 -3.25 -2.75 -13.87
CA GLY A 392 -3.04 -1.88 -12.72
C GLY A 392 -2.57 -2.64 -11.50
N MET A 393 -3.14 -3.81 -11.25
CA MET A 393 -2.71 -4.62 -10.12
C MET A 393 -1.27 -5.09 -10.29
N ARG A 394 -0.89 -5.49 -11.50
CA ARG A 394 0.50 -5.86 -11.77
C ARG A 394 1.41 -4.65 -11.61
N ILE A 395 0.93 -3.46 -11.99
CA ILE A 395 1.71 -2.24 -11.79
C ILE A 395 1.95 -2.01 -10.31
N LYS A 396 0.92 -2.19 -9.48
CA LYS A 396 1.10 -2.02 -8.05
C LYS A 396 2.09 -3.03 -7.48
N THR A 397 1.98 -4.29 -7.90
CA THR A 397 2.92 -5.30 -7.43
C THR A 397 4.35 -4.94 -7.81
N ALA A 398 4.56 -4.55 -9.06
CA ALA A 398 5.90 -4.19 -9.52
C ALA A 398 6.43 -2.98 -8.78
N VAL A 399 5.58 -1.98 -8.54
CA VAL A 399 6.01 -0.76 -7.86
C VAL A 399 6.39 -1.07 -6.43
N ILE A 400 5.58 -1.87 -5.73
CA ILE A 400 5.90 -2.22 -4.34
C ILE A 400 7.21 -3.00 -4.28
N GLY A 401 7.38 -3.99 -5.18
CA GLY A 401 8.61 -4.76 -5.16
C GLY A 401 9.84 -3.92 -5.49
N ALA A 402 9.72 -3.04 -6.48
CA ALA A 402 10.85 -2.18 -6.83
C ALA A 402 11.19 -1.23 -5.71
N VAL A 403 10.17 -0.67 -5.04
CA VAL A 403 10.42 0.21 -3.90
C VAL A 403 11.13 -0.55 -2.79
N TYR A 404 10.69 -1.78 -2.51
CA TYR A 404 11.34 -2.58 -1.47
C TYR A 404 12.81 -2.85 -1.83
N ARG A 405 13.07 -3.27 -3.06
CA ARG A 405 14.44 -3.57 -3.46
C ARG A 405 15.32 -2.33 -3.41
N LYS A 406 14.80 -1.19 -3.89
CA LYS A 406 15.58 0.05 -3.86
C LYS A 406 15.85 0.47 -2.43
N ALA A 407 14.87 0.33 -1.54
CA ALA A 407 15.11 0.64 -0.13
C ALA A 407 16.17 -0.28 0.46
N LEU A 408 16.22 -1.52 0.00
CA LEU A 408 17.26 -2.43 0.47
C LEU A 408 18.64 -1.99 -0.02
N VAL A 409 18.75 -1.52 -1.27
CA VAL A 409 20.05 -1.13 -1.81
C VAL A 409 20.31 0.37 -1.62
N ILE A 410 19.34 1.13 -1.10
CA ILE A 410 19.51 2.57 -0.93
C ILE A 410 20.71 2.88 -0.03
N THR A 411 21.27 4.06 -0.21
CA THR A 411 22.35 4.53 0.63
C THR A 411 21.79 5.35 1.79
N ASN A 412 22.63 5.55 2.80
CA ASN A 412 22.16 6.23 4.01
C ASN A 412 21.78 7.67 3.72
N ALA A 413 22.58 8.36 2.90
CA ALA A 413 22.27 9.74 2.57
C ALA A 413 20.92 9.85 1.85
N ALA A 414 20.68 8.97 0.88
CA ALA A 414 19.40 8.96 0.19
C ALA A 414 18.27 8.52 1.11
N ARG A 415 18.55 7.57 2.01
CA ARG A 415 17.54 7.14 2.96
C ARG A 415 17.11 8.28 3.88
N LYS A 416 18.08 9.12 4.26
CA LYS A 416 17.75 10.31 5.09
C LYS A 416 16.96 11.29 4.22
N SER A 417 17.40 11.49 2.97
CA SER A 417 16.69 12.40 2.07
C SER A 417 15.28 11.92 1.78
N SER A 418 15.13 10.63 1.50
CA SER A 418 13.82 10.02 1.23
C SER A 418 13.35 9.33 2.50
N THR A 419 12.57 10.06 3.30
CA THR A 419 12.20 9.60 4.63
C THR A 419 11.39 8.30 4.55
N VAL A 420 11.17 7.70 5.72
CA VAL A 420 10.38 6.48 5.81
C VAL A 420 8.94 6.75 5.37
N GLY A 421 8.43 7.94 5.67
CA GLY A 421 7.11 8.31 5.19
C GLY A 421 7.01 8.34 3.69
N GLU A 422 8.06 8.83 3.02
CA GLU A 422 8.05 8.87 1.56
C GLU A 422 8.03 7.48 0.96
N ILE A 423 8.81 6.55 1.52
CA ILE A 423 8.81 5.17 1.04
C ILE A 423 7.45 4.53 1.29
N VAL A 424 6.86 4.77 2.47
CA VAL A 424 5.56 4.21 2.78
C VAL A 424 4.50 4.75 1.83
N ASN A 425 4.58 6.03 1.50
CA ASN A 425 3.66 6.61 0.52
C ASN A 425 3.86 5.99 -0.86
N LEU A 426 5.11 5.79 -1.27
CA LEU A 426 5.38 5.21 -2.58
C LEU A 426 4.82 3.82 -2.69
N MET A 427 4.94 3.02 -1.63
CA MET A 427 4.48 1.64 -1.68
C MET A 427 3.05 1.44 -1.20
N SER A 428 2.41 2.48 -0.66
CA SER A 428 1.06 2.34 -0.11
C SER A 428 0.01 3.07 -0.94
N VAL A 429 0.13 4.39 -1.08
CA VAL A 429 -0.65 5.08 -2.10
C VAL A 429 0.28 5.95 -2.93
N ASP A 430 0.93 5.34 -3.87
CA ASP A 430 1.49 5.92 -5.08
C ASP A 430 1.16 5.04 -6.28
N ALA A 431 1.16 3.72 -6.08
CA ALA A 431 0.70 2.78 -7.08
C ALA A 431 -0.82 2.72 -7.15
N GLN A 432 -1.52 3.23 -6.14
CA GLN A 432 -2.97 3.40 -6.26
C GLN A 432 -3.30 4.44 -7.32
N ARG A 433 -2.47 5.48 -7.44
CA ARG A 433 -2.64 6.45 -8.51
C ARG A 433 -2.45 5.79 -9.87
N PHE A 434 -1.45 4.91 -10.01
CA PHE A 434 -1.27 4.18 -11.25
C PHE A 434 -2.43 3.25 -11.53
N MET A 435 -2.96 2.59 -10.48
CA MET A 435 -4.12 1.73 -10.66
C MET A 435 -5.33 2.51 -11.16
N ASP A 436 -5.55 3.70 -10.60
CA ASP A 436 -6.62 4.57 -11.09
C ASP A 436 -6.35 4.98 -12.53
N LEU A 437 -5.10 5.32 -12.86
CA LEU A 437 -4.77 5.72 -14.22
C LEU A 437 -5.04 4.61 -15.21
N ALA A 438 -4.80 3.36 -14.81
CA ALA A 438 -4.94 2.23 -15.74
C ALA A 438 -6.34 2.16 -16.34
N THR A 439 -7.32 2.73 -15.65
CA THR A 439 -8.73 2.70 -16.14
C THR A 439 -8.99 3.89 -17.06
N TYR A 440 -8.17 4.94 -16.97
CA TYR A 440 -8.39 6.15 -17.75
C TYR A 440 -7.35 6.37 -18.84
N ILE A 441 -6.24 5.64 -18.84
CA ILE A 441 -5.23 5.81 -19.87
C ILE A 441 -5.76 5.32 -21.23
N ASN A 442 -6.84 4.56 -21.24
CA ASN A 442 -7.47 4.16 -22.49
C ASN A 442 -8.52 5.15 -22.94
N MET A 443 -8.99 6.02 -22.03
CA MET A 443 -10.05 7.01 -22.38
C MET A 443 -9.41 8.26 -23.00
N ILE A 444 -8.10 8.44 -22.81
CA ILE A 444 -7.45 9.66 -23.31
C ILE A 444 -7.56 9.75 -24.82
N TRP A 445 -7.66 8.62 -25.50
CA TRP A 445 -7.88 8.59 -26.94
C TRP A 445 -9.31 8.27 -27.31
N SER A 446 -10.07 7.62 -26.42
CA SER A 446 -11.45 7.28 -26.74
C SER A 446 -12.35 8.51 -26.67
N ALA A 447 -12.16 9.34 -25.64
CA ALA A 447 -12.99 10.55 -25.49
C ALA A 447 -12.95 11.38 -26.78
N PRO A 448 -11.77 11.85 -27.26
CA PRO A 448 -11.72 12.71 -28.46
C PRO A 448 -12.21 11.95 -29.69
N LEU A 449 -12.00 10.63 -29.73
CA LEU A 449 -12.51 9.81 -30.87
C LEU A 449 -14.02 10.00 -30.97
N GLN A 450 -14.74 9.84 -29.87
CA GLN A 450 -16.21 10.04 -29.86
C GLN A 450 -16.51 11.51 -30.17
N VAL A 451 -15.69 12.41 -29.62
CA VAL A 451 -15.88 13.87 -29.87
C VAL A 451 -15.76 14.15 -31.36
N ILE A 452 -14.59 13.86 -31.96
CA ILE A 452 -14.38 14.17 -33.36
C ILE A 452 -15.43 13.48 -34.24
N LEU A 453 -15.92 12.30 -33.85
CA LEU A 453 -16.99 11.67 -34.61
C LEU A 453 -18.27 12.50 -34.54
N ALA A 454 -18.66 12.88 -33.33
CA ALA A 454 -19.91 13.66 -33.15
C ALA A 454 -19.86 14.91 -34.01
N LEU A 455 -18.68 15.55 -34.07
CA LEU A 455 -18.51 16.74 -34.95
C LEU A 455 -18.82 16.33 -36.39
N TYR A 456 -18.32 15.17 -36.81
CA TYR A 456 -18.58 14.66 -38.18
C TYR A 456 -20.07 14.37 -38.35
N LEU A 457 -20.68 13.66 -37.38
CA LEU A 457 -22.14 13.41 -37.42
C LEU A 457 -22.86 14.75 -37.50
N LEU A 458 -22.46 15.71 -36.66
CA LEU A 458 -23.07 17.07 -36.67
C LEU A 458 -22.81 17.74 -38.03
N TRP A 459 -21.60 17.56 -38.58
CA TRP A 459 -21.27 18.24 -39.86
C TRP A 459 -22.25 17.78 -40.95
N LEU A 460 -22.24 16.49 -41.28
CA LEU A 460 -23.13 16.00 -42.37
C LEU A 460 -24.59 16.25 -41.96
N ASN A 461 -24.84 16.40 -40.66
CA ASN A 461 -26.16 16.89 -40.19
C ASN A 461 -26.30 18.36 -40.58
N LEU A 462 -25.44 19.26 -40.09
CA LEU A 462 -25.66 20.71 -40.37
C LEU A 462 -24.75 21.31 -41.45
N GLY A 463 -23.46 21.53 -41.17
CA GLY A 463 -22.55 22.27 -42.07
C GLY A 463 -21.34 22.80 -41.33
N PRO A 464 -20.54 23.75 -41.89
CA PRO A 464 -19.29 24.18 -41.24
C PRO A 464 -19.49 25.23 -40.14
N SER A 465 -20.74 25.62 -39.86
CA SER A 465 -21.01 26.58 -38.77
C SER A 465 -20.41 26.05 -37.47
N VAL A 466 -20.26 24.72 -37.37
CA VAL A 466 -19.69 24.08 -36.15
C VAL A 466 -18.30 24.68 -35.86
N LEU A 467 -17.72 25.43 -36.79
CA LEU A 467 -16.42 26.08 -36.47
C LEU A 467 -16.54 26.79 -35.12
N ALA A 468 -17.70 27.37 -34.84
CA ALA A 468 -17.92 28.06 -33.54
C ALA A 468 -17.85 27.02 -32.41
N GLY A 469 -18.51 25.87 -32.59
CA GLY A 469 -18.54 24.85 -31.53
C GLY A 469 -17.16 24.27 -31.25
N VAL A 470 -16.45 23.83 -32.28
CA VAL A 470 -15.12 23.18 -32.06
C VAL A 470 -14.22 24.17 -31.31
N ALA A 471 -14.25 25.45 -31.71
CA ALA A 471 -13.41 26.47 -31.06
C ALA A 471 -13.73 26.52 -29.56
N VAL A 472 -15.01 26.61 -29.21
CA VAL A 472 -15.41 26.72 -27.76
C VAL A 472 -14.89 25.48 -27.02
N MET A 473 -15.12 24.29 -27.59
CA MET A 473 -14.61 23.04 -26.97
C MET A 473 -13.09 23.15 -26.84
N VAL A 474 -12.41 23.59 -27.90
CA VAL A 474 -10.93 23.72 -27.88
C VAL A 474 -10.52 24.71 -26.79
N LEU A 475 -11.24 25.83 -26.67
CA LEU A 475 -10.85 26.89 -25.68
C LEU A 475 -10.72 26.26 -24.28
N MET A 476 -11.61 25.32 -23.94
CA MET A 476 -11.59 24.73 -22.57
C MET A 476 -10.30 23.93 -22.36
N VAL A 477 -9.80 23.25 -23.40
CA VAL A 477 -8.60 22.38 -23.23
C VAL A 477 -7.47 23.14 -22.53
N PRO A 478 -6.92 24.25 -23.08
CA PRO A 478 -5.88 25.02 -22.38
C PRO A 478 -6.38 25.59 -21.04
N LEU A 479 -7.59 26.17 -21.05
CA LEU A 479 -8.14 26.79 -19.81
C LEU A 479 -8.09 25.77 -18.67
N ASN A 480 -8.57 24.55 -18.94
CA ASN A 480 -8.60 23.49 -17.91
C ASN A 480 -7.17 22.94 -17.71
N ALA A 481 -6.38 22.91 -18.77
CA ALA A 481 -4.96 22.46 -18.65
C ALA A 481 -4.20 23.42 -17.73
N VAL A 482 -4.44 24.73 -17.87
CA VAL A 482 -3.80 25.71 -16.96
C VAL A 482 -4.13 25.30 -15.52
N MET A 483 -5.41 25.03 -15.24
CA MET A 483 -5.81 24.60 -13.91
C MET A 483 -5.19 23.27 -13.57
N ALA A 484 -5.16 22.34 -14.53
CA ALA A 484 -4.50 21.06 -14.32
C ALA A 484 -3.08 21.26 -13.82
N MET A 485 -2.32 22.13 -14.50
CA MET A 485 -0.97 22.41 -14.06
C MET A 485 -0.97 22.87 -12.61
N LYS A 486 -1.83 23.84 -12.28
CA LYS A 486 -1.96 24.29 -10.90
C LYS A 486 -2.26 23.10 -10.00
N THR A 487 -3.25 22.29 -10.38
CA THR A 487 -3.60 21.13 -9.58
C THR A 487 -2.37 20.25 -9.36
N LYS A 488 -1.58 20.05 -10.41
CA LYS A 488 -0.38 19.23 -10.27
C LYS A 488 0.49 19.74 -9.13
N THR A 489 0.77 21.05 -9.13
CA THR A 489 1.58 21.62 -8.05
C THR A 489 0.98 21.26 -6.70
N TYR A 490 -0.33 21.50 -6.54
CA TYR A 490 -0.99 21.16 -5.28
C TYR A 490 -0.71 19.72 -4.91
N GLN A 491 -0.94 18.80 -5.86
CA GLN A 491 -0.74 17.39 -5.57
C GLN A 491 0.67 17.15 -5.07
N VAL A 492 1.66 17.74 -5.76
CA VAL A 492 3.04 17.62 -5.31
C VAL A 492 3.14 18.02 -3.85
N ALA A 493 2.74 19.25 -3.55
CA ALA A 493 2.75 19.72 -2.17
C ALA A 493 1.97 18.77 -1.28
N HIS A 494 0.76 18.40 -1.72
CA HIS A 494 -0.05 17.47 -0.95
C HIS A 494 0.75 16.22 -0.65
N MET A 495 1.20 15.54 -1.70
CA MET A 495 1.99 14.29 -1.53
C MET A 495 3.10 14.54 -0.51
N LYS A 496 3.85 15.63 -0.68
CA LYS A 496 4.99 15.93 0.23
C LYS A 496 4.47 16.05 1.67
N SER A 497 3.42 16.85 1.87
CA SER A 497 2.82 16.99 3.23
C SER A 497 2.47 15.61 3.78
N LYS A 498 1.90 14.75 2.93
CA LYS A 498 1.52 13.41 3.36
C LYS A 498 2.75 12.66 3.87
N ASP A 499 3.84 12.68 3.09
CA ASP A 499 5.05 12.00 3.53
C ASP A 499 5.44 12.46 4.92
N ASN A 500 5.54 13.78 5.11
CA ASN A 500 5.91 14.31 6.41
C ASN A 500 5.02 13.71 7.50
N ARG A 501 3.70 13.80 7.29
CA ARG A 501 2.78 13.30 8.29
C ARG A 501 3.09 11.84 8.60
N ILE A 502 3.18 11.01 7.55
CA ILE A 502 3.43 9.60 7.78
C ILE A 502 4.75 9.41 8.49
N LYS A 503 5.79 10.13 8.04
CA LYS A 503 7.09 10.03 8.70
C LYS A 503 6.93 10.33 10.18
N LEU A 504 6.25 11.43 10.51
CA LEU A 504 6.06 11.78 11.90
C LEU A 504 5.31 10.68 12.64
N MET A 505 4.25 10.15 12.02
CA MET A 505 3.52 9.06 12.65
C MET A 505 4.45 7.88 12.91
N ASN A 506 5.32 7.57 11.96
CA ASN A 506 6.25 6.46 12.17
C ASN A 506 7.10 6.70 13.41
N GLU A 507 7.58 7.94 13.59
CA GLU A 507 8.34 8.25 14.79
C GLU A 507 7.49 8.00 16.03
N ILE A 508 6.23 8.45 15.99
CA ILE A 508 5.34 8.24 17.12
C ILE A 508 5.15 6.75 17.39
N LEU A 509 5.15 5.93 16.33
CA LEU A 509 5.03 4.50 16.55
C LEU A 509 6.30 3.90 17.12
N ASN A 510 7.46 4.47 16.78
CA ASN A 510 8.72 3.89 17.24
C ASN A 510 9.06 4.32 18.65
N GLY A 511 8.81 5.58 18.99
CA GLY A 511 9.09 6.07 20.32
C GLY A 511 7.83 6.34 21.12
N ILE A 512 6.87 5.43 21.04
CA ILE A 512 5.60 5.63 21.73
C ILE A 512 5.79 5.54 23.24
N LYS A 513 6.63 4.61 23.70
CA LYS A 513 6.86 4.48 25.14
C LYS A 513 7.49 5.74 25.70
N VAL A 514 8.49 6.29 25.00
CA VAL A 514 9.11 7.53 25.44
C VAL A 514 8.14 8.70 25.32
N LEU A 515 7.33 8.69 24.25
CA LEU A 515 6.34 9.74 24.06
C LEU A 515 5.37 9.79 25.23
N LYS A 516 4.92 8.63 25.71
CA LYS A 516 3.99 8.61 26.82
C LYS A 516 4.68 8.87 28.15
N LEU A 517 5.91 8.36 28.32
CA LEU A 517 6.64 8.61 29.55
C LEU A 517 6.89 10.09 29.76
N TYR A 518 7.17 10.81 28.68
CA TYR A 518 7.40 12.24 28.75
C TYR A 518 6.13 13.06 28.66
N ALA A 519 4.97 12.42 28.56
CA ALA A 519 3.69 13.10 28.41
C ALA A 519 3.68 14.02 27.21
N TRP A 520 4.28 13.56 26.11
CA TRP A 520 4.39 14.33 24.88
C TRP A 520 3.34 13.97 23.86
N GLU A 521 2.32 13.20 24.24
CA GLU A 521 1.31 12.79 23.27
C GLU A 521 0.56 14.00 22.72
N LEU A 522 0.24 14.97 23.57
CA LEU A 522 -0.51 16.14 23.12
C LEU A 522 0.30 16.97 22.13
N ALA A 523 1.60 17.16 22.39
CA ALA A 523 2.42 18.00 21.52
C ALA A 523 2.57 17.36 20.13
N PHE A 524 2.85 16.07 20.09
CA PHE A 524 2.99 15.41 18.79
C PHE A 524 1.65 15.26 18.09
N LYS A 525 0.57 15.11 18.85
CA LYS A 525 -0.75 15.14 18.24
C LYS A 525 -1.01 16.48 17.57
N ASP A 526 -0.63 17.58 18.23
CA ASP A 526 -0.79 18.90 17.62
C ASP A 526 0.09 19.06 16.40
N LYS A 527 1.30 18.51 16.43
CA LYS A 527 2.19 18.58 15.27
C LYS A 527 1.59 17.85 14.07
N VAL A 528 1.12 16.62 14.29
CA VAL A 528 0.50 15.86 13.21
C VAL A 528 -0.77 16.55 12.73
N LEU A 529 -1.50 17.17 13.66
CA LEU A 529 -2.71 17.89 13.27
C LEU A 529 -2.38 19.09 12.39
N ALA A 530 -1.30 19.80 12.70
CA ALA A 530 -0.90 20.92 11.85
C ALA A 530 -0.50 20.44 10.46
N ILE A 531 0.27 19.36 10.38
CA ILE A 531 0.64 18.81 9.08
C ILE A 531 -0.59 18.38 8.30
N ARG A 532 -1.53 17.72 8.98
CA ARG A 532 -2.74 17.26 8.33
C ARG A 532 -3.62 18.42 7.89
N GLN A 533 -3.67 19.50 8.67
CA GLN A 533 -4.43 20.67 8.26
C GLN A 533 -3.84 21.30 7.01
N GLU A 534 -2.50 21.38 6.93
CA GLU A 534 -1.88 21.92 5.73
C GLU A 534 -2.17 21.03 4.52
N GLU A 535 -2.04 19.71 4.69
CA GLU A 535 -2.29 18.79 3.60
C GLU A 535 -3.75 18.86 3.15
N LEU A 536 -4.67 18.97 4.10
CA LEU A 536 -6.08 19.05 3.76
C LEU A 536 -6.43 20.39 3.11
N LYS A 537 -5.76 21.47 3.49
CA LYS A 537 -5.97 22.73 2.80
C LYS A 537 -5.52 22.63 1.34
N VAL A 538 -4.37 22.00 1.10
CA VAL A 538 -3.93 21.81 -0.27
C VAL A 538 -4.92 20.94 -1.04
N LEU A 539 -5.40 19.87 -0.42
CA LEU A 539 -6.36 19.00 -1.08
C LEU A 539 -7.69 19.71 -1.32
N LYS A 540 -8.10 20.60 -0.41
CA LYS A 540 -9.31 21.39 -0.63
C LYS A 540 -9.17 22.31 -1.82
N LYS A 541 -8.02 22.96 -1.96
CA LYS A 541 -7.79 23.81 -3.12
C LYS A 541 -7.80 22.99 -4.41
N SER A 542 -7.17 21.81 -4.37
CA SER A 542 -7.18 20.94 -5.54
C SER A 542 -8.60 20.51 -5.90
N ALA A 543 -9.42 20.20 -4.89
CA ALA A 543 -10.81 19.83 -5.14
C ALA A 543 -11.60 21.00 -5.69
N TYR A 544 -11.30 22.22 -5.25
CA TYR A 544 -11.96 23.40 -5.80
C TYR A 544 -11.65 23.55 -7.28
N LEU A 545 -10.38 23.40 -7.65
CA LEU A 545 -10.01 23.48 -9.07
C LEU A 545 -10.64 22.36 -9.87
N ALA A 546 -10.70 21.15 -9.29
CA ALA A 546 -11.34 20.03 -9.98
C ALA A 546 -12.83 20.29 -10.18
N ALA A 547 -13.48 20.89 -9.19
CA ALA A 547 -14.89 21.24 -9.33
C ALA A 547 -15.10 22.28 -10.42
N VAL A 548 -14.21 23.28 -10.49
CA VAL A 548 -14.31 24.27 -11.55
C VAL A 548 -14.14 23.61 -12.92
N GLY A 549 -13.17 22.70 -13.04
CA GLY A 549 -12.98 22.00 -14.29
C GLY A 549 -14.18 21.14 -14.68
N THR A 550 -14.76 20.44 -13.70
CA THR A 550 -15.96 19.66 -13.97
C THR A 550 -17.11 20.56 -14.42
N PHE A 551 -17.26 21.72 -13.77
CA PHE A 551 -18.33 22.64 -14.13
C PHE A 551 -18.17 23.12 -15.57
N THR A 552 -16.96 23.56 -15.94
CA THR A 552 -16.78 24.08 -17.29
C THR A 552 -16.89 22.97 -18.33
N TRP A 553 -16.43 21.77 -18.02
CA TRP A 553 -16.58 20.68 -18.96
C TRP A 553 -18.04 20.28 -19.15
N VAL A 554 -18.83 20.40 -18.07
CA VAL A 554 -20.27 19.99 -18.15
C VAL A 554 -21.06 21.09 -18.87
N CYS A 555 -20.66 22.35 -18.74
CA CYS A 555 -21.32 23.43 -19.46
C CYS A 555 -20.78 23.62 -20.87
N THR A 556 -19.67 22.98 -21.22
CA THR A 556 -19.12 23.13 -22.57
C THR A 556 -20.06 22.67 -23.67
N PRO A 557 -20.70 21.47 -23.60
CA PRO A 557 -21.55 20.99 -24.70
C PRO A 557 -22.75 21.94 -24.89
N PHE A 558 -23.32 22.42 -23.79
CA PHE A 558 -24.44 23.39 -23.91
C PHE A 558 -23.93 24.60 -24.69
N LEU A 559 -22.70 25.03 -24.40
CA LEU A 559 -22.10 26.17 -25.17
C LEU A 559 -21.87 25.72 -26.62
N VAL A 560 -21.31 24.51 -26.81
CA VAL A 560 -21.04 23.99 -28.18
C VAL A 560 -22.26 24.26 -29.05
N ALA A 561 -23.42 23.76 -28.62
CA ALA A 561 -24.70 23.97 -29.32
C ALA A 561 -25.02 25.46 -29.41
N LEU A 562 -25.27 26.11 -28.27
CA LEU A 562 -25.64 27.55 -28.27
C LEU A 562 -24.80 28.31 -29.30
N SER A 563 -23.47 28.18 -29.22
CA SER A 563 -22.57 28.91 -30.15
C SER A 563 -22.81 28.44 -31.59
N THR A 564 -22.92 27.13 -31.80
CA THR A 564 -23.09 26.58 -33.17
C THR A 564 -24.40 27.08 -33.79
N PHE A 565 -25.54 26.86 -33.13
CA PHE A 565 -26.81 27.42 -33.66
C PHE A 565 -26.68 28.93 -33.86
N ALA A 566 -26.00 29.63 -32.95
CA ALA A 566 -25.91 31.12 -33.04
C ALA A 566 -25.25 31.54 -34.36
N VAL A 567 -24.12 30.92 -34.72
CA VAL A 567 -23.39 31.31 -35.96
C VAL A 567 -24.16 30.80 -37.18
N TYR A 568 -24.83 29.66 -37.04
CA TYR A 568 -25.56 29.06 -38.16
C TYR A 568 -26.70 29.94 -38.63
N VAL A 569 -27.44 30.55 -37.70
CA VAL A 569 -28.56 31.40 -38.11
C VAL A 569 -28.06 32.62 -38.87
N THR A 570 -26.83 33.05 -38.61
CA THR A 570 -26.25 34.17 -39.34
C THR A 570 -24.96 33.76 -40.05
N ASN A 575 -28.47 27.17 -43.91
CA ASN A 575 -29.94 27.33 -44.02
C ASN A 575 -30.52 27.73 -42.66
N ILE A 576 -31.77 27.36 -42.39
CA ILE A 576 -32.43 27.73 -41.11
C ILE A 576 -32.54 26.47 -40.23
N LEU A 577 -33.11 26.60 -39.03
CA LEU A 577 -33.13 25.49 -38.05
C LEU A 577 -34.54 24.90 -37.95
N ASP A 578 -34.95 24.13 -38.96
CA ASP A 578 -36.29 23.48 -38.93
C ASP A 578 -36.36 22.63 -37.66
N ALA A 579 -37.54 22.58 -37.02
CA ALA A 579 -37.66 21.83 -35.75
C ALA A 579 -36.92 20.50 -35.87
N GLN A 580 -37.00 19.86 -37.04
CA GLN A 580 -36.29 18.57 -37.28
C GLN A 580 -34.78 18.82 -37.34
N LYS A 581 -34.30 19.53 -38.37
CA LYS A 581 -32.82 19.70 -38.53
C LYS A 581 -32.21 20.21 -37.22
N ALA A 582 -32.83 21.22 -36.61
CA ALA A 582 -32.29 21.81 -35.36
C ALA A 582 -32.22 20.74 -34.27
N PHE A 583 -33.25 19.89 -34.16
CA PHE A 583 -33.28 18.96 -32.99
C PHE A 583 -32.58 17.63 -33.30
N VAL A 584 -32.38 17.29 -34.58
CA VAL A 584 -31.58 16.06 -34.87
C VAL A 584 -30.13 16.38 -34.46
N SER A 585 -29.85 17.65 -34.18
CA SER A 585 -28.48 18.06 -33.75
C SER A 585 -28.39 18.09 -32.22
N LEU A 586 -29.49 18.40 -31.53
CA LEU A 586 -29.49 18.49 -30.05
C LEU A 586 -29.23 17.09 -29.45
N ALA A 587 -29.86 16.06 -30.02
CA ALA A 587 -29.69 14.69 -29.50
C ALA A 587 -28.21 14.34 -29.50
N LEU A 588 -27.51 14.64 -30.60
CA LEU A 588 -26.05 14.32 -30.72
C LEU A 588 -25.27 15.17 -29.73
N PHE A 589 -25.67 16.43 -29.50
CA PHE A 589 -24.99 17.27 -28.48
C PHE A 589 -25.02 16.55 -27.12
N ASN A 590 -26.17 15.97 -26.77
CA ASN A 590 -26.29 15.22 -25.49
C ASN A 590 -25.35 14.01 -25.54
N ILE A 591 -25.29 13.33 -26.69
CA ILE A 591 -24.42 12.12 -26.84
C ILE A 591 -22.96 12.56 -26.66
N LEU A 592 -22.60 13.72 -27.22
CA LEU A 592 -21.21 14.26 -27.20
C LEU A 592 -20.84 14.73 -25.79
N ARG A 593 -21.84 15.04 -24.95
CA ARG A 593 -21.53 15.59 -23.61
C ARG A 593 -21.01 14.47 -22.69
N PHE A 594 -21.07 13.23 -23.15
CA PHE A 594 -20.58 12.07 -22.34
C PHE A 594 -19.05 12.18 -22.18
N PRO A 595 -18.23 12.18 -23.26
CA PRO A 595 -16.78 12.32 -23.14
C PRO A 595 -16.38 13.58 -22.35
N LEU A 596 -17.10 14.68 -22.55
CA LEU A 596 -16.75 15.95 -21.87
C LEU A 596 -16.99 15.80 -20.36
N ASN A 597 -17.98 15.00 -19.97
CA ASN A 597 -18.22 14.76 -18.55
C ASN A 597 -17.17 13.83 -17.97
N ILE A 598 -16.71 12.86 -18.76
CA ILE A 598 -15.74 11.86 -18.25
C ILE A 598 -14.33 12.46 -18.24
N LEU A 599 -14.10 13.51 -19.03
CA LEU A 599 -12.74 14.10 -19.19
C LEU A 599 -12.15 14.57 -17.85
N PRO A 600 -12.82 15.43 -17.04
CA PRO A 600 -12.20 15.95 -15.82
C PRO A 600 -11.59 14.81 -14.99
N MET A 601 -12.30 13.70 -14.84
CA MET A 601 -11.77 12.54 -14.08
C MET A 601 -10.44 12.10 -14.72
N VAL A 602 -10.43 11.91 -16.04
CA VAL A 602 -9.22 11.50 -16.74
C VAL A 602 -8.09 12.49 -16.47
N ILE A 603 -8.39 13.79 -16.51
CA ILE A 603 -7.37 14.81 -16.29
C ILE A 603 -6.83 14.73 -14.87
N SER A 604 -7.73 14.58 -13.89
CA SER A 604 -7.29 14.48 -12.50
C SER A 604 -6.45 13.24 -12.28
N SER A 605 -6.88 12.10 -12.84
CA SER A 605 -6.11 10.87 -12.68
C SER A 605 -4.75 10.97 -13.34
N ILE A 606 -4.68 11.60 -14.52
CA ILE A 606 -3.40 11.76 -15.20
C ILE A 606 -2.47 12.66 -14.39
N VAL A 607 -3.02 13.74 -13.81
CA VAL A 607 -2.19 14.64 -13.02
C VAL A 607 -1.64 13.92 -11.78
N GLN A 608 -2.51 13.19 -11.07
CA GLN A 608 -2.07 12.48 -9.89
C GLN A 608 -1.04 11.41 -10.25
N ALA A 609 -1.27 10.69 -11.34
CA ALA A 609 -0.31 9.66 -11.76
C ALA A 609 1.00 10.27 -12.21
N SER A 610 0.98 11.47 -12.80
CA SER A 610 2.22 12.13 -13.18
C SER A 610 3.02 12.54 -11.95
N VAL A 611 2.34 13.06 -10.93
CA VAL A 611 3.02 13.38 -9.68
C VAL A 611 3.62 12.13 -9.05
N SER A 612 2.83 11.04 -9.08
CA SER A 612 3.31 9.75 -8.54
C SER A 612 4.55 9.28 -9.32
N LEU A 613 4.47 9.32 -10.66
CA LEU A 613 5.60 8.88 -11.51
C LEU A 613 6.84 9.69 -11.12
N LYS A 614 6.69 11.00 -10.96
CA LYS A 614 7.83 11.87 -10.59
C LYS A 614 8.41 11.41 -9.25
N ARG A 615 7.56 11.27 -8.23
CA ARG A 615 8.04 10.88 -6.88
C ARG A 615 8.75 9.52 -6.97
N LEU A 616 8.22 8.61 -7.77
CA LEU A 616 8.79 7.26 -7.83
C LEU A 616 10.07 7.23 -8.66
N ARG A 617 10.12 7.99 -9.74
CA ARG A 617 11.34 8.07 -10.55
C ARG A 617 12.45 8.74 -9.77
N VAL A 618 12.13 9.77 -8.98
CA VAL A 618 13.14 10.39 -8.12
C VAL A 618 13.66 9.39 -7.11
N PHE A 619 12.77 8.60 -6.51
CA PHE A 619 13.21 7.61 -5.53
C PHE A 619 14.09 6.55 -6.17
N LEU A 620 13.66 6.02 -7.31
CA LEU A 620 14.42 4.95 -7.97
C LEU A 620 15.72 5.45 -8.60
N SER A 621 15.91 6.76 -8.70
CA SER A 621 17.16 7.32 -9.20
C SER A 621 18.09 7.74 -8.08
N HIS A 622 17.70 7.42 -6.84
CA HIS A 622 18.52 7.83 -5.65
C HIS A 622 19.84 7.07 -5.65
N GLU A 623 20.90 7.70 -5.14
CA GLU A 623 22.22 7.04 -5.07
C GLU A 623 22.10 5.77 -4.23
N ASP A 624 22.64 4.65 -4.72
CA ASP A 624 22.64 3.40 -3.91
C ASP A 624 24.09 3.13 -3.48
N LEU A 625 24.32 2.74 -2.22
CA LEU A 625 25.72 2.57 -1.74
C LEU A 625 26.43 1.47 -2.55
N ASP A 626 27.74 1.61 -2.74
CA ASP A 626 28.51 0.61 -3.51
C ASP A 626 29.22 -0.33 -2.54
N PRO A 627 28.84 -1.63 -2.47
CA PRO A 627 29.52 -2.59 -1.60
C PRO A 627 30.93 -2.83 -2.15
N ASP A 628 31.06 -2.81 -3.48
CA ASP A 628 32.39 -3.00 -4.12
C ASP A 628 33.43 -2.14 -3.40
N SER A 629 33.01 -0.96 -2.91
CA SER A 629 33.98 -0.05 -2.26
C SER A 629 34.78 -0.82 -1.21
N ILE A 630 34.10 -1.70 -0.45
CA ILE A 630 34.81 -2.55 0.55
C ILE A 630 35.20 -3.85 -0.15
N GLN A 631 36.48 -4.00 -0.52
CA GLN A 631 36.96 -5.25 -1.19
C GLN A 631 36.55 -6.31 -0.14
N ARG A 632 35.49 -7.07 -0.43
CA ARG A 632 35.06 -8.16 0.49
C ARG A 632 35.61 -9.49 -0.03
N ARG A 633 36.94 -9.64 -0.07
CA ARG A 633 37.57 -10.87 -0.59
C ARG A 633 37.10 -12.07 0.23
N PRO A 634 36.82 -13.24 -0.38
CA PRO A 634 36.44 -14.44 0.38
C PRO A 634 37.65 -15.00 1.12
N ILE A 635 37.41 -15.89 2.09
CA ILE A 635 38.51 -16.49 2.83
C ILE A 635 39.18 -17.59 2.01
N ALA A 640 44.89 -11.65 1.80
CA ALA A 640 45.99 -12.03 2.72
C ALA A 640 45.42 -12.38 4.10
N THR A 641 46.27 -12.82 5.02
CA THR A 641 45.81 -13.21 6.38
C THR A 641 45.38 -11.96 7.17
N ASN A 642 45.54 -10.78 6.56
CA ASN A 642 45.06 -9.54 7.24
C ASN A 642 43.55 -9.48 7.03
N SER A 643 42.76 -10.07 7.92
CA SER A 643 41.29 -10.14 7.73
C SER A 643 40.74 -8.77 7.34
N ILE A 644 41.08 -7.72 8.09
CA ILE A 644 40.54 -6.35 7.81
C ILE A 644 41.71 -5.39 7.62
N THR A 645 41.89 -4.87 6.41
CA THR A 645 42.94 -3.89 6.15
C THR A 645 42.31 -2.61 5.63
N VAL A 646 42.80 -1.48 6.11
CA VAL A 646 42.33 -0.16 5.70
C VAL A 646 43.54 0.70 5.38
N LYS A 647 43.52 1.35 4.22
CA LYS A 647 44.62 2.20 3.76
C LYS A 647 44.05 3.57 3.42
N ASN A 648 44.24 4.52 4.33
CA ASN A 648 43.93 5.93 4.13
C ASN A 648 42.49 6.14 3.65
N ALA A 649 41.56 5.61 4.44
CA ALA A 649 40.14 5.75 4.14
C ALA A 649 39.63 7.09 4.67
N THR A 650 38.80 7.75 3.85
CA THR A 650 38.23 9.04 4.21
C THR A 650 36.71 8.95 4.20
N PHE A 651 36.18 7.93 4.86
CA PHE A 651 34.75 7.64 4.82
C PHE A 651 33.91 8.84 5.23
N THR A 652 32.81 9.06 4.52
CA THR A 652 31.85 10.10 4.83
C THR A 652 30.45 9.52 4.81
N TRP A 653 29.59 10.02 5.71
CA TRP A 653 28.20 9.59 5.70
C TRP A 653 27.46 10.10 4.48
N ALA A 654 27.77 11.33 4.06
CA ALA A 654 27.21 11.91 2.85
C ALA A 654 28.29 12.75 2.18
N ARG A 655 28.15 12.93 0.86
CA ARG A 655 29.14 13.72 0.13
C ARG A 655 29.13 15.19 0.57
N ASN A 656 27.93 15.75 0.79
CA ASN A 656 27.84 17.14 1.20
C ASN A 656 28.44 17.35 2.59
N ASP A 657 28.18 16.45 3.51
CA ASP A 657 28.70 16.59 4.86
C ASP A 657 30.20 16.30 4.88
N PRO A 658 30.94 16.90 5.82
CA PRO A 658 32.35 16.59 5.94
C PRO A 658 32.55 15.14 6.34
N PRO A 659 33.65 14.53 5.93
CA PRO A 659 33.88 13.12 6.26
C PRO A 659 33.93 12.90 7.77
N THR A 660 33.36 11.76 8.20
CA THR A 660 33.39 11.42 9.61
C THR A 660 34.69 10.73 10.00
N LEU A 661 35.23 9.91 9.10
CA LEU A 661 36.48 9.20 9.33
C LEU A 661 37.57 9.87 8.52
N HIS A 662 38.64 10.30 9.19
CA HIS A 662 39.71 11.07 8.58
C HIS A 662 40.96 10.22 8.53
N GLY A 663 41.32 9.75 7.33
CA GLY A 663 42.56 9.03 7.15
C GLY A 663 42.66 7.75 7.96
N ILE A 664 41.60 6.96 7.95
CA ILE A 664 41.60 5.71 8.72
C ILE A 664 42.59 4.74 8.09
N THR A 665 43.45 4.15 8.92
CA THR A 665 44.43 3.19 8.43
C THR A 665 44.78 2.21 9.54
N PHE A 666 44.39 0.95 9.36
CA PHE A 666 44.76 -0.11 10.27
C PHE A 666 44.63 -1.44 9.56
N SER A 667 45.38 -2.43 10.05
CA SER A 667 45.39 -3.78 9.47
C SER A 667 45.27 -4.78 10.61
N VAL A 668 44.17 -5.51 10.63
CA VAL A 668 43.87 -6.46 11.70
C VAL A 668 44.19 -7.87 11.20
N PRO A 669 45.14 -8.57 11.79
CA PRO A 669 45.44 -9.94 11.37
C PRO A 669 44.27 -10.86 11.67
N GLU A 670 44.30 -12.03 11.03
CA GLU A 670 43.22 -13.00 11.18
C GLU A 670 43.12 -13.49 12.62
N GLY A 671 41.89 -13.64 13.10
CA GLY A 671 41.66 -14.17 14.43
C GLY A 671 42.25 -13.32 15.53
N SER A 672 42.21 -11.99 15.38
CA SER A 672 42.75 -11.07 16.36
C SER A 672 41.62 -10.31 17.03
N LEU A 673 41.59 -10.35 18.36
CA LEU A 673 40.58 -9.63 19.12
C LEU A 673 40.94 -8.15 19.14
N VAL A 674 40.04 -7.32 18.64
CA VAL A 674 40.27 -5.89 18.47
C VAL A 674 39.18 -5.13 19.19
N ALA A 675 39.58 -4.16 20.00
CA ALA A 675 38.65 -3.29 20.70
C ALA A 675 38.80 -1.87 20.18
N VAL A 676 37.71 -1.29 19.68
CA VAL A 676 37.68 0.08 19.20
C VAL A 676 37.16 0.93 20.35
N VAL A 677 38.06 1.58 21.07
CA VAL A 677 37.70 2.42 22.21
C VAL A 677 37.67 3.87 21.75
N GLY A 678 37.01 4.69 22.55
CA GLY A 678 36.92 6.11 22.26
C GLY A 678 35.82 6.75 23.08
N GLN A 679 35.66 8.06 22.87
CA GLN A 679 34.65 8.83 23.56
C GLN A 679 33.36 8.84 22.75
N VAL A 680 32.41 9.69 23.12
CA VAL A 680 31.16 9.78 22.37
C VAL A 680 31.39 10.51 21.06
N GLY A 681 30.84 9.96 19.98
CA GLY A 681 30.89 10.61 18.69
C GLY A 681 32.26 10.73 18.06
N CYS A 682 33.05 9.66 18.09
CA CYS A 682 34.36 9.66 17.44
C CYS A 682 34.42 8.71 16.25
N GLY A 683 33.29 8.15 15.81
CA GLY A 683 33.26 7.33 14.62
C GLY A 683 33.53 5.86 14.80
N LYS A 684 33.38 5.33 16.02
CA LYS A 684 33.54 3.89 16.22
C LYS A 684 32.47 3.10 15.50
N SER A 685 31.21 3.43 15.76
CA SER A 685 30.13 2.80 15.00
C SER A 685 30.18 3.23 13.54
N SER A 686 30.68 4.44 13.27
CA SER A 686 30.92 4.84 11.90
C SER A 686 31.99 3.97 11.26
N LEU A 687 33.03 3.61 12.01
CA LEU A 687 34.03 2.70 11.47
C LEU A 687 33.45 1.34 11.15
N LEU A 688 32.65 0.78 12.07
CA LEU A 688 32.06 -0.52 11.83
C LEU A 688 31.10 -0.49 10.63
N SER A 689 30.29 0.57 10.53
CA SER A 689 29.42 0.70 9.37
C SER A 689 30.19 1.02 8.10
N ALA A 690 31.40 1.56 8.21
CA ALA A 690 32.24 1.76 7.04
C ALA A 690 32.78 0.43 6.52
N LEU A 691 33.13 -0.47 7.44
CA LEU A 691 33.52 -1.82 7.01
C LEU A 691 32.34 -2.60 6.44
N LEU A 692 31.11 -2.15 6.71
CA LEU A 692 29.90 -2.77 6.18
C LEU A 692 29.45 -2.18 4.86
N ALA A 693 30.21 -1.25 4.29
CA ALA A 693 29.85 -0.54 3.06
C ALA A 693 28.58 0.30 3.23
N GLU A 694 28.26 0.65 4.48
CA GLU A 694 27.09 1.53 4.71
C GLU A 694 27.57 2.99 4.69
N MET A 695 28.89 3.20 4.58
CA MET A 695 29.44 4.59 4.59
C MET A 695 30.08 4.91 3.24
N ASP A 696 29.75 6.07 2.68
CA ASP A 696 30.35 6.51 1.43
C ASP A 696 31.85 6.74 1.63
N LYS A 697 32.64 6.21 0.70
CA LYS A 697 34.12 6.31 0.82
C LYS A 697 34.66 7.36 -0.16
N VAL A 698 35.16 8.48 0.37
CA VAL A 698 35.73 9.52 -0.46
C VAL A 698 36.97 9.00 -1.20
N GLU A 699 37.87 8.36 -0.47
CA GLU A 699 39.10 7.81 -1.04
C GLU A 699 39.74 6.88 -0.02
N GLY A 700 40.31 5.79 -0.49
CA GLY A 700 40.98 4.85 0.38
C GLY A 700 41.01 3.47 -0.24
N HIS A 701 41.45 2.51 0.57
CA HIS A 701 41.51 1.11 0.14
C HIS A 701 41.14 0.23 1.32
N VAL A 702 39.93 -0.31 1.32
CA VAL A 702 39.42 -1.13 2.42
C VAL A 702 39.20 -2.54 1.89
N THR A 703 39.74 -3.52 2.61
CA THR A 703 39.55 -4.93 2.28
C THR A 703 39.10 -5.66 3.53
N VAL A 704 37.89 -6.19 3.50
CA VAL A 704 37.33 -7.00 4.58
C VAL A 704 37.18 -8.42 4.04
N LYS A 705 37.94 -9.35 4.59
CA LYS A 705 38.00 -10.72 4.08
C LYS A 705 37.18 -11.64 4.97
N GLY A 706 36.26 -12.37 4.36
CA GLY A 706 35.40 -13.29 5.08
C GLY A 706 34.00 -12.73 5.29
N SER A 707 33.10 -13.62 5.69
CA SER A 707 31.73 -13.22 5.99
C SER A 707 31.69 -12.33 7.22
N VAL A 708 30.85 -11.31 7.18
CA VAL A 708 30.75 -10.31 8.23
C VAL A 708 29.49 -10.57 9.05
N ALA A 709 29.64 -10.62 10.37
CA ALA A 709 28.52 -10.73 11.29
C ALA A 709 28.49 -9.47 12.15
N TYR A 710 27.41 -8.69 12.05
CA TYR A 710 27.41 -7.37 12.76
C TYR A 710 26.31 -7.30 13.82
N VAL A 711 26.60 -6.67 14.96
CA VAL A 711 25.57 -6.45 16.01
C VAL A 711 25.42 -4.94 16.20
N PRO A 712 24.26 -4.32 15.85
CA PRO A 712 24.11 -2.87 15.95
C PRO A 712 23.98 -2.42 17.41
N GLN A 713 24.61 -1.29 17.75
CA GLN A 713 24.49 -0.76 19.10
C GLN A 713 23.05 -0.83 19.60
N GLN A 714 22.09 -0.47 18.75
CA GLN A 714 20.67 -0.64 19.04
C GLN A 714 20.20 -1.91 18.35
N ALA A 715 19.91 -2.94 19.16
CA ALA A 715 19.58 -4.25 18.61
C ALA A 715 18.32 -4.20 17.77
N TRP A 716 18.36 -4.84 16.61
CA TRP A 716 17.22 -4.96 15.71
C TRP A 716 16.62 -6.35 15.85
N ILE A 717 15.34 -6.42 16.18
CA ILE A 717 14.65 -7.69 16.39
C ILE A 717 13.33 -7.65 15.61
N GLN A 718 13.03 -8.73 14.90
CA GLN A 718 11.81 -8.82 14.13
C GLN A 718 10.68 -9.38 15.01
N ASN A 719 9.53 -9.68 14.39
CA ASN A 719 8.40 -10.21 15.12
C ASN A 719 8.47 -11.71 15.35
N ILE A 720 9.42 -12.40 14.71
CA ILE A 720 9.54 -13.84 14.90
C ILE A 720 10.05 -14.14 16.31
N SER A 721 9.86 -15.38 16.73
CA SER A 721 10.22 -15.79 18.09
C SER A 721 11.73 -15.77 18.27
N LEU A 722 12.18 -16.07 19.50
CA LEU A 722 13.61 -16.04 19.79
C LEU A 722 14.36 -17.07 18.96
N ARG A 723 13.80 -18.26 18.78
CA ARG A 723 14.49 -19.27 17.99
C ARG A 723 14.73 -18.80 16.57
N GLU A 724 13.72 -18.18 15.96
CA GLU A 724 13.87 -17.66 14.61
C GLU A 724 14.74 -16.41 14.55
N ASN A 725 14.84 -15.67 15.65
CA ASN A 725 15.77 -14.54 15.69
C ASN A 725 17.22 -15.02 15.78
N ILE A 726 17.49 -16.01 16.63
CA ILE A 726 18.83 -16.56 16.75
C ILE A 726 19.24 -17.24 15.45
N LEU A 727 18.33 -18.02 14.86
CA LEU A 727 18.61 -18.65 13.58
C LEU A 727 18.82 -17.61 12.49
N PHE A 728 17.89 -16.66 12.38
CA PHE A 728 17.93 -15.63 11.34
C PHE A 728 18.01 -16.26 9.96
N GLY A 729 17.07 -17.15 9.68
CA GLY A 729 17.04 -17.86 8.41
C GLY A 729 18.20 -18.81 8.22
N ARG A 730 18.62 -19.50 9.27
CA ARG A 730 19.69 -20.48 9.20
C ARG A 730 19.12 -21.86 9.57
N GLN A 731 19.77 -22.90 9.05
CA GLN A 731 19.38 -24.26 9.42
C GLN A 731 19.64 -24.48 10.91
N LEU A 732 18.68 -25.09 11.58
CA LEU A 732 18.80 -25.35 13.00
C LEU A 732 19.77 -26.51 13.25
N GLN A 733 20.76 -26.26 14.11
CA GLN A 733 21.69 -27.29 14.57
C GLN A 733 21.63 -27.26 16.09
N GLU A 734 20.98 -28.27 16.69
CA GLU A 734 20.73 -28.23 18.13
C GLU A 734 22.02 -28.20 18.93
N ARG A 735 23.03 -28.96 18.50
CA ARG A 735 24.30 -28.99 19.21
C ARG A 735 24.92 -27.60 19.28
N TYR A 736 24.85 -26.84 18.19
CA TYR A 736 25.40 -25.49 18.17
C TYR A 736 24.43 -24.45 18.68
N TYR A 737 23.13 -24.63 18.44
CA TYR A 737 22.15 -23.66 18.94
C TYR A 737 22.13 -23.64 20.46
N LYS A 738 22.14 -24.81 21.10
CA LYS A 738 22.17 -24.86 22.56
C LYS A 738 23.46 -24.26 23.10
N ALA A 739 24.58 -24.54 22.44
CA ALA A 739 25.86 -23.97 22.87
C ALA A 739 25.84 -22.45 22.77
N VAL A 740 25.29 -21.92 21.68
CA VAL A 740 25.21 -20.46 21.51
C VAL A 740 24.29 -19.85 22.56
N VAL A 741 23.15 -20.47 22.82
CA VAL A 741 22.23 -19.93 23.81
C VAL A 741 22.85 -19.94 25.20
N GLU A 742 23.49 -21.06 25.57
CA GLU A 742 24.11 -21.14 26.89
C GLU A 742 25.28 -20.17 27.02
N ALA A 743 26.10 -20.05 25.97
CA ALA A 743 27.27 -19.19 26.04
C ALA A 743 26.90 -17.73 26.19
N CYS A 744 25.86 -17.29 25.47
CA CYS A 744 25.43 -15.89 25.52
C CYS A 744 24.62 -15.55 26.76
N ALA A 745 24.61 -16.43 27.76
CA ALA A 745 23.91 -16.20 29.02
C ALA A 745 22.41 -15.97 28.81
N LEU A 746 21.89 -16.48 27.70
CA LEU A 746 20.47 -16.32 27.37
C LEU A 746 19.60 -17.40 27.98
N LEU A 747 20.20 -18.44 28.57
CA LEU A 747 19.42 -19.55 29.10
C LEU A 747 18.50 -19.15 30.25
N PRO A 748 18.94 -18.43 31.28
CA PRO A 748 18.00 -18.06 32.35
C PRO A 748 16.83 -17.22 31.87
N ASP A 749 17.06 -16.33 30.90
CA ASP A 749 15.96 -15.53 30.36
C ASP A 749 14.93 -16.41 29.69
N LEU A 750 15.38 -17.43 28.94
CA LEU A 750 14.46 -18.39 28.36
C LEU A 750 13.72 -19.16 29.46
N GLU A 751 14.40 -19.46 30.56
CA GLU A 751 13.73 -20.16 31.67
C GLU A 751 12.61 -19.31 32.25
N ILE A 752 12.84 -18.01 32.41
CA ILE A 752 11.80 -17.14 32.96
C ILE A 752 10.81 -16.64 31.92
N LEU A 753 11.09 -16.86 30.63
CA LEU A 753 10.11 -16.54 29.61
C LEU A 753 8.98 -17.56 29.63
N PRO A 754 7.77 -17.18 29.18
CA PRO A 754 6.63 -18.10 29.26
C PRO A 754 6.80 -19.37 28.45
N SER A 755 7.04 -19.24 27.14
CA SER A 755 7.17 -20.37 26.25
C SER A 755 8.62 -20.75 25.99
N GLY A 756 9.57 -20.11 26.67
CA GLY A 756 10.98 -20.39 26.45
C GLY A 756 11.53 -19.65 25.25
N ASP A 757 12.11 -20.39 24.30
CA ASP A 757 12.69 -19.79 23.11
C ASP A 757 11.72 -19.74 21.95
N ARG A 758 10.46 -20.13 22.16
CA ARG A 758 9.46 -20.13 21.10
C ARG A 758 8.43 -19.02 21.23
N THR A 759 8.44 -18.27 22.34
CA THR A 759 7.46 -17.22 22.51
C THR A 759 7.70 -16.09 21.52
N GLU A 760 6.60 -15.51 21.03
CA GLU A 760 6.71 -14.38 20.12
C GLU A 760 7.36 -13.20 20.84
N ILE A 761 8.09 -12.38 20.08
CA ILE A 761 9.02 -11.42 20.66
C ILE A 761 8.64 -9.98 20.36
N GLY A 762 7.58 -9.74 19.60
CA GLY A 762 7.10 -8.39 19.38
C GLY A 762 7.72 -7.75 18.15
N GLU A 763 7.10 -6.64 17.74
CA GLU A 763 7.48 -6.00 16.48
C GLU A 763 8.90 -5.46 16.51
N LYS A 764 9.30 -4.83 17.62
CA LYS A 764 10.60 -4.18 17.71
C LYS A 764 11.44 -4.76 18.84
N GLY A 765 11.16 -5.99 19.24
CA GLY A 765 11.78 -6.53 20.43
C GLY A 765 11.32 -5.88 21.71
N VAL A 766 10.16 -5.21 21.68
CA VAL A 766 9.62 -4.56 22.87
C VAL A 766 9.25 -5.59 23.94
N ASN A 767 9.04 -6.85 23.56
CA ASN A 767 8.83 -7.89 24.55
C ASN A 767 10.07 -8.07 25.41
N LEU A 768 11.25 -7.98 24.81
CA LEU A 768 12.50 -8.22 25.51
C LEU A 768 12.96 -6.97 26.24
N SER A 769 13.88 -7.18 27.19
CA SER A 769 14.55 -6.07 27.84
C SER A 769 15.71 -5.59 26.97
N GLY A 770 16.33 -4.48 27.39
CA GLY A 770 17.49 -4.00 26.67
C GLY A 770 18.63 -4.98 26.69
N GLY A 771 18.93 -5.54 27.86
CA GLY A 771 19.98 -6.54 27.94
C GLY A 771 19.61 -7.81 27.18
N GLN A 772 18.36 -8.26 27.29
CA GLN A 772 17.94 -9.44 26.55
C GLN A 772 17.94 -9.18 25.05
N LYS A 773 17.56 -7.96 24.66
CA LYS A 773 17.60 -7.61 23.21
C LYS A 773 19.06 -7.70 22.73
N GLN A 774 19.99 -7.09 23.48
CA GLN A 774 21.38 -7.12 23.08
C GLN A 774 21.92 -8.55 23.03
N ARG A 775 21.55 -9.38 24.01
CA ARG A 775 22.00 -10.76 24.02
C ARG A 775 21.43 -11.54 22.85
N VAL A 776 20.17 -11.31 22.50
CA VAL A 776 19.57 -12.01 21.37
C VAL A 776 20.24 -11.59 20.07
N SER A 777 20.51 -10.29 19.90
CA SER A 777 21.22 -9.85 18.70
C SER A 777 22.62 -10.44 18.62
N LEU A 778 23.33 -10.46 19.75
CA LEU A 778 24.68 -11.02 19.76
C LEU A 778 24.65 -12.52 19.48
N ALA A 779 23.66 -13.24 20.03
CA ALA A 779 23.54 -14.66 19.76
C ALA A 779 23.15 -14.92 18.31
N ARG A 780 22.35 -14.05 17.71
CA ARG A 780 22.05 -14.18 16.29
C ARG A 780 23.29 -14.01 15.45
N ALA A 781 24.14 -13.04 15.80
CA ALA A 781 25.38 -12.86 15.06
C ALA A 781 26.34 -14.03 15.27
N VAL A 782 26.41 -14.54 16.50
CA VAL A 782 27.35 -15.61 16.82
C VAL A 782 26.92 -16.92 16.17
N TYR A 783 25.63 -17.22 16.18
CA TYR A 783 25.14 -18.46 15.59
C TYR A 783 25.47 -18.53 14.10
N CYS A 784 25.28 -17.43 13.39
CA CYS A 784 25.69 -17.35 11.99
C CYS A 784 27.21 -17.36 11.97
N ASP A 785 27.79 -18.51 11.65
CA ASP A 785 29.24 -18.69 11.71
C ASP A 785 29.88 -17.87 10.60
N SER A 786 30.37 -16.69 10.95
CA SER A 786 31.05 -15.81 10.02
C SER A 786 32.55 -15.83 10.30
N ASP A 787 33.31 -15.16 9.42
CA ASP A 787 34.78 -15.11 9.59
C ASP A 787 35.14 -13.82 10.32
N VAL A 788 34.37 -12.75 10.10
CA VAL A 788 34.64 -11.44 10.76
C VAL A 788 33.43 -11.08 11.63
N TYR A 789 33.65 -10.71 12.89
CA TYR A 789 32.54 -10.27 13.72
C TYR A 789 32.77 -8.83 14.13
N LEU A 790 31.92 -7.92 13.62
CA LEU A 790 32.01 -6.50 14.04
C LEU A 790 31.01 -6.27 15.19
N LEU A 791 31.47 -6.32 16.43
CA LEU A 791 30.54 -6.20 17.59
C LEU A 791 30.50 -4.74 18.07
N ASP A 792 29.32 -4.13 18.05
CA ASP A 792 29.17 -2.72 18.50
C ASP A 792 28.46 -2.71 19.85
N ASP A 793 29.21 -2.54 20.95
CA ASP A 793 28.62 -2.50 22.28
C ASP A 793 27.58 -3.60 22.44
N PRO A 794 27.97 -4.88 22.45
CA PRO A 794 27.01 -5.96 22.72
C PRO A 794 26.82 -6.25 24.19
N LEU A 795 27.68 -5.70 25.06
CA LEU A 795 27.60 -5.92 26.49
C LEU A 795 27.37 -4.61 27.25
N SER A 796 26.91 -3.57 26.56
CA SER A 796 26.69 -2.29 27.21
C SER A 796 25.44 -2.28 28.08
N ALA A 797 24.44 -3.08 27.72
CA ALA A 797 23.16 -3.09 28.41
C ALA A 797 22.98 -4.31 29.31
N VAL A 798 24.06 -5.03 29.63
CA VAL A 798 24.00 -6.16 30.52
C VAL A 798 24.90 -5.90 31.72
N ASP A 799 24.56 -6.56 32.83
CA ASP A 799 25.29 -6.34 34.11
C ASP A 799 26.72 -6.87 34.00
N ALA A 800 27.51 -6.63 35.03
CA ALA A 800 28.92 -7.03 35.04
C ALA A 800 29.07 -8.54 34.98
N HIS A 801 28.25 -9.27 35.73
CA HIS A 801 28.39 -10.72 35.78
C HIS A 801 28.03 -11.36 34.44
N VAL A 802 26.88 -10.97 33.87
CA VAL A 802 26.48 -11.52 32.58
C VAL A 802 27.42 -11.07 31.49
N GLY A 803 27.90 -9.84 31.56
CA GLY A 803 28.87 -9.37 30.58
C GLY A 803 30.16 -10.16 30.62
N LYS A 804 30.69 -10.41 31.81
CA LYS A 804 31.90 -11.22 31.94
C LYS A 804 31.67 -12.64 31.47
N HIS A 805 30.51 -13.21 31.82
CA HIS A 805 30.18 -14.56 31.36
C HIS A 805 30.16 -14.63 29.85
N ILE A 806 29.50 -13.68 29.19
CA ILE A 806 29.42 -13.68 27.74
C ILE A 806 30.82 -13.50 27.14
N PHE A 807 31.58 -12.53 27.66
CA PHE A 807 32.88 -12.25 27.06
C PHE A 807 33.81 -13.46 27.19
N GLU A 808 33.82 -14.10 28.35
CA GLU A 808 34.66 -15.28 28.52
C GLU A 808 34.16 -16.45 27.68
N ASN A 809 32.85 -16.56 27.46
CA ASN A 809 32.29 -17.70 26.76
C ASN A 809 32.01 -17.44 25.29
N VAL A 810 31.98 -16.19 24.84
CA VAL A 810 31.65 -15.91 23.44
C VAL A 810 32.77 -15.13 22.76
N ILE A 811 33.06 -13.94 23.27
CA ILE A 811 33.94 -13.02 22.55
C ILE A 811 35.42 -13.24 22.88
N GLY A 812 35.74 -13.59 24.12
CA GLY A 812 37.11 -13.62 24.55
C GLY A 812 37.90 -14.73 23.89
N PRO A 813 39.20 -14.80 24.21
CA PRO A 813 40.06 -15.80 23.58
C PRO A 813 39.66 -17.23 23.89
N LYS A 814 38.91 -17.47 24.96
CA LYS A 814 38.43 -18.81 25.30
C LYS A 814 36.99 -19.03 24.89
N GLY A 815 36.39 -18.10 24.16
CA GLY A 815 34.99 -18.20 23.76
C GLY A 815 34.81 -18.94 22.46
N LEU A 816 33.55 -19.00 22.01
CA LEU A 816 33.23 -19.66 20.75
C LEU A 816 33.84 -18.93 19.56
N LEU A 817 34.05 -17.63 19.68
CA LEU A 817 34.55 -16.81 18.59
C LEU A 817 36.07 -16.67 18.61
N LYS A 818 36.77 -17.64 19.20
CA LYS A 818 38.22 -17.51 19.38
C LYS A 818 38.98 -17.59 18.06
N ASN A 819 38.41 -18.20 17.03
CA ASN A 819 39.09 -18.39 15.75
C ASN A 819 38.66 -17.37 14.70
N LYS A 820 37.85 -16.39 15.06
CA LYS A 820 37.37 -15.38 14.12
C LYS A 820 37.91 -14.01 14.50
N THR A 821 38.25 -13.21 13.49
CA THR A 821 38.59 -11.82 13.72
C THR A 821 37.40 -11.11 14.34
N ARG A 822 37.66 -10.34 15.41
CA ARG A 822 36.56 -9.68 16.15
C ARG A 822 36.86 -8.22 16.47
N LEU A 823 36.12 -7.28 15.88
CA LEU A 823 36.23 -5.86 16.20
C LEU A 823 35.15 -5.54 17.21
N LEU A 824 35.54 -5.34 18.47
CA LEU A 824 34.63 -5.14 19.58
C LEU A 824 34.66 -3.67 19.97
N VAL A 825 33.68 -2.91 19.49
CA VAL A 825 33.52 -1.51 19.86
C VAL A 825 32.95 -1.46 21.26
N THR A 826 33.76 -1.03 22.22
CA THR A 826 33.31 -1.03 23.61
C THR A 826 33.89 0.18 24.34
N HIS A 827 33.18 0.59 25.39
CA HIS A 827 33.63 1.64 26.29
C HIS A 827 34.15 1.10 27.61
N ALA A 828 33.66 -0.04 28.06
CA ALA A 828 34.17 -0.66 29.27
C ALA A 828 35.60 -1.13 29.07
N ILE A 829 36.45 -0.86 30.06
CA ILE A 829 37.86 -1.18 29.94
C ILE A 829 38.25 -2.35 30.83
N SER A 830 37.28 -3.11 31.34
CA SER A 830 37.61 -4.29 32.12
C SER A 830 38.24 -5.38 31.26
N TYR A 831 37.85 -5.46 29.99
CA TYR A 831 38.33 -6.50 29.09
C TYR A 831 39.47 -6.04 28.17
N LEU A 832 39.95 -4.81 28.34
CA LEU A 832 41.08 -4.35 27.52
C LEU A 832 42.34 -5.19 27.67
N PRO A 833 42.74 -5.65 28.86
CA PRO A 833 43.93 -6.53 28.92
C PRO A 833 43.79 -7.78 28.07
N GLN A 834 42.58 -8.32 27.95
CA GLN A 834 42.36 -9.48 27.09
C GLN A 834 42.50 -9.15 25.61
N MET A 835 42.39 -7.87 25.26
CA MET A 835 42.38 -7.46 23.85
C MET A 835 43.75 -7.71 23.22
N ASP A 836 43.73 -8.28 22.02
CA ASP A 836 44.99 -8.42 21.27
C ASP A 836 45.42 -7.08 20.69
N VAL A 837 44.47 -6.29 20.17
CA VAL A 837 44.75 -4.98 19.60
C VAL A 837 43.68 -4.01 20.06
N ILE A 838 44.10 -2.84 20.52
CA ILE A 838 43.19 -1.77 20.92
C ILE A 838 43.42 -0.59 19.99
N ILE A 839 42.37 -0.13 19.33
CA ILE A 839 42.41 1.05 18.48
C ILE A 839 41.62 2.16 19.17
N VAL A 840 42.30 3.27 19.42
CA VAL A 840 41.66 4.45 20.01
C VAL A 840 41.22 5.36 18.89
N MET A 841 39.92 5.66 18.83
CA MET A 841 39.35 6.55 17.84
C MET A 841 39.04 7.88 18.52
N SER A 842 39.74 8.94 18.12
CA SER A 842 39.53 10.26 18.68
C SER A 842 39.27 11.24 17.55
N GLY A 843 38.22 12.05 17.70
CA GLY A 843 37.90 13.06 16.72
C GLY A 843 37.57 12.53 15.34
N GLY A 844 37.30 11.24 15.22
CA GLY A 844 37.06 10.62 13.93
C GLY A 844 38.26 9.96 13.29
N LYS A 845 39.40 9.91 13.96
CA LYS A 845 40.60 9.34 13.37
C LYS A 845 41.33 8.48 14.38
N ILE A 846 42.22 7.63 13.87
CA ILE A 846 42.94 6.66 14.69
C ILE A 846 44.02 7.41 15.47
N SER A 847 43.74 7.72 16.73
CA SER A 847 44.72 8.43 17.54
C SER A 847 45.83 7.51 18.04
N GLU A 848 45.49 6.28 18.40
CA GLU A 848 46.46 5.38 19.03
C GLU A 848 46.10 3.94 18.71
N MET A 849 47.14 3.13 18.49
CA MET A 849 46.95 1.70 18.16
C MET A 849 47.99 0.86 18.92
N GLY A 850 47.58 -0.31 19.42
CA GLY A 850 48.46 -1.20 20.14
C GLY A 850 47.64 -2.07 21.07
N SER A 851 48.35 -2.80 21.93
CA SER A 851 47.72 -3.62 22.95
C SER A 851 47.64 -2.85 24.27
N TYR A 852 47.06 -3.48 25.28
CA TYR A 852 46.98 -2.85 26.59
C TYR A 852 48.36 -2.59 27.16
N GLN A 853 49.27 -3.56 27.03
CA GLN A 853 50.64 -3.36 27.51
C GLN A 853 51.42 -2.40 26.63
N GLU A 854 51.05 -2.27 25.35
CA GLU A 854 51.74 -1.34 24.48
C GLU A 854 51.28 0.10 24.70
N LEU A 855 49.98 0.29 24.91
CA LEU A 855 49.44 1.64 25.14
C LEU A 855 49.62 2.12 26.56
N LEU A 856 49.98 1.23 27.49
CA LEU A 856 50.27 1.62 28.86
C LEU A 856 51.73 2.06 29.05
N ALA A 857 52.56 1.89 28.04
CA ALA A 857 53.95 2.32 28.09
C ALA A 857 54.26 3.48 27.17
N ARG A 858 53.39 3.79 26.21
CA ARG A 858 53.61 4.91 25.32
C ARG A 858 53.50 6.25 26.02
N ASP A 859 52.82 6.30 27.16
CA ASP A 859 52.63 7.52 27.94
C ASP A 859 51.95 8.61 27.09
N GLY A 860 50.73 8.28 26.65
CA GLY A 860 49.95 9.20 25.84
C GLY A 860 48.60 9.54 26.44
N ALA A 861 47.67 9.99 25.60
CA ALA A 861 46.33 10.35 26.08
C ALA A 861 45.60 9.12 26.62
N PHE A 862 45.68 8.00 25.89
CA PHE A 862 45.05 6.78 26.38
C PHE A 862 45.73 6.27 27.64
N ALA A 863 47.03 6.53 27.80
CA ALA A 863 47.70 6.19 29.05
C ALA A 863 47.09 6.97 30.22
N GLU A 864 46.83 8.26 30.03
CA GLU A 864 46.17 9.05 31.07
C GLU A 864 44.76 8.54 31.32
N PHE A 865 44.05 8.15 30.25
CA PHE A 865 42.71 7.60 30.41
C PHE A 865 42.74 6.34 31.27
N LEU A 866 43.70 5.46 31.01
CA LEU A 866 43.77 4.21 31.77
C LEU A 866 44.25 4.45 33.20
N ARG A 867 45.16 5.40 33.42
CA ARG A 867 45.58 5.72 34.78
C ARG A 867 44.42 6.28 35.59
N THR A 868 43.64 7.19 35.00
CA THR A 868 42.48 7.74 35.68
C THR A 868 41.38 6.68 35.84
N TYR A 869 41.35 5.67 34.96
CA TYR A 869 40.35 4.62 34.94
C TYR A 869 38.96 5.16 34.67
N ALA A 870 38.86 6.34 34.07
CA ALA A 870 37.57 6.97 33.84
C ALA A 870 37.64 8.03 32.74
N THR A 943 2.22 -21.51 21.02
CA THR A 943 3.18 -20.55 21.55
C THR A 943 2.44 -19.43 22.27
N TRP A 944 3.16 -18.37 22.65
CA TRP A 944 2.54 -17.27 23.37
C TRP A 944 1.67 -16.41 22.44
N LYS A 945 2.17 -16.10 21.24
CA LYS A 945 1.46 -15.28 20.25
C LYS A 945 1.11 -13.90 20.85
N LEU A 946 2.17 -13.14 21.11
CA LEU A 946 1.99 -11.80 21.68
C LEU A 946 1.31 -10.86 20.69
N VAL A 947 1.87 -10.80 19.48
CA VAL A 947 1.36 -9.85 18.46
C VAL A 947 0.08 -10.41 17.85
N GLU A 948 -0.96 -9.58 17.79
CA GLU A 948 -2.24 -9.97 17.19
C GLU A 948 -2.32 -9.39 15.78
N ALA A 949 -2.46 -10.27 14.79
CA ALA A 949 -2.57 -9.84 13.41
C ALA A 949 -3.92 -9.19 13.16
N ASP A 950 -4.03 -8.50 12.02
CA ASP A 950 -5.26 -7.81 11.69
C ASP A 950 -6.40 -8.80 11.49
N LYS A 951 -7.59 -8.41 11.90
CA LYS A 951 -8.78 -9.25 11.83
C LYS A 951 -9.80 -8.61 10.91
N ALA A 952 -10.43 -9.43 10.07
CA ALA A 952 -11.45 -8.98 9.15
C ALA A 952 -12.83 -9.18 9.79
N GLN A 953 -13.61 -8.11 9.82
CA GLN A 953 -14.96 -8.21 10.38
C GLN A 953 -15.83 -9.10 9.51
N THR A 954 -16.74 -9.82 10.15
CA THR A 954 -17.60 -10.79 9.49
C THR A 954 -19.05 -10.32 9.63
N GLY A 955 -19.55 -9.66 8.59
CA GLY A 955 -20.93 -9.21 8.57
C GLY A 955 -21.04 -7.89 7.84
N GLN A 956 -22.28 -7.40 7.77
CA GLN A 956 -22.54 -6.10 7.10
C GLN A 956 -21.94 -4.99 7.96
N VAL A 957 -21.31 -4.01 7.30
CA VAL A 957 -20.69 -2.90 8.02
C VAL A 957 -21.77 -2.18 8.82
N LYS A 958 -21.48 -1.90 10.08
CA LYS A 958 -22.47 -1.31 10.96
C LYS A 958 -22.92 0.04 10.42
N LEU A 959 -24.21 0.33 10.55
CA LEU A 959 -24.74 1.62 10.14
C LEU A 959 -24.12 2.75 10.95
N SER A 960 -23.56 2.45 12.13
CA SER A 960 -22.84 3.46 12.89
C SER A 960 -21.65 4.01 12.11
N VAL A 961 -21.06 3.20 11.23
CA VAL A 961 -19.94 3.69 10.42
C VAL A 961 -20.43 4.73 9.41
N TYR A 962 -21.54 4.44 8.74
CA TYR A 962 -22.14 5.44 7.84
C TYR A 962 -22.52 6.69 8.60
N TRP A 963 -23.06 6.53 9.81
CA TRP A 963 -23.40 7.69 10.62
C TRP A 963 -22.16 8.49 10.97
N ASP A 964 -21.07 7.80 11.31
CA ASP A 964 -19.83 8.49 11.65
C ASP A 964 -19.29 9.27 10.46
N TYR A 965 -19.45 8.72 9.25
CA TYR A 965 -19.06 9.51 8.08
C TYR A 965 -20.04 10.62 7.75
N MET A 966 -21.30 10.50 8.16
CA MET A 966 -22.28 11.53 7.87
C MET A 966 -22.22 12.66 8.90
N LYS A 967 -22.18 12.32 10.19
CA LYS A 967 -22.10 13.36 11.22
C LYS A 967 -20.78 14.11 11.17
N ALA A 968 -19.72 13.49 10.61
CA ALA A 968 -18.47 14.21 10.41
C ALA A 968 -18.61 15.24 9.30
N ILE A 969 -19.33 14.89 8.23
CA ILE A 969 -19.58 15.84 7.14
C ILE A 969 -20.40 17.02 7.65
N GLY A 970 -21.42 16.74 8.44
CA GLY A 970 -22.26 17.79 8.99
C GLY A 970 -23.65 17.76 8.38
N LEU A 971 -24.62 18.26 9.14
CA LEU A 971 -26.00 18.28 8.66
C LEU A 971 -26.16 19.25 7.50
N PHE A 972 -25.58 20.44 7.60
CA PHE A 972 -25.77 21.45 6.56
C PHE A 972 -25.14 21.03 5.24
N ILE A 973 -23.90 20.53 5.30
CA ILE A 973 -23.23 20.13 4.06
C ILE A 973 -23.94 18.95 3.41
N SER A 974 -24.37 18.00 4.27
CA SER A 974 -25.09 16.81 3.76
C SER A 974 -26.35 17.22 3.00
N PHE A 975 -27.19 18.08 3.59
CA PHE A 975 -28.45 18.37 2.88
C PHE A 975 -28.11 19.25 1.73
N LEU A 976 -27.25 20.25 1.91
CA LEU A 976 -26.82 21.09 0.75
C LEU A 976 -26.48 20.17 -0.43
N SER A 977 -25.70 19.12 -0.21
CA SER A 977 -25.26 18.22 -1.26
C SER A 977 -26.44 17.42 -1.82
N ILE A 978 -27.29 16.90 -0.94
CA ILE A 978 -28.46 16.14 -1.40
C ILE A 978 -29.40 17.04 -2.20
N PHE A 979 -29.62 18.26 -1.73
CA PHE A 979 -30.49 19.19 -2.46
C PHE A 979 -29.91 19.53 -3.82
N LEU A 980 -28.59 19.72 -3.90
CA LEU A 980 -27.98 20.06 -5.18
C LEU A 980 -28.00 18.87 -6.13
N PHE A 981 -27.81 17.65 -5.62
CA PHE A 981 -27.98 16.46 -6.45
C PHE A 981 -29.40 16.41 -7.01
N LEU A 982 -30.40 16.59 -6.14
CA LEU A 982 -31.79 16.52 -6.58
C LEU A 982 -32.10 17.60 -7.61
N CYS A 983 -31.62 18.83 -7.37
CA CYS A 983 -31.86 19.92 -8.30
C CYS A 983 -31.16 19.68 -9.63
N ASN A 984 -29.92 19.18 -9.60
CA ASN A 984 -29.19 18.91 -10.83
C ASN A 984 -29.90 17.86 -11.67
N HIS A 985 -30.32 16.77 -11.03
CA HIS A 985 -30.98 15.72 -11.80
C HIS A 985 -32.38 16.13 -12.24
N VAL A 986 -33.05 16.95 -11.43
CA VAL A 986 -34.39 17.47 -11.85
C VAL A 986 -34.19 18.37 -13.09
N ALA A 987 -33.22 19.27 -13.04
CA ALA A 987 -32.98 20.21 -14.17
C ALA A 987 -32.78 19.42 -15.46
N SER A 988 -31.97 18.35 -15.40
CA SER A 988 -31.71 17.52 -16.60
C SER A 988 -33.02 16.88 -17.08
N LEU A 989 -33.83 16.37 -16.15
CA LEU A 989 -35.11 15.72 -16.51
C LEU A 989 -36.03 16.75 -17.18
N VAL A 990 -36.05 17.99 -16.67
CA VAL A 990 -36.87 19.06 -17.30
C VAL A 990 -36.29 19.36 -18.69
N SER A 991 -34.97 19.50 -18.79
CA SER A 991 -34.32 19.75 -20.10
C SER A 991 -34.67 18.61 -21.07
N ASN A 992 -34.58 17.36 -20.59
CA ASN A 992 -34.88 16.18 -21.44
C ASN A 992 -36.35 16.24 -21.87
N TYR A 993 -37.26 16.45 -20.92
CA TYR A 993 -38.73 16.44 -21.25
C TYR A 993 -39.03 17.60 -22.19
N TRP A 994 -38.30 18.71 -22.07
CA TRP A 994 -38.55 19.90 -22.92
C TRP A 994 -38.11 19.60 -24.36
N LEU A 995 -37.13 18.72 -24.52
CA LEU A 995 -36.60 18.36 -25.87
C LEU A 995 -37.24 17.06 -26.36
N SER A 996 -37.10 15.98 -25.59
CA SER A 996 -37.64 14.66 -26.01
C SER A 996 -39.09 14.68 -26.50
N LEU A 997 -40.03 15.00 -25.61
CA LEU A 997 -41.47 15.06 -26.03
C LEU A 997 -41.71 16.30 -26.89
N TRP A 998 -41.29 17.48 -26.41
CA TRP A 998 -41.55 18.74 -27.16
C TRP A 998 -40.43 18.95 -28.19
N THR A 999 -40.33 18.06 -29.17
CA THR A 999 -39.28 18.20 -30.22
C THR A 999 -39.89 18.91 -31.44
N GLU A 1009 -42.39 29.19 -32.62
CA GLU A 1009 -41.65 29.91 -31.56
C GLU A 1009 -40.51 29.02 -31.14
N HIS A 1010 -40.21 27.97 -31.91
CA HIS A 1010 -39.16 27.01 -31.50
C HIS A 1010 -37.83 27.78 -31.38
N THR A 1011 -37.38 28.38 -32.49
CA THR A 1011 -36.07 29.08 -32.46
C THR A 1011 -36.10 30.20 -31.41
N GLN A 1012 -35.03 30.35 -30.63
CA GLN A 1012 -34.90 31.46 -29.64
C GLN A 1012 -35.76 31.26 -28.37
N VAL A 1013 -36.79 30.42 -28.42
CA VAL A 1013 -37.68 30.32 -27.22
C VAL A 1013 -37.74 28.83 -26.84
N ARG A 1014 -36.95 27.99 -27.51
CA ARG A 1014 -36.89 26.55 -27.12
C ARG A 1014 -35.43 26.08 -27.09
N LEU A 1015 -34.65 26.36 -28.13
CA LEU A 1015 -33.21 26.00 -28.10
C LEU A 1015 -32.53 26.79 -26.97
N SER A 1016 -33.03 28.01 -26.69
CA SER A 1016 -32.45 28.83 -25.60
C SER A 1016 -32.78 28.15 -24.27
N VAL A 1017 -34.03 27.70 -24.11
CA VAL A 1017 -34.45 26.96 -22.88
C VAL A 1017 -33.51 25.77 -22.68
N TYR A 1018 -33.19 25.05 -23.76
CA TYR A 1018 -32.24 23.91 -23.66
C TYR A 1018 -30.91 24.41 -23.08
N GLY A 1019 -30.40 25.53 -23.60
CA GLY A 1019 -29.16 26.12 -23.08
C GLY A 1019 -29.33 26.59 -21.65
N ALA A 1020 -30.42 27.30 -21.37
CA ALA A 1020 -30.69 27.81 -20.00
C ALA A 1020 -30.81 26.75 -18.89
N LEU A 1021 -31.69 25.76 -19.08
CA LEU A 1021 -31.70 24.58 -18.22
C LEU A 1021 -30.33 23.94 -18.19
N GLY A 1022 -29.68 23.82 -19.35
CA GLY A 1022 -28.38 23.19 -19.41
C GLY A 1022 -27.38 23.89 -18.52
N ILE A 1023 -27.31 25.23 -18.62
CA ILE A 1023 -26.43 25.98 -17.73
C ILE A 1023 -26.88 25.78 -16.29
N SER A 1024 -28.19 25.83 -16.05
CA SER A 1024 -28.71 25.59 -14.72
C SER A 1024 -28.31 24.23 -14.19
N GLN A 1025 -28.10 23.26 -15.09
CA GLN A 1025 -27.59 21.97 -14.64
C GLN A 1025 -26.12 22.08 -14.26
N GLY A 1026 -25.32 22.73 -15.11
CA GLY A 1026 -23.88 22.75 -14.88
C GLY A 1026 -23.51 23.36 -13.55
N ILE A 1027 -24.13 24.50 -13.22
CA ILE A 1027 -23.89 25.14 -11.93
C ILE A 1027 -24.18 24.16 -10.80
N THR A 1028 -25.31 23.47 -10.88
CA THR A 1028 -25.62 22.48 -9.85
C THR A 1028 -24.60 21.35 -9.87
N VAL A 1029 -24.19 20.95 -11.08
CA VAL A 1029 -23.09 19.94 -11.16
C VAL A 1029 -21.91 20.56 -10.40
N PHE A 1030 -21.60 21.83 -10.68
CA PHE A 1030 -20.55 22.50 -9.91
C PHE A 1030 -20.86 22.44 -8.42
N GLY A 1031 -22.10 22.78 -8.05
CA GLY A 1031 -22.48 22.95 -6.67
C GLY A 1031 -22.12 21.77 -5.79
N TYR A 1032 -22.73 20.61 -6.06
CA TYR A 1032 -22.40 19.43 -5.26
C TYR A 1032 -20.94 19.03 -5.44
N SER A 1033 -20.34 19.33 -6.60
CA SER A 1033 -18.92 19.06 -6.77
C SER A 1033 -18.09 19.88 -5.79
N MET A 1034 -18.54 21.09 -5.46
CA MET A 1034 -17.91 21.89 -4.44
C MET A 1034 -18.51 21.65 -3.06
N ALA A 1035 -19.59 20.86 -2.97
CA ALA A 1035 -20.25 20.58 -1.70
C ALA A 1035 -19.86 19.22 -1.13
N VAL A 1036 -19.75 18.19 -1.99
CA VAL A 1036 -19.26 16.90 -1.52
C VAL A 1036 -17.77 17.00 -1.20
N SER A 1037 -16.99 17.63 -2.08
CA SER A 1037 -15.55 17.67 -1.90
C SER A 1037 -15.17 18.35 -0.59
N ILE A 1038 -15.76 19.51 -0.30
CA ILE A 1038 -15.50 20.16 0.98
C ILE A 1038 -15.97 19.27 2.12
N GLY A 1039 -17.08 18.56 1.93
CA GLY A 1039 -17.48 17.56 2.91
C GLY A 1039 -16.42 16.49 3.08
N GLY A 1040 -15.83 16.04 1.97
CA GLY A 1040 -14.72 15.12 2.07
C GLY A 1040 -13.54 15.71 2.81
N ILE A 1041 -13.38 17.03 2.77
CA ILE A 1041 -12.37 17.69 3.59
C ILE A 1041 -12.79 17.65 5.06
N PHE A 1042 -14.07 17.86 5.34
CA PHE A 1042 -14.53 17.88 6.72
C PHE A 1042 -14.38 16.51 7.37
N ALA A 1043 -14.93 15.47 6.73
CA ALA A 1043 -14.92 14.14 7.32
C ALA A 1043 -13.50 13.64 7.51
N SER A 1044 -12.65 13.81 6.48
CA SER A 1044 -11.24 13.42 6.62
C SER A 1044 -10.55 14.22 7.71
N ARG A 1045 -11.03 15.43 8.00
CA ARG A 1045 -10.47 16.20 9.10
C ARG A 1045 -10.92 15.64 10.44
N ARG A 1046 -12.11 15.05 10.50
CA ARG A 1046 -12.59 14.48 11.74
C ARG A 1046 -12.10 13.04 11.90
N LEU A 1047 -12.32 12.21 10.87
CA LEU A 1047 -11.97 10.79 10.96
C LEU A 1047 -10.51 10.60 11.33
N HIS A 1048 -9.62 11.39 10.74
CA HIS A 1048 -8.21 11.34 11.14
C HIS A 1048 -8.05 11.75 12.59
N LEU A 1049 -8.60 12.90 12.97
CA LEU A 1049 -8.34 13.47 14.29
C LEU A 1049 -8.74 12.48 15.38
N ASP A 1050 -9.98 11.99 15.33
CA ASP A 1050 -10.41 10.98 16.28
C ASP A 1050 -9.44 9.80 16.28
N LEU A 1051 -9.09 9.30 15.10
CA LEU A 1051 -8.11 8.22 15.02
C LEU A 1051 -6.81 8.63 15.68
N LEU A 1052 -6.31 9.82 15.35
CA LEU A 1052 -5.08 10.30 15.97
C LEU A 1052 -5.24 10.38 17.48
N HIS A 1053 -6.43 10.74 17.95
CA HIS A 1053 -6.69 10.68 19.38
C HIS A 1053 -6.79 9.23 19.85
N ASN A 1054 -7.58 8.42 19.14
CA ASN A 1054 -7.87 7.07 19.61
C ASN A 1054 -6.59 6.23 19.71
N VAL A 1055 -5.71 6.38 18.72
CA VAL A 1055 -4.44 5.60 18.70
C VAL A 1055 -3.59 6.01 19.91
N LEU A 1056 -3.38 7.32 20.09
CA LEU A 1056 -2.51 7.82 21.19
C LEU A 1056 -3.11 7.41 22.55
N ARG A 1057 -4.41 7.64 22.73
CA ARG A 1057 -5.04 7.33 24.05
C ARG A 1057 -4.81 5.86 24.41
N SER A 1058 -4.72 4.99 23.39
CA SER A 1058 -4.49 3.54 23.64
C SER A 1058 -3.22 3.34 24.49
N PRO A 1059 -3.18 2.34 25.38
CA PRO A 1059 -2.04 2.09 26.27
C PRO A 1059 -0.87 1.51 25.50
N ILE A 1060 0.26 1.37 26.21
CA ILE A 1060 1.46 0.81 25.60
C ILE A 1060 1.26 -0.66 25.25
N SER A 1061 0.47 -1.39 26.05
CA SER A 1061 0.19 -2.78 25.73
C SER A 1061 -0.49 -2.91 24.37
N PHE A 1062 -1.29 -1.92 23.97
CA PHE A 1062 -1.92 -1.94 22.65
C PHE A 1062 -0.87 -1.87 21.56
N PHE A 1063 0.09 -0.96 21.69
CA PHE A 1063 1.17 -0.87 20.70
C PHE A 1063 2.06 -2.10 20.74
N GLU A 1064 2.12 -2.78 21.89
CA GLU A 1064 2.87 -4.02 21.99
C GLU A 1064 2.19 -5.13 21.19
N ARG A 1065 0.88 -5.30 21.40
CA ARG A 1065 0.15 -6.37 20.74
C ARG A 1065 -0.16 -6.06 19.29
N THR A 1066 -0.30 -4.78 18.93
CA THR A 1066 -0.62 -4.41 17.56
C THR A 1066 0.65 -4.11 16.79
N PRO A 1067 0.99 -4.91 15.75
CA PRO A 1067 2.18 -4.64 14.93
C PRO A 1067 2.06 -3.27 14.22
N SER A 1068 3.20 -2.65 13.93
CA SER A 1068 3.21 -1.34 13.30
C SER A 1068 2.98 -1.45 11.81
N GLY A 1069 1.98 -2.21 11.41
CA GLY A 1069 1.53 -2.27 10.03
C GLY A 1069 0.04 -2.03 9.96
N ASN A 1070 -0.63 -2.21 11.09
CA ASN A 1070 -2.04 -1.84 11.18
C ASN A 1070 -2.18 -0.35 11.46
N LEU A 1071 -1.38 0.17 12.38
CA LEU A 1071 -1.41 1.60 12.68
C LEU A 1071 -0.99 2.42 11.47
N VAL A 1072 0.04 1.99 10.76
CA VAL A 1072 0.45 2.67 9.54
C VAL A 1072 -0.64 2.55 8.48
N ASN A 1073 -1.32 1.41 8.44
CA ASN A 1073 -2.38 1.21 7.46
C ASN A 1073 -3.50 2.22 7.64
N ARG A 1074 -3.91 2.49 8.88
CA ARG A 1074 -4.96 3.45 9.13
C ARG A 1074 -4.55 4.85 8.69
N PHE A 1075 -3.27 5.20 8.88
CA PHE A 1075 -2.80 6.54 8.63
C PHE A 1075 -2.29 6.76 7.21
N SER A 1076 -2.18 5.71 6.41
CA SER A 1076 -1.60 5.82 5.08
C SER A 1076 -2.57 5.48 3.97
N LYS A 1077 -3.20 4.31 4.01
CA LYS A 1077 -4.05 3.85 2.92
C LYS A 1077 -5.54 4.00 3.22
N GLU A 1078 -5.98 3.60 4.42
CA GLU A 1078 -7.38 3.83 4.77
C GLU A 1078 -7.68 5.31 4.86
N LEU A 1079 -6.74 6.09 5.38
CA LEU A 1079 -6.93 7.53 5.45
C LEU A 1079 -6.96 8.14 4.06
N ASP A 1080 -6.11 7.65 3.15
CA ASP A 1080 -6.15 8.13 1.77
C ASP A 1080 -7.47 7.78 1.11
N THR A 1081 -7.99 6.58 1.35
CA THR A 1081 -9.29 6.20 0.80
C THR A 1081 -10.38 7.13 1.32
N VAL A 1082 -10.31 7.48 2.61
CA VAL A 1082 -11.27 8.43 3.17
C VAL A 1082 -11.10 9.80 2.54
N ASP A 1083 -9.87 10.21 2.27
CA ASP A 1083 -9.61 11.56 1.77
C ASP A 1083 -10.24 11.80 0.40
N SER A 1084 -9.97 10.92 -0.55
CA SER A 1084 -10.28 11.18 -1.94
C SER A 1084 -11.28 10.20 -2.54
N MET A 1085 -11.10 8.90 -2.31
CA MET A 1085 -11.93 7.90 -2.96
C MET A 1085 -13.37 7.97 -2.46
N ILE A 1086 -13.55 8.01 -1.14
CA ILE A 1086 -14.91 7.97 -0.57
C ILE A 1086 -15.76 9.16 -0.99
N PRO A 1087 -15.27 10.41 -0.98
CA PRO A 1087 -16.13 11.51 -1.44
C PRO A 1087 -16.60 11.35 -2.88
N GLN A 1088 -15.69 10.97 -3.79
CA GLN A 1088 -16.08 10.77 -5.17
C GLN A 1088 -17.07 9.63 -5.32
N VAL A 1089 -16.85 8.53 -4.59
CA VAL A 1089 -17.74 7.39 -4.69
C VAL A 1089 -19.12 7.73 -4.14
N ILE A 1090 -19.17 8.52 -3.06
CA ILE A 1090 -20.45 8.98 -2.53
C ILE A 1090 -21.16 9.86 -3.54
N LYS A 1091 -20.37 10.71 -4.22
CA LYS A 1091 -20.93 11.60 -5.26
C LYS A 1091 -21.59 10.75 -6.35
N MET A 1092 -20.86 9.75 -6.86
CA MET A 1092 -21.39 8.90 -7.94
C MET A 1092 -22.57 8.06 -7.46
N PHE A 1093 -22.54 7.60 -6.20
CA PHE A 1093 -23.66 6.83 -5.68
C PHE A 1093 -24.93 7.67 -5.60
N MET A 1094 -24.81 8.90 -5.09
CA MET A 1094 -25.97 9.78 -5.04
C MET A 1094 -26.48 10.10 -6.43
N GLY A 1095 -25.56 10.34 -7.37
CA GLY A 1095 -25.98 10.58 -8.74
C GLY A 1095 -26.75 9.43 -9.34
N SER A 1096 -26.24 8.20 -9.16
CA SER A 1096 -26.91 7.03 -9.70
C SER A 1096 -28.26 6.79 -9.03
N LEU A 1097 -28.32 6.98 -7.71
CA LEU A 1097 -29.59 6.79 -7.00
C LEU A 1097 -30.64 7.78 -7.47
N PHE A 1098 -30.26 9.05 -7.62
CA PHE A 1098 -31.24 10.03 -8.08
C PHE A 1098 -31.59 9.82 -9.54
N ASN A 1099 -30.65 9.31 -10.34
CA ASN A 1099 -30.98 8.94 -11.71
C ASN A 1099 -32.03 7.83 -11.74
N VAL A 1100 -31.87 6.82 -10.88
CA VAL A 1100 -32.84 5.73 -10.82
C VAL A 1100 -34.20 6.25 -10.37
N ILE A 1101 -34.22 7.13 -9.36
CA ILE A 1101 -35.49 7.69 -8.91
C ILE A 1101 -36.15 8.48 -10.02
N GLY A 1102 -35.36 9.28 -10.76
CA GLY A 1102 -35.93 10.05 -11.85
C GLY A 1102 -36.48 9.18 -12.96
N ALA A 1103 -35.77 8.09 -13.30
CA ALA A 1103 -36.27 7.18 -14.30
C ALA A 1103 -37.55 6.49 -13.84
N CYS A 1104 -37.63 6.16 -12.54
CA CYS A 1104 -38.84 5.58 -11.99
C CYS A 1104 -40.01 6.55 -12.12
N ILE A 1105 -39.78 7.83 -11.80
CA ILE A 1105 -40.84 8.82 -11.97
C ILE A 1105 -41.24 8.95 -13.44
N ILE A 1106 -40.25 8.96 -14.34
CA ILE A 1106 -40.51 9.14 -15.76
C ILE A 1106 -41.39 8.00 -16.28
N ILE A 1107 -41.03 6.76 -15.95
CA ILE A 1107 -41.80 5.61 -16.42
C ILE A 1107 -43.01 5.32 -15.55
N LEU A 1108 -43.21 6.08 -14.47
CA LEU A 1108 -44.45 6.02 -13.71
C LEU A 1108 -45.50 6.98 -14.27
N LEU A 1109 -45.10 8.21 -14.62
CA LEU A 1109 -46.04 9.14 -15.22
C LEU A 1109 -46.54 8.64 -16.57
N ALA A 1110 -45.64 8.09 -17.38
CA ALA A 1110 -46.01 7.52 -18.67
C ALA A 1110 -46.38 6.05 -18.50
N THR A 1111 -47.56 5.68 -18.98
CA THR A 1111 -48.11 4.34 -18.84
C THR A 1111 -48.11 3.91 -17.37
N PRO A 1112 -48.99 4.48 -16.54
CA PRO A 1112 -49.02 4.09 -15.12
C PRO A 1112 -49.36 2.64 -14.89
N MET A 1113 -49.95 1.95 -15.86
CA MET A 1113 -50.23 0.53 -15.71
C MET A 1113 -48.94 -0.28 -15.60
N ALA A 1114 -47.84 0.24 -16.14
CA ALA A 1114 -46.55 -0.45 -16.04
C ALA A 1114 -45.98 -0.38 -14.63
N ALA A 1115 -46.49 0.49 -13.77
CA ALA A 1115 -45.95 0.63 -12.42
C ALA A 1115 -46.03 -0.66 -11.62
N VAL A 1116 -46.90 -1.58 -12.01
CA VAL A 1116 -46.99 -2.87 -11.33
C VAL A 1116 -45.65 -3.60 -11.39
N ILE A 1117 -44.98 -3.52 -12.54
CA ILE A 1117 -43.74 -4.34 -12.74
C ILE A 1117 -42.48 -3.58 -12.29
N ILE A 1118 -42.63 -2.35 -11.81
CA ILE A 1118 -41.45 -1.52 -11.40
C ILE A 1118 -40.81 -2.13 -10.14
N PRO A 1119 -41.54 -2.38 -9.04
CA PRO A 1119 -40.96 -3.02 -7.84
C PRO A 1119 -40.27 -4.37 -8.16
N PRO A 1120 -40.89 -5.33 -8.90
CA PRO A 1120 -40.20 -6.57 -9.25
C PRO A 1120 -38.85 -6.29 -9.94
N LEU A 1121 -38.86 -5.42 -10.96
CA LEU A 1121 -37.60 -5.06 -11.66
C LEU A 1121 -36.55 -4.69 -10.60
N GLY A 1122 -36.94 -3.88 -9.60
CA GLY A 1122 -36.00 -3.46 -8.60
C GLY A 1122 -35.69 -4.57 -7.62
N LEU A 1123 -36.72 -5.34 -7.23
CA LEU A 1123 -36.53 -6.44 -6.30
C LEU A 1123 -35.42 -7.36 -6.77
N ILE A 1124 -35.49 -7.82 -8.03
CA ILE A 1124 -34.49 -8.78 -8.47
C ILE A 1124 -33.11 -8.12 -8.43
N TYR A 1125 -33.03 -6.86 -8.87
CA TYR A 1125 -31.75 -6.16 -8.82
C TYR A 1125 -31.24 -6.11 -7.38
N PHE A 1126 -32.13 -5.76 -6.44
CA PHE A 1126 -31.75 -5.72 -5.04
C PHE A 1126 -31.11 -7.04 -4.63
N PHE A 1127 -31.73 -8.15 -5.00
CA PHE A 1127 -31.19 -9.45 -4.63
C PHE A 1127 -29.76 -9.60 -5.13
N VAL A 1128 -29.55 -9.30 -6.42
CA VAL A 1128 -28.20 -9.39 -6.97
C VAL A 1128 -27.25 -8.53 -6.15
N GLN A 1129 -27.66 -7.30 -5.87
CA GLN A 1129 -26.82 -6.41 -5.06
C GLN A 1129 -26.44 -7.08 -3.76
N ARG A 1130 -27.44 -7.62 -3.04
CA ARG A 1130 -27.13 -8.29 -1.80
C ARG A 1130 -26.18 -9.46 -2.04
N PHE A 1131 -26.59 -10.38 -2.92
CA PHE A 1131 -25.78 -11.59 -3.18
C PHE A 1131 -24.32 -11.20 -3.40
N TYR A 1132 -24.08 -9.98 -3.88
CA TYR A 1132 -22.70 -9.55 -4.21
C TYR A 1132 -22.00 -8.94 -3.00
N VAL A 1133 -22.68 -8.04 -2.27
CA VAL A 1133 -21.99 -7.35 -1.19
C VAL A 1133 -21.53 -8.34 -0.13
N ALA A 1134 -22.36 -9.36 0.15
CA ALA A 1134 -22.02 -10.34 1.17
C ALA A 1134 -20.68 -11.00 0.89
N SER A 1135 -20.25 -11.04 -0.37
CA SER A 1135 -18.89 -11.46 -0.69
C SER A 1135 -17.96 -10.26 -0.82
N SER A 1136 -18.41 -9.23 -1.55
CA SER A 1136 -17.50 -8.16 -1.96
C SER A 1136 -16.83 -7.51 -0.75
N ARG A 1137 -17.61 -7.10 0.23
CA ARG A 1137 -17.08 -6.52 1.45
C ARG A 1137 -15.91 -7.34 1.97
N GLN A 1138 -16.15 -8.64 2.16
CA GLN A 1138 -15.11 -9.50 2.72
C GLN A 1138 -13.83 -9.42 1.90
N LEU A 1139 -13.96 -9.52 0.58
CA LEU A 1139 -12.78 -9.40 -0.27
C LEU A 1139 -12.04 -8.12 0.05
N LYS A 1140 -12.76 -7.00 0.01
CA LYS A 1140 -12.13 -5.72 0.35
C LYS A 1140 -11.53 -5.78 1.73
N ARG A 1141 -12.30 -6.26 2.72
CA ARG A 1141 -11.78 -6.41 4.07
C ARG A 1141 -10.52 -7.25 4.05
N LEU A 1142 -10.58 -8.41 3.40
CA LEU A 1142 -9.42 -9.28 3.35
C LEU A 1142 -8.24 -8.54 2.73
N GLU A 1143 -8.51 -7.80 1.65
CA GLU A 1143 -7.43 -7.01 0.99
C GLU A 1143 -6.75 -6.13 2.03
N SER A 1144 -7.54 -5.38 2.82
CA SER A 1144 -6.96 -4.53 3.86
C SER A 1144 -6.22 -5.37 4.89
N VAL A 1145 -6.83 -6.48 5.31
CA VAL A 1145 -6.17 -7.35 6.27
C VAL A 1145 -4.93 -7.96 5.66
N SER A 1146 -4.91 -8.15 4.34
CA SER A 1146 -3.73 -8.67 3.68
C SER A 1146 -2.71 -7.59 3.37
N ARG A 1147 -3.07 -6.31 3.54
CA ARG A 1147 -2.15 -5.23 3.27
C ARG A 1147 -1.41 -4.76 4.52
N SER A 1148 -2.02 -4.96 5.70
CA SER A 1148 -1.37 -4.57 6.94
C SER A 1148 -0.02 -5.25 7.16
N PRO A 1149 0.14 -6.57 6.95
CA PRO A 1149 1.47 -7.17 7.16
C PRO A 1149 2.55 -6.56 6.28
N VAL A 1150 2.23 -6.23 5.03
CA VAL A 1150 3.24 -5.72 4.11
C VAL A 1150 3.92 -4.50 4.70
N TYR A 1151 3.11 -3.53 5.15
CA TYR A 1151 3.65 -2.34 5.81
C TYR A 1151 4.60 -2.74 6.91
N SER A 1152 4.17 -3.66 7.77
CA SER A 1152 5.02 -4.12 8.87
C SER A 1152 6.38 -4.53 8.35
N HIS A 1153 6.39 -5.40 7.33
CA HIS A 1153 7.66 -5.86 6.78
C HIS A 1153 8.53 -4.69 6.36
N PHE A 1154 7.94 -3.75 5.62
CA PHE A 1154 8.71 -2.58 5.21
C PHE A 1154 9.33 -1.89 6.41
N ASN A 1155 8.50 -1.62 7.43
CA ASN A 1155 9.02 -1.01 8.64
C ASN A 1155 10.18 -1.82 9.19
N GLU A 1156 9.97 -3.13 9.34
CA GLU A 1156 11.04 -3.98 9.84
C GLU A 1156 12.26 -3.89 8.93
N THR A 1157 12.04 -4.02 7.62
CA THR A 1157 13.15 -3.93 6.69
C THR A 1157 13.82 -2.56 6.77
N LEU A 1158 13.03 -1.52 7.01
CA LEU A 1158 13.60 -0.18 7.14
C LEU A 1158 14.28 0.04 8.48
N LEU A 1159 13.92 -0.74 9.50
CA LEU A 1159 14.56 -0.58 10.81
C LEU A 1159 15.91 -1.25 10.86
N GLY A 1160 16.04 -2.41 10.19
CA GLY A 1160 17.26 -3.18 10.23
C GLY A 1160 17.92 -3.36 8.89
N VAL A 1161 18.01 -2.29 8.10
CA VAL A 1161 18.63 -2.39 6.79
C VAL A 1161 20.09 -2.80 6.92
N SER A 1162 20.80 -2.19 7.88
CA SER A 1162 22.22 -2.48 8.05
C SER A 1162 22.45 -3.93 8.44
N VAL A 1163 21.62 -4.46 9.34
CA VAL A 1163 21.77 -5.86 9.77
C VAL A 1163 21.52 -6.80 8.59
N ILE A 1164 20.48 -6.54 7.80
CA ILE A 1164 20.17 -7.38 6.66
C ILE A 1164 21.31 -7.34 5.65
N ARG A 1165 21.84 -6.16 5.37
CA ARG A 1165 22.94 -6.02 4.42
C ARG A 1165 24.19 -6.72 4.93
N ALA A 1166 24.48 -6.60 6.23
CA ALA A 1166 25.69 -7.20 6.78
C ALA A 1166 25.60 -8.72 6.81
N PHE A 1167 24.42 -9.27 7.11
CA PHE A 1167 24.24 -10.72 7.14
C PHE A 1167 23.92 -11.30 5.76
N GLU A 1168 23.85 -10.46 4.72
CA GLU A 1168 23.61 -10.91 3.35
C GLU A 1168 22.28 -11.61 3.21
N GLU A 1169 21.32 -11.28 4.08
CA GLU A 1169 19.98 -11.85 4.04
C GLU A 1169 19.02 -11.02 3.19
N GLN A 1170 19.54 -10.26 2.22
CA GLN A 1170 18.69 -9.41 1.40
C GLN A 1170 17.74 -10.23 0.55
N GLU A 1171 18.21 -11.35 -0.01
CA GLU A 1171 17.36 -12.17 -0.87
C GLU A 1171 16.21 -12.78 -0.09
N ARG A 1172 16.47 -13.25 1.14
CA ARG A 1172 15.41 -13.84 1.93
C ARG A 1172 14.33 -12.81 2.28
N PHE A 1173 14.74 -11.60 2.64
CA PHE A 1173 13.76 -10.57 2.94
C PHE A 1173 13.00 -10.12 1.70
N ILE A 1174 13.67 -10.13 0.53
CA ILE A 1174 12.97 -9.85 -0.71
C ILE A 1174 11.90 -10.91 -0.96
N ARG A 1175 12.23 -12.18 -0.73
CA ARG A 1175 11.23 -13.23 -0.90
C ARG A 1175 10.09 -13.11 0.11
N GLN A 1176 10.40 -12.71 1.34
CA GLN A 1176 9.32 -12.50 2.32
C GLN A 1176 8.39 -11.37 1.89
N SER A 1177 8.96 -10.27 1.41
CA SER A 1177 8.13 -9.18 0.92
C SER A 1177 7.30 -9.61 -0.27
N ASP A 1178 7.89 -10.43 -1.16
CA ASP A 1178 7.15 -10.96 -2.29
C ASP A 1178 5.99 -11.83 -1.82
N LEU A 1179 6.21 -12.64 -0.79
CA LEU A 1179 5.13 -13.46 -0.23
C LEU A 1179 4.01 -12.60 0.34
N LYS A 1180 4.36 -11.54 1.07
CA LYS A 1180 3.34 -10.68 1.65
C LYS A 1180 2.54 -9.96 0.57
N VAL A 1181 3.23 -9.45 -0.46
CA VAL A 1181 2.53 -8.80 -1.56
C VAL A 1181 1.68 -9.81 -2.33
N ASP A 1182 2.16 -11.06 -2.44
CA ASP A 1182 1.38 -12.09 -3.10
C ASP A 1182 0.11 -12.38 -2.32
N GLU A 1183 0.19 -12.40 -1.00
CA GLU A 1183 -1.03 -12.54 -0.19
C GLU A 1183 -1.97 -11.37 -0.42
N ASN A 1184 -1.42 -10.16 -0.48
CA ASN A 1184 -2.28 -8.99 -0.72
C ASN A 1184 -2.98 -9.08 -2.05
N GLN A 1185 -2.27 -9.50 -3.11
CA GLN A 1185 -2.91 -9.61 -4.42
C GLN A 1185 -3.82 -10.82 -4.50
N LYS A 1186 -3.54 -11.88 -3.75
CA LYS A 1186 -4.49 -12.97 -3.62
C LYS A 1186 -5.79 -12.48 -3.03
N ALA A 1187 -5.73 -11.48 -2.17
CA ALA A 1187 -6.96 -10.88 -1.64
C ALA A 1187 -7.59 -9.90 -2.63
N TYR A 1188 -6.78 -9.20 -3.42
CA TYR A 1188 -7.27 -8.11 -4.26
C TYR A 1188 -7.81 -8.57 -5.61
N TYR A 1189 -7.16 -9.55 -6.24
CA TYR A 1189 -7.59 -10.00 -7.56
C TYR A 1189 -9.01 -10.56 -7.59
N PRO A 1190 -9.43 -11.41 -6.65
CA PRO A 1190 -10.84 -11.81 -6.65
C PRO A 1190 -11.79 -10.66 -6.48
N SER A 1191 -11.37 -9.53 -5.90
CA SER A 1191 -12.26 -8.38 -5.80
C SER A 1191 -12.60 -7.81 -7.17
N ILE A 1192 -11.59 -7.57 -8.01
CA ILE A 1192 -11.86 -7.03 -9.34
C ILE A 1192 -12.56 -8.06 -10.21
N VAL A 1193 -12.18 -9.34 -10.08
CA VAL A 1193 -12.89 -10.37 -10.83
C VAL A 1193 -14.35 -10.43 -10.39
N ALA A 1194 -14.59 -10.19 -9.09
CA ALA A 1194 -15.97 -10.17 -8.58
C ALA A 1194 -16.74 -9.02 -9.22
N ASN A 1195 -16.11 -7.84 -9.31
CA ASN A 1195 -16.76 -6.66 -9.94
C ASN A 1195 -17.18 -7.04 -11.36
N ARG A 1196 -16.26 -7.63 -12.13
CA ARG A 1196 -16.56 -8.03 -13.53
C ARG A 1196 -17.74 -9.01 -13.53
N TRP A 1197 -17.68 -10.05 -12.68
CA TRP A 1197 -18.73 -11.06 -12.67
C TRP A 1197 -20.09 -10.44 -12.37
N LEU A 1198 -20.16 -9.65 -11.30
CA LEU A 1198 -21.40 -8.95 -10.97
C LEU A 1198 -21.86 -8.10 -12.14
N ALA A 1199 -20.93 -7.36 -12.74
CA ALA A 1199 -21.27 -6.44 -13.81
C ALA A 1199 -21.86 -7.17 -15.00
N VAL A 1200 -21.21 -8.26 -15.40
CA VAL A 1200 -21.70 -9.06 -16.57
C VAL A 1200 -23.16 -9.44 -16.31
N ARG A 1201 -23.43 -10.06 -15.16
CA ARG A 1201 -24.80 -10.53 -14.84
C ARG A 1201 -25.76 -9.33 -14.85
N LEU A 1202 -25.37 -8.23 -14.18
CA LEU A 1202 -26.26 -7.04 -14.09
C LEU A 1202 -26.58 -6.52 -15.49
N GLU A 1203 -25.56 -6.29 -16.31
CA GLU A 1203 -25.79 -5.75 -17.68
C GLU A 1203 -26.60 -6.75 -18.49
N CYS A 1204 -26.32 -8.05 -18.33
CA CYS A 1204 -27.10 -9.10 -19.04
C CYS A 1204 -28.56 -9.01 -18.60
N VAL A 1205 -28.82 -8.80 -17.31
CA VAL A 1205 -30.23 -8.61 -16.85
C VAL A 1205 -30.84 -7.50 -17.71
N GLY A 1206 -30.19 -6.34 -17.78
CA GLY A 1206 -30.71 -5.24 -18.60
C GLY A 1206 -30.94 -5.68 -20.03
N ASN A 1207 -29.92 -6.25 -20.68
CA ASN A 1207 -30.03 -6.65 -22.11
C ASN A 1207 -31.14 -7.69 -22.29
N CYS A 1208 -31.65 -8.27 -21.20
CA CYS A 1208 -32.65 -9.36 -21.33
C CYS A 1208 -33.95 -8.79 -20.80
N ILE A 1209 -34.01 -7.45 -20.76
CA ILE A 1209 -35.26 -6.73 -20.42
C ILE A 1209 -35.40 -5.77 -21.61
N VAL A 1210 -34.26 -5.42 -22.22
CA VAL A 1210 -34.31 -4.57 -23.44
C VAL A 1210 -34.84 -5.46 -24.57
N LEU A 1211 -34.19 -6.61 -24.81
CA LEU A 1211 -34.66 -7.56 -25.84
C LEU A 1211 -36.11 -7.95 -25.53
N PHE A 1212 -36.41 -8.26 -24.27
CA PHE A 1212 -37.78 -8.72 -23.90
C PHE A 1212 -38.78 -7.59 -24.18
N ALA A 1213 -38.46 -6.36 -23.77
CA ALA A 1213 -39.32 -5.20 -24.11
C ALA A 1213 -39.31 -5.01 -25.63
N SER A 1214 -38.11 -4.99 -26.24
CA SER A 1214 -38.01 -4.85 -27.71
C SER A 1214 -38.87 -5.93 -28.37
N LEU A 1215 -38.97 -7.09 -27.72
CA LEU A 1215 -39.85 -8.17 -28.25
C LEU A 1215 -41.31 -7.76 -28.02
N PHE A 1216 -41.64 -7.30 -26.80
CA PHE A 1216 -43.07 -6.98 -26.54
C PHE A 1216 -43.54 -5.69 -27.19
N ALA A 1217 -42.65 -4.92 -27.80
CA ALA A 1217 -43.06 -3.70 -28.52
C ALA A 1217 -43.25 -4.03 -29.99
N VAL A 1218 -42.74 -5.16 -30.45
CA VAL A 1218 -42.88 -5.61 -31.84
C VAL A 1218 -43.94 -6.72 -31.89
N ILE A 1219 -44.45 -7.21 -30.75
CA ILE A 1219 -45.57 -8.19 -30.77
C ILE A 1219 -46.83 -7.35 -30.61
N SER A 1220 -46.70 -6.14 -30.06
CA SER A 1220 -47.87 -5.24 -29.99
C SER A 1220 -47.58 -3.96 -30.78
N ARG A 1221 -47.52 -4.05 -32.12
CA ARG A 1221 -47.26 -2.84 -32.94
C ARG A 1221 -48.61 -2.31 -33.43
N HIS A 1222 -49.59 -3.19 -33.65
CA HIS A 1222 -50.94 -2.78 -34.11
C HIS A 1222 -51.92 -2.91 -32.94
N SER A 1223 -51.39 -2.98 -31.72
CA SER A 1223 -52.20 -3.11 -30.47
C SER A 1223 -51.81 -2.01 -29.48
N LEU A 1224 -52.63 -1.77 -28.47
CA LEU A 1224 -52.32 -0.74 -27.45
C LEU A 1224 -50.89 -0.97 -26.94
N LEU A 1228 -46.30 4.71 -24.29
CA LEU A 1228 -46.12 4.22 -25.69
C LEU A 1228 -45.26 2.96 -25.68
N VAL A 1229 -45.70 1.92 -26.39
CA VAL A 1229 -44.95 0.63 -26.46
C VAL A 1229 -43.50 0.90 -26.90
N GLY A 1230 -43.32 1.57 -28.05
CA GLY A 1230 -41.96 1.80 -28.55
C GLY A 1230 -41.14 2.57 -27.56
N LEU A 1231 -41.72 3.52 -26.82
CA LEU A 1231 -40.96 4.22 -25.76
C LEU A 1231 -40.89 3.36 -24.50
N SER A 1232 -41.69 2.30 -24.36
CA SER A 1232 -41.53 1.39 -23.20
C SER A 1232 -40.29 0.51 -23.37
N VAL A 1233 -39.66 0.44 -24.53
CA VAL A 1233 -38.31 -0.19 -24.59
C VAL A 1233 -37.26 0.84 -24.20
N SER A 1234 -37.18 1.94 -24.95
CA SER A 1234 -36.22 2.99 -24.66
C SER A 1234 -36.36 3.55 -23.26
N TYR A 1235 -37.45 3.22 -22.56
CA TYR A 1235 -37.58 3.47 -21.13
C TYR A 1235 -37.00 2.31 -20.33
N SER A 1236 -37.35 1.09 -20.73
CA SER A 1236 -36.85 -0.10 -20.05
C SER A 1236 -35.33 -0.16 -20.07
N LEU A 1237 -34.73 0.11 -21.24
CA LEU A 1237 -33.28 0.06 -21.34
C LEU A 1237 -32.63 1.08 -20.42
N GLN A 1238 -33.15 2.31 -20.41
CA GLN A 1238 -32.55 3.34 -19.56
C GLN A 1238 -32.73 3.00 -18.08
N VAL A 1239 -33.88 2.46 -17.70
CA VAL A 1239 -34.10 2.10 -16.30
C VAL A 1239 -33.18 0.96 -15.90
N THR A 1240 -32.96 0.01 -16.81
CA THR A 1240 -32.03 -1.11 -16.51
C THR A 1240 -30.61 -0.57 -16.38
N THR A 1241 -30.20 0.34 -17.27
CA THR A 1241 -28.85 0.96 -17.19
C THR A 1241 -28.69 1.64 -15.83
N TYR A 1242 -29.51 2.66 -15.56
CA TYR A 1242 -29.48 3.33 -14.27
C TYR A 1242 -29.44 2.33 -13.13
N LEU A 1243 -30.21 1.25 -13.24
CA LEU A 1243 -30.23 0.23 -12.20
C LEU A 1243 -28.91 -0.53 -12.12
N ASN A 1244 -28.31 -0.82 -13.29
CA ASN A 1244 -27.00 -1.46 -13.30
C ASN A 1244 -25.95 -0.59 -12.63
N TRP A 1245 -25.93 0.70 -12.99
CA TRP A 1245 -24.99 1.64 -12.35
C TRP A 1245 -25.27 1.72 -10.86
N LEU A 1246 -26.56 1.76 -10.48
CA LEU A 1246 -26.92 1.88 -9.07
C LEU A 1246 -26.43 0.68 -8.28
N VAL A 1247 -26.65 -0.52 -8.80
CA VAL A 1247 -26.26 -1.74 -8.02
C VAL A 1247 -24.74 -1.76 -7.90
N ARG A 1248 -24.03 -1.29 -8.92
CA ARG A 1248 -22.54 -1.30 -8.90
C ARG A 1248 -22.03 -0.18 -7.97
N MET A 1249 -22.59 1.02 -8.06
CA MET A 1249 -22.08 2.11 -7.26
C MET A 1249 -22.41 1.92 -5.78
N SER A 1250 -23.54 1.29 -5.46
CA SER A 1250 -23.83 0.95 -4.08
C SER A 1250 -22.84 -0.07 -3.55
N SER A 1251 -22.48 -1.06 -4.37
CA SER A 1251 -21.44 -2.00 -3.97
C SER A 1251 -20.11 -1.29 -3.76
N GLU A 1252 -19.77 -0.35 -4.65
CA GLU A 1252 -18.54 0.40 -4.50
C GLU A 1252 -18.52 1.20 -3.21
N MET A 1253 -19.63 1.89 -2.91
CA MET A 1253 -19.70 2.66 -1.67
C MET A 1253 -19.63 1.76 -0.45
N GLU A 1254 -20.30 0.62 -0.50
CA GLU A 1254 -20.25 -0.32 0.62
C GLU A 1254 -18.85 -0.85 0.84
N THR A 1255 -18.12 -1.14 -0.23
CA THR A 1255 -16.74 -1.60 -0.08
C THR A 1255 -15.82 -0.49 0.42
N ASN A 1256 -16.06 0.75 -0.03
CA ASN A 1256 -15.19 1.85 0.40
C ASN A 1256 -15.43 2.24 1.85
N ILE A 1257 -16.66 2.04 2.35
CA ILE A 1257 -16.94 2.33 3.75
C ILE A 1257 -16.18 1.40 4.69
N VAL A 1258 -15.61 0.32 4.16
CA VAL A 1258 -14.76 -0.54 4.96
C VAL A 1258 -13.57 0.23 5.51
N ALA A 1259 -13.09 1.24 4.77
CA ALA A 1259 -11.99 2.06 5.27
C ALA A 1259 -12.37 2.80 6.54
N VAL A 1260 -13.56 3.42 6.54
CA VAL A 1260 -14.03 4.10 7.74
C VAL A 1260 -14.28 3.10 8.86
N GLU A 1261 -14.60 1.87 8.54
CA GLU A 1261 -14.95 0.85 9.56
C GLU A 1261 -13.69 0.31 10.15
N ARG A 1262 -12.59 0.33 9.42
CA ARG A 1262 -11.29 0.01 10.00
C ARG A 1262 -10.70 1.17 10.78
N LEU A 1263 -10.94 2.41 10.35
CA LEU A 1263 -10.52 3.55 11.15
C LEU A 1263 -11.23 3.57 12.50
N LYS A 1264 -12.54 3.28 12.51
CA LYS A 1264 -13.31 3.28 13.74
C LYS A 1264 -13.07 2.05 14.59
N GLU A 1265 -12.42 1.01 14.04
CA GLU A 1265 -12.12 -0.18 14.83
C GLU A 1265 -11.34 0.15 16.10
N TYR A 1266 -10.49 1.18 16.06
CA TYR A 1266 -9.70 1.53 17.23
C TYR A 1266 -10.48 2.33 18.26
N SER A 1267 -11.69 2.79 17.92
CA SER A 1267 -12.50 3.53 18.88
C SER A 1267 -12.92 2.65 20.05
N GLU A 1268 -13.31 1.40 19.76
CA GLU A 1268 -13.78 0.49 20.80
C GLU A 1268 -12.63 -0.15 21.58
N THR A 1269 -11.41 -0.05 21.04
CA THR A 1269 -10.22 -0.63 21.72
C THR A 1269 -10.07 -0.05 23.12
N GLU A 1270 -9.83 -0.90 24.13
CA GLU A 1270 -9.61 -0.41 25.51
C GLU A 1270 -8.39 0.53 25.51
N LYS A 1271 -8.48 1.66 26.23
CA LYS A 1271 -7.37 2.65 26.19
C LYS A 1271 -6.81 2.87 27.59
N GLU A 1272 -6.11 3.97 27.82
CA GLU A 1272 -5.48 4.24 29.10
C GLU A 1272 -6.46 4.91 30.07
N ALA A 1273 -6.00 5.14 31.28
CA ALA A 1273 -6.76 5.91 32.24
C ALA A 1273 -6.87 7.36 31.77
N PRO A 1274 -7.86 8.11 32.24
CA PRO A 1274 -8.02 9.48 31.77
C PRO A 1274 -6.76 10.30 31.98
N TRP A 1275 -6.41 11.09 30.95
CA TRP A 1275 -5.19 11.89 31.02
C TRP A 1275 -5.26 12.92 32.13
N GLN A 1276 -6.42 13.58 32.28
CA GLN A 1276 -6.61 14.61 33.29
C GLN A 1276 -7.92 14.36 34.03
N ILE A 1277 -7.82 13.91 35.27
CA ILE A 1277 -8.99 13.75 36.13
C ILE A 1277 -9.18 15.06 36.88
N GLN A 1278 -10.23 15.81 36.50
CA GLN A 1278 -10.43 17.14 37.07
C GLN A 1278 -10.71 17.09 38.56
N ASP A 1279 -11.56 16.14 39.00
CA ASP A 1279 -11.94 16.10 40.40
C ASP A 1279 -10.76 15.74 41.30
N MET A 1280 -10.04 14.69 40.95
CA MET A 1280 -8.89 14.24 41.74
C MET A 1280 -7.59 14.87 41.26
N ALA A 1281 -7.58 16.19 41.16
CA ALA A 1281 -6.37 16.89 40.74
C ALA A 1281 -5.42 17.03 41.92
N PRO A 1282 -4.13 16.86 41.71
CA PRO A 1282 -3.16 17.02 42.80
C PRO A 1282 -2.87 18.49 43.04
N PRO A 1283 -2.23 18.81 44.17
CA PRO A 1283 -1.79 20.20 44.38
C PRO A 1283 -0.74 20.60 43.36
N LYS A 1284 -0.65 21.91 43.10
CA LYS A 1284 0.35 22.43 42.17
C LYS A 1284 1.74 21.93 42.49
N ASP A 1285 2.14 22.02 43.76
CA ASP A 1285 3.39 21.44 44.22
C ASP A 1285 3.11 20.08 44.89
N TRP A 1286 2.83 19.10 44.04
CA TRP A 1286 2.48 17.76 44.50
C TRP A 1286 3.69 16.91 44.86
N PRO A 1287 4.75 16.84 44.02
CA PRO A 1287 5.89 16.00 44.38
C PRO A 1287 6.93 16.70 45.25
N GLN A 1288 6.52 17.78 45.93
CA GLN A 1288 7.47 18.67 46.59
C GLN A 1288 8.38 17.92 47.56
N VAL A 1289 7.90 16.81 48.14
CA VAL A 1289 8.75 15.97 48.97
C VAL A 1289 9.33 14.82 48.17
N GLY A 1290 8.57 14.27 47.22
CA GLY A 1290 9.04 13.15 46.44
C GLY A 1290 9.20 11.87 47.25
N ARG A 1291 8.23 11.56 48.11
CA ARG A 1291 8.30 10.39 48.99
C ARG A 1291 7.55 9.24 48.33
N VAL A 1292 8.25 8.54 47.44
CA VAL A 1292 7.66 7.40 46.75
C VAL A 1292 7.58 6.22 47.71
N GLU A 1293 6.41 5.59 47.78
CA GLU A 1293 6.15 4.52 48.74
C GLU A 1293 5.34 3.43 48.07
N PHE A 1294 6.01 2.39 47.58
CA PHE A 1294 5.31 1.21 47.08
C PHE A 1294 4.75 0.42 48.25
N ARG A 1295 3.54 -0.13 48.07
CA ARG A 1295 2.99 -1.00 49.10
C ARG A 1295 3.28 -2.46 48.79
N ASP A 1296 2.73 -2.95 47.70
CA ASP A 1296 3.08 -4.26 47.13
C ASP A 1296 3.40 -4.15 45.64
N TYR A 1297 2.60 -3.41 44.90
CA TYR A 1297 2.76 -3.14 43.47
C TYR A 1297 3.20 -4.37 42.68
N GLY A 1298 2.31 -5.37 42.66
CA GLY A 1298 2.48 -6.47 41.73
C GLY A 1298 2.21 -5.99 40.30
N LEU A 1299 3.13 -6.33 39.40
CA LEU A 1299 3.00 -5.87 37.99
C LEU A 1299 2.87 -7.07 37.05
N ARG A 1300 1.88 -7.02 36.16
CA ARG A 1300 1.63 -8.07 35.17
C ARG A 1300 1.32 -7.39 33.85
N TYR A 1301 2.14 -7.66 32.84
CA TYR A 1301 2.00 -6.98 31.55
C TYR A 1301 0.68 -7.35 30.89
N ARG A 1302 0.37 -8.64 30.82
CA ARG A 1302 -0.92 -9.13 30.33
C ARG A 1302 -1.42 -10.22 31.27
N GLU A 1303 -2.74 -10.39 31.31
CA GLU A 1303 -3.31 -11.32 32.27
C GLU A 1303 -3.20 -12.75 31.77
N ASP A 1304 -2.00 -13.12 31.32
CA ASP A 1304 -1.76 -14.50 30.82
C ASP A 1304 -0.36 -14.92 31.27
N LEU A 1305 0.40 -14.01 31.87
CA LEU A 1305 1.80 -14.32 32.28
C LEU A 1305 1.93 -14.22 33.80
N ASP A 1306 3.12 -14.51 34.33
CA ASP A 1306 3.37 -14.40 35.76
C ASP A 1306 3.80 -12.98 36.11
N LEU A 1307 3.68 -12.65 37.39
CA LEU A 1307 4.06 -11.33 37.86
C LEU A 1307 5.57 -11.11 37.70
N VAL A 1308 5.95 -9.86 37.46
CA VAL A 1308 7.35 -9.48 37.38
C VAL A 1308 7.78 -8.56 38.51
N LEU A 1309 6.81 -8.07 39.30
CA LEU A 1309 7.12 -7.22 40.48
C LEU A 1309 6.34 -7.81 41.66
N LYS A 1310 6.62 -9.06 42.02
CA LYS A 1310 5.86 -9.75 43.05
C LYS A 1310 6.12 -9.19 44.44
N HIS A 1311 5.15 -8.45 44.98
CA HIS A 1311 5.10 -8.05 46.39
C HIS A 1311 6.38 -7.34 46.83
N ILE A 1312 6.60 -6.18 46.24
CA ILE A 1312 7.72 -5.31 46.61
C ILE A 1312 7.22 -4.28 47.61
N ASN A 1313 8.03 -3.99 48.63
CA ASN A 1313 7.70 -3.01 49.65
C ASN A 1313 8.94 -2.14 49.88
N VAL A 1314 8.95 -0.96 49.27
CA VAL A 1314 10.03 0.00 49.48
C VAL A 1314 9.43 1.28 50.04
N THR A 1315 10.27 2.05 50.71
CA THR A 1315 9.86 3.27 51.42
C THR A 1315 10.83 4.39 51.12
N ILE A 1316 11.08 4.63 49.83
CA ILE A 1316 12.00 5.65 49.37
C ILE A 1316 11.64 7.00 49.98
N ASP A 1317 12.56 7.57 50.75
CA ASP A 1317 12.31 8.82 51.44
C ASP A 1317 12.39 9.99 50.46
N GLY A 1318 12.11 11.20 50.97
CA GLY A 1318 12.13 12.37 50.12
C GLY A 1318 13.55 12.83 49.84
N GLY A 1319 13.84 13.06 48.56
CA GLY A 1319 15.18 13.46 48.17
C GLY A 1319 16.23 12.42 48.48
N GLU A 1320 15.83 11.15 48.35
CA GLU A 1320 16.75 10.03 48.67
C GLU A 1320 17.36 9.48 47.39
N LYS A 1321 18.69 9.43 47.32
CA LYS A 1321 19.40 8.87 46.18
C LYS A 1321 19.34 7.35 46.27
N VAL A 1322 18.38 6.75 45.59
CA VAL A 1322 18.16 5.31 45.62
C VAL A 1322 18.49 4.73 44.25
N GLY A 1323 19.16 3.58 44.25
CA GLY A 1323 19.57 2.96 43.00
C GLY A 1323 19.05 1.54 42.84
N ILE A 1324 18.21 1.32 41.83
CA ILE A 1324 17.59 0.02 41.60
C ILE A 1324 18.55 -0.76 40.69
N VAL A 1325 19.49 -1.45 41.30
CA VAL A 1325 20.47 -2.26 40.57
C VAL A 1325 20.04 -3.71 40.62
N GLY A 1326 20.46 -4.48 39.62
CA GLY A 1326 20.14 -5.89 39.60
C GLY A 1326 20.59 -6.52 38.30
N ARG A 1327 20.28 -7.81 38.18
CA ARG A 1327 20.67 -8.56 36.97
C ARG A 1327 19.77 -8.15 35.81
N THR A 1328 20.25 -8.31 34.59
CA THR A 1328 19.49 -7.98 33.39
C THR A 1328 18.25 -8.86 33.28
N GLY A 1329 17.13 -8.25 32.92
CA GLY A 1329 15.89 -8.98 32.84
C GLY A 1329 15.28 -9.33 34.17
N ALA A 1330 15.55 -8.54 35.20
CA ALA A 1330 15.01 -8.82 36.53
C ALA A 1330 13.74 -8.04 36.84
N GLY A 1331 13.48 -6.93 36.15
CA GLY A 1331 12.29 -6.15 36.41
C GLY A 1331 12.59 -4.75 36.90
N LYS A 1332 13.80 -4.26 36.59
CA LYS A 1332 14.23 -2.92 37.08
C LYS A 1332 13.49 -1.82 36.31
N SER A 1333 13.44 -1.91 34.98
CA SER A 1333 12.71 -0.91 34.19
C SER A 1333 11.21 -1.15 34.24
N SER A 1334 10.77 -2.34 34.64
CA SER A 1334 9.36 -2.53 34.92
C SER A 1334 8.93 -1.67 36.11
N LEU A 1335 9.84 -1.43 37.05
CA LEU A 1335 9.55 -0.49 38.13
C LEU A 1335 9.29 0.91 37.59
N THR A 1336 10.12 1.36 36.65
CA THR A 1336 9.92 2.68 36.06
C THR A 1336 8.62 2.73 35.26
N LEU A 1337 8.35 1.68 34.49
CA LEU A 1337 7.10 1.63 33.73
C LEU A 1337 5.89 1.62 34.65
N GLY A 1338 6.03 1.03 35.84
CA GLY A 1338 4.92 1.06 36.79
C GLY A 1338 4.79 2.35 37.54
N LEU A 1339 5.89 3.09 37.73
CA LEU A 1339 5.83 4.37 38.42
C LEU A 1339 5.02 5.39 37.63
N PHE A 1340 5.15 5.36 36.30
CA PHE A 1340 4.41 6.25 35.42
C PHE A 1340 3.03 5.73 35.07
N ARG A 1341 2.63 4.62 35.69
CA ARG A 1341 1.29 4.01 35.43
C ARG A 1341 1.20 3.59 33.96
N ILE A 1342 2.34 3.47 33.27
CA ILE A 1342 2.34 2.97 31.87
C ILE A 1342 1.68 1.59 31.88
N LYS A 1343 2.14 0.71 32.77
CA LYS A 1343 1.52 -0.63 32.93
C LYS A 1343 0.74 -0.63 34.25
N GLU A 1344 -0.58 -0.80 34.19
CA GLU A 1344 -1.42 -0.72 35.41
C GLU A 1344 -0.98 -1.81 36.40
N SER A 1345 -0.99 -1.49 37.71
CA SER A 1345 -0.57 -2.46 38.74
C SER A 1345 -1.54 -3.64 38.79
N ALA A 1346 -1.04 -4.85 39.07
CA ALA A 1346 -1.92 -6.03 39.21
C ALA A 1346 -2.37 -6.13 40.67
N GLU A 1347 -1.51 -5.74 41.61
CA GLU A 1347 -1.85 -5.81 43.03
C GLU A 1347 -0.91 -4.88 43.79
N GLY A 1348 -1.45 -3.79 44.32
CA GLY A 1348 -0.68 -2.83 45.06
C GLY A 1348 -0.93 -1.41 44.57
N GLU A 1349 -0.23 -0.47 45.20
CA GLU A 1349 -0.38 0.94 44.84
C GLU A 1349 0.89 1.68 45.21
N ILE A 1350 1.06 2.86 44.60
CA ILE A 1350 2.23 3.74 44.91
C ILE A 1350 1.67 5.05 45.45
N ILE A 1351 2.00 5.39 46.71
CA ILE A 1351 1.53 6.60 47.34
C ILE A 1351 2.64 7.64 47.37
N ILE A 1352 2.69 8.48 46.35
CA ILE A 1352 3.70 9.52 46.26
C ILE A 1352 3.19 10.76 46.99
N ASP A 1353 3.86 11.11 48.08
CA ASP A 1353 3.50 12.28 48.89
C ASP A 1353 2.05 12.21 49.36
N ASP A 1354 1.68 11.06 49.91
CA ASP A 1354 0.33 10.81 50.44
C ASP A 1354 -0.74 10.97 49.37
N ILE A 1355 -0.38 10.74 48.11
CA ILE A 1355 -1.31 10.81 47.00
C ILE A 1355 -1.16 9.52 46.20
N ASN A 1356 -2.26 8.76 46.07
CA ASN A 1356 -2.22 7.51 45.27
C ASN A 1356 -2.27 7.87 43.77
N ILE A 1357 -1.30 7.38 43.00
CA ILE A 1357 -1.25 7.69 41.54
C ILE A 1357 -2.39 6.97 40.83
N ALA A 1358 -2.77 5.78 41.31
CA ALA A 1358 -3.91 5.05 40.71
C ALA A 1358 -5.11 5.99 40.61
N LYS A 1359 -5.24 6.92 41.56
CA LYS A 1359 -6.35 7.87 41.56
C LYS A 1359 -6.02 9.14 40.80
N ILE A 1360 -4.74 9.51 40.72
CA ILE A 1360 -4.37 10.76 40.06
C ILE A 1360 -4.56 10.64 38.55
N GLY A 1361 -4.67 11.81 37.90
CA GLY A 1361 -4.74 11.83 36.46
C GLY A 1361 -3.41 11.42 35.83
N LEU A 1362 -3.51 10.89 34.61
CA LEU A 1362 -2.32 10.37 33.94
C LEU A 1362 -1.29 11.45 33.70
N HIS A 1363 -1.69 12.58 33.11
CA HIS A 1363 -0.76 13.69 32.93
C HIS A 1363 -0.37 14.32 34.26
N ASP A 1364 -1.31 14.39 35.20
CA ASP A 1364 -0.97 14.89 36.54
C ASP A 1364 0.13 14.08 37.19
N LEU A 1365 0.39 12.87 36.70
CA LEU A 1365 1.47 12.01 37.17
C LEU A 1365 2.72 12.09 36.30
N ARG A 1366 2.55 11.96 34.98
CA ARG A 1366 3.69 11.89 34.07
C ARG A 1366 4.34 13.24 33.84
N PHE A 1367 3.61 14.33 34.09
CA PHE A 1367 4.17 15.69 33.90
C PHE A 1367 4.97 16.11 35.12
N LYS A 1368 4.93 15.31 36.18
CA LYS A 1368 5.53 15.69 37.45
C LYS A 1368 6.69 14.78 37.79
N ILE A 1369 6.98 13.85 36.91
CA ILE A 1369 8.07 12.85 37.15
C ILE A 1369 8.95 12.77 35.89
N THR A 1370 10.27 12.93 36.06
CA THR A 1370 11.19 12.82 34.93
C THR A 1370 11.69 11.39 34.79
N ILE A 1371 12.06 11.03 33.57
CA ILE A 1371 12.68 9.74 33.30
C ILE A 1371 13.68 9.92 32.16
N ILE A 1372 14.81 9.22 32.27
CA ILE A 1372 15.76 9.09 31.18
C ILE A 1372 15.67 7.65 30.67
N PRO A 1373 15.04 7.41 29.53
CA PRO A 1373 14.72 6.05 29.13
C PRO A 1373 15.96 5.22 28.80
N GLN A 1374 15.78 3.90 28.88
CA GLN A 1374 16.86 2.98 28.52
C GLN A 1374 17.23 3.13 27.05
N ASP A 1375 16.23 3.22 26.17
CA ASP A 1375 16.46 3.33 24.74
C ASP A 1375 16.31 4.78 24.34
N PRO A 1376 17.38 5.48 23.96
CA PRO A 1376 17.26 6.89 23.56
C PRO A 1376 16.73 7.00 22.14
N VAL A 1377 15.55 7.60 22.00
CA VAL A 1377 14.92 7.78 20.70
C VAL A 1377 14.74 9.27 20.45
N LEU A 1378 15.19 9.72 19.29
CA LEU A 1378 15.09 11.12 18.89
C LEU A 1378 14.16 11.20 17.68
N PHE A 1379 13.00 11.82 17.87
CA PHE A 1379 12.05 11.93 16.78
C PHE A 1379 12.58 12.84 15.68
N SER A 1380 12.31 12.46 14.43
CA SER A 1380 12.84 13.20 13.30
C SER A 1380 12.32 14.63 13.30
N GLY A 1381 13.24 15.58 13.15
CA GLY A 1381 12.92 16.98 13.21
C GLY A 1381 14.07 17.76 13.80
N SER A 1382 13.79 19.00 14.18
CA SER A 1382 14.81 19.85 14.75
C SER A 1382 15.27 19.30 16.10
N LEU A 1383 16.54 19.54 16.41
CA LEU A 1383 17.07 19.13 17.72
C LEU A 1383 16.35 19.86 18.84
N ARG A 1384 16.08 21.16 18.65
CA ARG A 1384 15.32 21.91 19.63
C ARG A 1384 13.92 21.34 19.79
N MET A 1385 13.32 20.86 18.71
CA MET A 1385 12.02 20.21 18.81
C MET A 1385 12.12 18.92 19.63
N ASN A 1386 13.20 18.16 19.45
CA ASN A 1386 13.40 16.96 20.25
C ASN A 1386 13.59 17.29 21.72
N LEU A 1387 14.21 18.44 22.03
CA LEU A 1387 14.43 18.79 23.43
C LEU A 1387 13.12 19.24 24.09
N ASP A 1388 12.26 19.93 23.36
CA ASP A 1388 10.94 20.26 23.90
C ASP A 1388 9.95 20.51 22.77
N PRO A 1389 9.16 19.49 22.39
CA PRO A 1389 8.16 19.71 21.33
C PRO A 1389 7.10 20.72 21.71
N PHE A 1390 6.80 20.87 23.00
CA PHE A 1390 5.85 21.90 23.43
C PHE A 1390 6.38 23.31 23.20
N SER A 1391 7.70 23.46 23.09
CA SER A 1391 8.33 24.75 22.82
C SER A 1391 7.95 25.80 23.87
N GLN A 1392 8.03 25.40 25.14
CA GLN A 1392 7.73 26.31 26.23
C GLN A 1392 8.97 26.78 26.97
N TYR A 1393 10.15 26.28 26.61
CA TYR A 1393 11.40 26.75 27.19
C TYR A 1393 12.11 27.68 26.20
N SER A 1394 12.58 28.82 26.71
CA SER A 1394 13.28 29.77 25.87
C SER A 1394 14.59 29.17 25.36
N ASP A 1395 15.04 29.67 24.20
CA ASP A 1395 16.23 29.13 23.57
C ASP A 1395 17.46 29.29 24.46
N GLU A 1396 17.50 30.35 25.27
CA GLU A 1396 18.62 30.54 26.19
C GLU A 1396 18.63 29.42 27.24
N GLU A 1397 17.46 29.09 27.77
CA GLU A 1397 17.37 28.01 28.76
C GLU A 1397 17.73 26.67 28.13
N VAL A 1398 17.32 26.44 26.88
CA VAL A 1398 17.68 25.20 26.19
C VAL A 1398 19.18 25.14 25.96
N TRP A 1399 19.81 26.28 25.66
CA TRP A 1399 21.25 26.32 25.52
C TRP A 1399 21.94 25.98 26.84
N THR A 1400 21.38 26.46 27.96
CA THR A 1400 21.94 26.07 29.25
C THR A 1400 21.77 24.58 29.51
N SER A 1401 20.59 24.03 29.18
CA SER A 1401 20.35 22.61 29.42
C SER A 1401 21.26 21.73 28.56
N LEU A 1402 21.61 22.21 27.37
CA LEU A 1402 22.55 21.47 26.49
C LEU A 1402 23.96 21.58 27.06
N GLU A 1403 24.24 22.66 27.80
CA GLU A 1403 25.58 22.87 28.33
C GLU A 1403 25.86 21.94 29.51
N LEU A 1404 24.87 21.71 30.37
CA LEU A 1404 25.01 20.78 31.47
C LEU A 1404 24.91 19.32 31.03
N ALA A 1405 24.55 19.07 29.78
CA ALA A 1405 24.54 17.73 29.22
C ALA A 1405 25.83 17.39 28.49
N HIS A 1406 26.82 18.28 28.51
CA HIS A 1406 28.08 18.10 27.79
C HIS A 1406 27.84 17.88 26.30
N LEU A 1407 26.84 18.57 25.78
CA LEU A 1407 26.54 18.55 24.36
C LEU A 1407 26.61 19.94 23.72
N LYS A 1408 26.98 20.96 24.50
CA LYS A 1408 27.02 22.32 23.97
C LYS A 1408 28.03 22.44 22.83
N GLY A 1409 29.21 21.84 22.99
CA GLY A 1409 30.21 21.91 21.94
C GLY A 1409 29.76 21.22 20.66
N PHE A 1410 29.15 20.04 20.79
CA PHE A 1410 28.73 19.29 19.61
C PHE A 1410 27.64 20.02 18.85
N VAL A 1411 26.63 20.52 19.58
CA VAL A 1411 25.50 21.25 18.93
C VAL A 1411 26.02 22.58 18.37
N SER A 1412 27.04 23.17 19.01
CA SER A 1412 27.53 24.46 18.57
C SER A 1412 28.40 24.35 17.33
N ALA A 1413 29.19 23.29 17.20
CA ALA A 1413 29.94 23.05 15.97
C ALA A 1413 29.05 22.61 14.82
N LEU A 1414 27.80 22.24 15.09
CA LEU A 1414 26.89 21.86 14.03
C LEU A 1414 26.56 23.07 13.16
N PRO A 1415 26.52 22.91 11.84
CA PRO A 1415 26.23 24.05 10.96
C PRO A 1415 24.88 24.69 11.22
N ASP A 1416 23.87 23.92 11.58
CA ASP A 1416 22.52 24.45 11.80
C ASP A 1416 22.25 24.80 13.26
N LYS A 1417 23.23 24.65 14.14
CA LYS A 1417 23.11 24.99 15.57
C LYS A 1417 21.94 24.20 16.13
N LEU A 1418 21.03 24.82 16.90
CA LEU A 1418 19.96 24.07 17.55
C LEU A 1418 18.89 23.60 16.57
N ASN A 1419 18.79 24.22 15.39
CA ASN A 1419 17.82 23.82 14.38
C ASN A 1419 18.30 22.64 13.55
N HIS A 1420 19.30 21.91 14.01
CA HIS A 1420 19.81 20.76 13.28
C HIS A 1420 18.71 19.70 13.13
N GLU A 1421 18.57 19.18 11.92
CA GLU A 1421 17.52 18.22 11.60
C GLU A 1421 18.01 16.82 11.95
N CYS A 1422 17.38 16.20 12.94
CA CYS A 1422 17.66 14.81 13.29
C CYS A 1422 17.03 13.89 12.26
N ALA A 1423 17.70 12.76 12.03
CA ALA A 1423 17.27 11.81 11.02
C ALA A 1423 16.07 11.01 11.54
N GLU A 1424 15.64 10.02 10.76
CA GLU A 1424 14.49 9.20 11.13
C GLU A 1424 14.86 8.34 12.33
N GLY A 1425 14.29 8.64 13.48
CA GLY A 1425 14.63 7.93 14.70
C GLY A 1425 15.91 8.38 15.36
N GLY A 1426 16.47 9.51 14.95
CA GLY A 1426 17.67 10.02 15.56
C GLY A 1426 18.95 9.36 15.12
N GLU A 1427 18.94 8.63 14.01
CA GLU A 1427 20.15 7.98 13.53
C GLU A 1427 21.21 8.98 13.06
N ASN A 1428 20.86 10.25 12.92
CA ASN A 1428 21.86 11.26 12.57
C ASN A 1428 22.91 11.39 13.66
N LEU A 1429 22.56 11.05 14.90
CA LEU A 1429 23.48 11.14 16.03
C LEU A 1429 23.85 9.74 16.52
N SER A 1430 24.96 9.67 17.24
CA SER A 1430 25.37 8.44 17.89
C SER A 1430 24.50 8.20 19.12
N VAL A 1431 24.43 6.93 19.52
CA VAL A 1431 23.56 6.58 20.65
C VAL A 1431 24.04 7.24 21.93
N GLY A 1432 25.35 7.52 22.04
CA GLY A 1432 25.83 8.33 23.15
C GLY A 1432 25.29 9.74 23.11
N GLN A 1433 25.29 10.35 21.93
CA GLN A 1433 24.72 11.68 21.79
C GLN A 1433 23.20 11.68 21.98
N ARG A 1434 22.53 10.58 21.59
CA ARG A 1434 21.10 10.48 21.87
C ARG A 1434 20.84 10.36 23.36
N GLN A 1435 21.67 9.62 24.09
CA GLN A 1435 21.53 9.57 25.54
C GLN A 1435 21.81 10.93 26.16
N LEU A 1436 22.78 11.67 25.61
CA LEU A 1436 23.03 13.02 26.09
C LEU A 1436 21.85 13.93 25.83
N VAL A 1437 21.18 13.76 24.69
CA VAL A 1437 19.97 14.55 24.40
C VAL A 1437 18.86 14.19 25.38
N CYS A 1438 18.71 12.91 25.71
CA CYS A 1438 17.72 12.51 26.70
C CYS A 1438 18.04 13.12 28.06
N LEU A 1439 19.31 13.13 28.44
CA LEU A 1439 19.70 13.78 29.69
C LEU A 1439 19.43 15.27 29.64
N ALA A 1440 19.66 15.91 28.50
CA ALA A 1440 19.40 17.34 28.36
C ALA A 1440 17.92 17.65 28.51
N ARG A 1441 17.06 16.86 27.88
CA ARG A 1441 15.62 17.10 28.04
C ARG A 1441 15.16 16.78 29.46
N ALA A 1442 15.79 15.80 30.12
CA ALA A 1442 15.49 15.55 31.53
C ALA A 1442 15.87 16.75 32.39
N LEU A 1443 17.02 17.35 32.10
CA LEU A 1443 17.42 18.57 32.81
C LEU A 1443 16.44 19.70 32.52
N LEU A 1444 15.91 19.74 31.29
CA LEU A 1444 14.92 20.75 30.94
C LEU A 1444 13.65 20.60 31.79
N ARG A 1445 13.17 19.37 31.95
CA ARG A 1445 11.98 19.15 32.76
C ARG A 1445 12.25 19.43 34.23
N LYS A 1446 13.12 18.62 34.85
CA LYS A 1446 13.68 18.89 36.17
C LYS A 1446 12.60 19.09 37.24
N THR A 1447 11.85 18.03 37.50
CA THR A 1447 10.92 18.01 38.62
C THR A 1447 11.58 17.33 39.81
N LYS A 1448 10.79 17.02 40.84
CA LYS A 1448 11.31 16.50 42.10
C LYS A 1448 11.41 14.98 42.13
N ILE A 1449 11.09 14.29 41.03
CA ILE A 1449 11.32 12.86 40.91
C ILE A 1449 12.05 12.62 39.60
N LEU A 1450 13.26 12.08 39.68
CA LEU A 1450 14.06 11.76 38.50
C LEU A 1450 14.30 10.26 38.47
N VAL A 1451 13.98 9.64 37.34
CA VAL A 1451 14.22 8.22 37.11
C VAL A 1451 15.31 8.09 36.07
N LEU A 1452 16.40 7.43 36.44
CA LEU A 1452 17.59 7.33 35.61
C LEU A 1452 17.68 5.88 35.12
N ASP A 1453 16.98 5.59 34.02
CA ASP A 1453 16.94 4.20 33.49
C ASP A 1453 18.18 3.97 32.62
N GLU A 1454 19.28 3.54 33.16
CA GLU A 1454 20.54 3.33 32.42
C GLU A 1454 20.86 4.50 31.47
N ALA A 1455 20.98 5.75 31.94
CA ALA A 1455 21.36 6.87 31.05
C ALA A 1455 22.82 6.70 30.65
N THR A 1456 23.68 6.29 31.60
CA THR A 1456 25.09 6.05 31.30
C THR A 1456 25.30 4.60 30.88
N ALA A 1457 24.67 4.24 29.76
CA ALA A 1457 24.74 2.89 29.24
C ALA A 1457 25.66 2.74 28.04
N ALA A 1458 25.70 3.71 27.14
CA ALA A 1458 26.51 3.64 25.94
C ALA A 1458 27.35 4.90 25.78
N VAL A 1459 27.86 5.43 26.88
CA VAL A 1459 28.74 6.58 26.87
C VAL A 1459 30.08 6.18 27.49
N ASP A 1460 31.14 6.85 27.08
CA ASP A 1460 32.46 6.53 27.56
C ASP A 1460 32.58 6.86 29.05
N LEU A 1461 33.67 6.41 29.66
CA LEU A 1461 33.84 6.57 31.10
C LEU A 1461 33.98 8.04 31.48
N GLU A 1462 34.71 8.80 30.66
CA GLU A 1462 34.85 10.26 30.93
C GLU A 1462 33.45 10.89 30.92
N THR A 1463 32.70 10.67 29.84
CA THR A 1463 31.32 11.22 29.72
C THR A 1463 30.45 10.65 30.85
N ASP A 1464 30.55 9.36 31.12
CA ASP A 1464 29.77 8.72 32.21
C ASP A 1464 29.93 9.54 33.48
N ASP A 1465 31.17 9.77 33.93
CA ASP A 1465 31.43 10.50 35.19
C ASP A 1465 30.88 11.93 35.07
N LEU A 1466 31.08 12.57 33.91
CA LEU A 1466 30.56 13.94 33.70
C LEU A 1466 29.04 13.94 33.90
N ILE A 1467 28.34 12.98 33.29
CA ILE A 1467 26.87 12.89 33.43
C ILE A 1467 26.54 12.73 34.92
N GLN A 1468 27.19 11.78 35.59
CA GLN A 1468 26.90 11.51 37.03
C GLN A 1468 27.15 12.78 37.85
N SER A 1469 28.27 13.48 37.58
CA SER A 1469 28.61 14.70 38.36
C SER A 1469 27.49 15.72 38.24
N THR A 1470 27.10 16.08 37.01
CA THR A 1470 26.05 17.11 36.81
C THR A 1470 24.72 16.61 37.40
N ILE A 1471 24.42 15.31 37.24
CA ILE A 1471 23.17 14.74 37.83
C ILE A 1471 23.19 15.01 39.33
N ARG A 1472 24.28 14.66 40.01
CA ARG A 1472 24.39 14.89 41.48
C ARG A 1472 24.25 16.39 41.76
N THR A 1473 24.85 17.23 40.90
CA THR A 1473 24.82 18.70 41.10
C THR A 1473 23.39 19.23 40.90
N GLN A 1474 22.82 19.01 39.71
CA GLN A 1474 21.49 19.55 39.42
C GLN A 1474 20.41 18.83 40.21
N PHE A 1475 20.46 17.51 40.25
CA PHE A 1475 19.48 16.70 40.99
C PHE A 1475 20.07 16.36 42.35
N ASP A 1476 20.08 17.37 43.23
CA ASP A 1476 20.63 17.22 44.57
C ASP A 1476 19.59 17.10 45.66
N ASP A 1477 18.39 17.66 45.46
CA ASP A 1477 17.35 17.65 46.48
C ASP A 1477 16.07 16.96 46.00
N CYS A 1478 16.18 16.08 45.01
CA CYS A 1478 15.02 15.38 44.48
C CYS A 1478 15.27 13.88 44.51
N THR A 1479 14.20 13.13 44.78
CA THR A 1479 14.30 11.67 44.80
C THR A 1479 14.66 11.17 43.41
N VAL A 1480 15.72 10.37 43.33
CA VAL A 1480 16.20 9.81 42.07
C VAL A 1480 16.26 8.30 42.21
N LEU A 1481 15.64 7.61 41.25
CA LEU A 1481 15.63 6.15 41.18
C LEU A 1481 16.49 5.76 39.99
N THR A 1482 17.69 5.25 40.25
CA THR A 1482 18.67 4.98 39.20
C THR A 1482 18.80 3.49 38.97
N ILE A 1483 18.45 3.03 37.79
CA ILE A 1483 18.70 1.67 37.34
C ILE A 1483 19.97 1.69 36.51
N ALA A 1484 20.97 0.91 36.91
CA ALA A 1484 22.23 0.94 36.19
C ALA A 1484 22.96 -0.37 36.39
N HIS A 1485 23.76 -0.74 35.40
CA HIS A 1485 24.66 -1.89 35.50
C HIS A 1485 26.08 -1.48 35.90
N ARG A 1486 26.41 -0.20 35.74
CA ARG A 1486 27.74 0.31 36.16
C ARG A 1486 27.66 0.61 37.66
N LEU A 1487 28.10 -0.33 38.50
CA LEU A 1487 27.98 -0.18 39.94
C LEU A 1487 28.82 0.96 40.49
N ASN A 1488 29.84 1.41 39.75
CA ASN A 1488 30.67 2.51 40.24
C ASN A 1488 29.91 3.83 40.31
N THR A 1489 28.79 3.95 39.59
CA THR A 1489 27.95 5.13 39.67
C THR A 1489 26.95 5.06 40.81
N ILE A 1490 26.80 3.91 41.47
CA ILE A 1490 25.78 3.72 42.48
C ILE A 1490 26.35 3.63 43.90
N MET A 1491 27.67 3.47 44.05
CA MET A 1491 28.24 3.42 45.39
C MET A 1491 28.06 4.72 46.16
N ASP A 1492 27.91 5.84 45.45
CA ASP A 1492 27.63 7.12 46.11
C ASP A 1492 26.18 7.24 46.56
N TYR A 1493 25.30 6.36 46.10
CA TYR A 1493 23.89 6.45 46.44
C TYR A 1493 23.67 6.04 47.89
N THR A 1494 22.68 6.69 48.53
CA THR A 1494 22.41 6.42 49.97
C THR A 1494 22.03 4.96 50.16
N ARG A 1495 21.03 4.47 49.43
CA ARG A 1495 20.59 3.06 49.55
C ARG A 1495 20.34 2.50 48.14
N VAL A 1496 20.37 1.19 47.99
CA VAL A 1496 20.09 0.58 46.70
C VAL A 1496 19.03 -0.50 46.84
N ILE A 1497 18.33 -0.74 45.73
CA ILE A 1497 17.33 -1.79 45.63
C ILE A 1497 17.90 -2.86 44.72
N VAL A 1498 18.15 -4.04 45.28
CA VAL A 1498 18.71 -5.15 44.51
C VAL A 1498 17.56 -6.04 44.04
N LEU A 1499 17.49 -6.27 42.74
CA LEU A 1499 16.43 -7.05 42.12
C LEU A 1499 17.04 -8.25 41.41
N ASP A 1500 16.47 -9.43 41.61
CA ASP A 1500 16.98 -10.66 40.93
C ASP A 1500 15.86 -11.28 40.08
N LYS A 1501 14.71 -11.58 40.71
CA LYS A 1501 13.56 -12.14 39.97
C LYS A 1501 12.30 -11.36 40.36
N GLY A 1502 12.35 -10.02 40.26
CA GLY A 1502 11.20 -9.18 40.64
C GLY A 1502 11.01 -9.14 42.14
N GLU A 1503 12.06 -9.48 42.90
CA GLU A 1503 11.98 -9.47 44.38
C GLU A 1503 13.12 -8.62 44.93
N ILE A 1504 12.82 -7.75 45.91
CA ILE A 1504 13.87 -6.85 46.49
C ILE A 1504 14.65 -7.83 47.36
N GLN A 1505 15.78 -8.35 46.85
CA GLN A 1505 16.63 -9.28 47.64
C GLN A 1505 17.32 -8.48 48.76
N GLU A 1506 18.06 -7.43 48.39
CA GLU A 1506 18.77 -6.58 49.38
C GLU A 1506 18.21 -5.16 49.30
N TRP A 1507 17.83 -4.58 50.45
CA TRP A 1507 17.23 -3.21 50.44
C TRP A 1507 17.87 -2.37 51.56
N GLY A 1508 19.06 -1.83 51.31
CA GLY A 1508 19.71 -0.96 52.29
C GLY A 1508 20.85 -0.19 51.65
N SER A 1509 21.65 0.41 52.52
CA SER A 1509 22.78 1.21 52.05
C SER A 1509 23.80 0.31 51.36
N PRO A 1510 24.47 0.80 50.31
CA PRO A 1510 25.46 -0.05 49.62
C PRO A 1510 26.59 -0.50 50.54
N SER A 1511 27.02 0.34 51.47
CA SER A 1511 28.02 -0.09 52.44
C SER A 1511 27.48 -1.21 53.32
N ASP A 1512 26.23 -1.10 53.77
CA ASP A 1512 25.62 -2.15 54.58
C ASP A 1512 25.50 -3.44 53.79
N LEU A 1513 25.11 -3.35 52.52
CA LEU A 1513 25.02 -4.55 51.69
C LEU A 1513 26.39 -5.18 51.47
N LEU A 1514 27.42 -4.36 51.28
CA LEU A 1514 28.77 -4.88 51.14
C LEU A 1514 29.21 -5.60 52.41
N GLN A 1515 28.85 -5.06 53.58
CA GLN A 1515 29.13 -5.75 54.83
C GLN A 1515 28.36 -7.07 54.90
N GLN A 1516 27.11 -7.08 54.42
CA GLN A 1516 26.31 -8.30 54.47
C GLN A 1516 26.88 -9.42 53.61
N ARG A 1517 27.76 -9.11 52.67
CA ARG A 1517 28.40 -10.10 51.80
C ARG A 1517 27.37 -10.93 51.05
N GLY A 1518 26.39 -10.25 50.46
CA GLY A 1518 25.32 -10.92 49.75
C GLY A 1518 25.44 -10.82 48.24
N LEU A 1519 24.30 -10.66 47.56
CA LEU A 1519 24.32 -10.60 46.10
C LEU A 1519 24.90 -9.28 45.60
N PHE A 1520 24.66 -8.18 46.32
CA PHE A 1520 25.25 -6.91 45.93
C PHE A 1520 26.77 -6.96 46.00
N TYR A 1521 27.30 -7.62 47.03
CA TYR A 1521 28.75 -7.78 47.13
C TYR A 1521 29.30 -8.55 45.94
N SER A 1522 28.61 -9.63 45.54
CA SER A 1522 29.05 -10.38 44.38
C SER A 1522 29.01 -9.53 43.11
N MET A 1523 27.94 -8.76 42.93
CA MET A 1523 27.82 -7.91 41.75
C MET A 1523 28.94 -6.87 41.71
N ALA A 1524 29.25 -6.27 42.85
CA ALA A 1524 30.38 -5.37 42.93
C ALA A 1524 31.69 -6.09 42.65
N LYS A 1525 31.76 -7.39 42.99
CA LYS A 1525 32.97 -8.16 42.69
C LYS A 1525 33.16 -8.34 41.19
N ASP A 1526 32.10 -8.72 40.47
CA ASP A 1526 32.25 -8.79 39.01
C ASP A 1526 32.46 -7.40 38.42
N SER A 1527 31.97 -6.36 39.07
CA SER A 1527 32.22 -5.00 38.59
C SER A 1527 33.63 -4.52 38.90
N GLY A 1528 34.40 -5.27 39.68
CA GLY A 1528 35.77 -4.90 40.00
C GLY A 1528 35.93 -3.83 41.04
N LEU A 1529 34.87 -3.51 41.79
CA LEU A 1529 34.90 -2.45 42.79
C LEU A 1529 35.40 -2.92 44.15
N VAL A 1530 35.69 -4.20 44.30
CA VAL A 1530 36.20 -4.72 45.57
C VAL A 1530 37.40 -5.61 45.33
PG ATP B . 29.10 6.07 20.78
O1G ATP B . 29.25 4.58 20.60
O2G ATP B . 30.09 6.64 21.76
O3G ATP B . 27.67 6.46 21.10
PB ATP B . 30.70 6.64 18.39
O1B ATP B . 30.86 5.22 17.94
O2B ATP B . 31.85 7.34 19.04
O3B ATP B . 29.43 6.74 19.35
PA ATP B . 29.37 7.10 15.83
O1A ATP B . 30.26 6.31 14.94
O2A ATP B . 28.09 6.49 16.25
O3A ATP B . 30.21 7.51 17.14
O5' ATP B . 29.11 8.54 15.19
C5' ATP B . 30.23 9.44 14.98
C4' ATP B . 29.74 10.78 14.51
O4' ATP B . 28.90 10.60 13.34
C3' ATP B . 28.88 11.58 15.51
O3' ATP B . 29.06 12.97 15.33
C2' ATP B . 27.47 11.15 15.12
O2' ATP B . 26.48 12.07 15.53
C1' ATP B . 27.60 11.09 13.60
N9 ATP B . 26.65 10.18 12.97
C8 ATP B . 26.18 9.00 13.46
N7 ATP B . 25.33 8.42 12.65
C5 ATP B . 25.21 9.30 11.58
C6 ATP B . 24.45 9.26 10.39
N6 ATP B . 23.63 8.27 10.08
N1 ATP B . 24.58 10.30 9.54
C2 ATP B . 25.42 11.30 9.87
N3 ATP B . 26.18 11.44 10.95
C4 ATP B . 26.02 10.39 11.77
MG MG C . 28.40 4.10 18.56
PG ATP D . 17.55 -4.54 31.71
O1G ATP D . 18.65 -4.96 32.65
O2G ATP D . 17.80 -5.00 30.29
O3G ATP D . 17.25 -3.06 31.79
PB ATP D . 15.44 -5.21 33.62
O1B ATP D . 15.16 -3.78 33.94
O2B ATP D . 16.15 -6.08 34.60
O3B ATP D . 16.22 -5.28 32.21
PA ATP D . 12.76 -5.32 32.49
O1A ATP D . 13.19 -4.61 31.24
O2A ATP D . 11.93 -4.57 33.48
O3A ATP D . 14.06 -5.90 33.23
O5' ATP D . 12.00 -6.67 32.08
C5' ATP D . 11.68 -7.64 33.12
C4' ATP D . 10.93 -8.80 32.51
O4' ATP D . 9.82 -8.31 31.73
C3' ATP D . 11.74 -9.70 31.57
O3' ATP D . 11.23 -11.03 31.57
C2' ATP D . 11.49 -9.03 30.22
O2' ATP D . 11.70 -9.88 29.11
C1' ATP D . 10.02 -8.62 30.36
N9 ATP D . 9.68 -7.45 29.58
C8 ATP D . 10.50 -6.38 29.27
N7 ATP D . 9.89 -5.47 28.55
C5 ATP D . 8.61 -5.98 28.37
C6 ATP D . 7.48 -5.47 27.68
N6 ATP D . 7.47 -4.32 27.03
N1 ATP D . 6.36 -6.24 27.69
C2 ATP D . 6.39 -7.40 28.36
N3 ATP D . 7.38 -7.96 29.03
C4 ATP D . 8.47 -7.19 29.00
MG MG E . 15.68 -1.87 31.41
#